data_7JU2
# 
_entry.id   7JU2 
# 
_audit_conform.dict_name       mmcif_pdbx.dic 
_audit_conform.dict_version    5.380 
_audit_conform.dict_location   http://mmcif.pdb.org/dictionaries/ascii/mmcif_pdbx.dic 
# 
loop_
_database_2.database_id 
_database_2.database_code 
_database_2.pdbx_database_accession 
_database_2.pdbx_DOI 
PDB   7JU2         pdb_00007ju2 10.2210/pdb7ju2/pdb 
WWPDB D_1000251088 ?            ?                   
# 
_pdbx_database_status.status_code                     REL 
_pdbx_database_status.status_code_sf                  REL 
_pdbx_database_status.status_code_mr                  ? 
_pdbx_database_status.entry_id                        7JU2 
_pdbx_database_status.recvd_initial_deposition_date   2020-08-19 
_pdbx_database_status.SG_entry                        N 
_pdbx_database_status.deposit_site                    RCSB 
_pdbx_database_status.process_site                    RCSB 
_pdbx_database_status.status_code_cs                  ? 
_pdbx_database_status.status_code_nmr_data            ? 
_pdbx_database_status.methods_development_category    ? 
_pdbx_database_status.pdb_format_compatible           Y 
# 
loop_
_audit_author.name 
_audit_author.pdbx_ordinal 
_audit_author.identifier_ORCID 
'Gerak, C.A.N.'  1 0000-0002-5329-9443 
'Kolesnikov, M.' 2 0000-0002-2219-9933 
'Murphy, M.E.P.' 3 0000-0003-2589-0014 
'McIntosh, L.P.' 4 0000-0002-6749-7272 
# 
_citation.abstract                  ? 
_citation.abstract_id_CAS           ? 
_citation.book_id_ISBN              ? 
_citation.book_publisher            ? 
_citation.book_publisher_city       ? 
_citation.book_title                ? 
_citation.coordinate_linkage        ? 
_citation.country                   US 
_citation.database_id_Medline       ? 
_citation.details                   ? 
_citation.id                        primary 
_citation.journal_abbrev            J.Biol.Chem. 
_citation.journal_id_ASTM           JBCHA3 
_citation.journal_id_CSD            0071 
_citation.journal_id_ISSN           1083-351X 
_citation.journal_full              ? 
_citation.journal_issue             ? 
_citation.journal_volume            296 
_citation.language                  ? 
_citation.page_first                100284 
_citation.page_last                 100284 
_citation.title                     'Biophysical characterization of the ETV6 PNT domain polymerization interfaces.' 
_citation.year                      2021 
_citation.database_id_CSD           ? 
_citation.pdbx_database_id_DOI      10.1016/j.jbc.2021.100284 
_citation.pdbx_database_id_PubMed   33450226 
_citation.unpublished_flag          ? 
# 
loop_
_citation_author.citation_id 
_citation_author.name 
_citation_author.ordinal 
_citation_author.identifier_ORCID 
primary 'Gerak, C.A.N.'  1 ? 
primary 'Cho, S.Y.'      2 ? 
primary 'Kolesnikov, M.' 3 ? 
primary 'Okon, M.'       4 ? 
primary 'Murphy, M.E.P.' 5 ? 
primary 'Sessions, R.B.' 6 ? 
primary 'Roberge, M.'    7 ? 
primary 'McIntosh, L.P.' 8 ? 
# 
_cell.angle_alpha                  90.000 
_cell.angle_alpha_esd              ? 
_cell.angle_beta                   90.000 
_cell.angle_beta_esd               ? 
_cell.angle_gamma                  120.000 
_cell.angle_gamma_esd              ? 
_cell.entry_id                     7JU2 
_cell.details                      ? 
_cell.formula_units_Z              ? 
_cell.length_a                     59.860 
_cell.length_a_esd                 ? 
_cell.length_b                     59.860 
_cell.length_b_esd                 ? 
_cell.length_c                     169.380 
_cell.length_c_esd                 ? 
_cell.volume                       525613.105 
_cell.volume_esd                   ? 
_cell.Z_PDB                        24 
_cell.reciprocal_angle_alpha       ? 
_cell.reciprocal_angle_beta        ? 
_cell.reciprocal_angle_gamma       ? 
_cell.reciprocal_angle_alpha_esd   ? 
_cell.reciprocal_angle_beta_esd    ? 
_cell.reciprocal_angle_gamma_esd   ? 
_cell.reciprocal_length_a          ? 
_cell.reciprocal_length_b          ? 
_cell.reciprocal_length_c          ? 
_cell.reciprocal_length_a_esd      ? 
_cell.reciprocal_length_b_esd      ? 
_cell.reciprocal_length_c_esd      ? 
_cell.pdbx_unique_axis             ? 
# 
_symmetry.entry_id                         7JU2 
_symmetry.cell_setting                     ? 
_symmetry.Int_Tables_number                179 
_symmetry.space_group_name_Hall            'P 65 2 (x,y,z+1/12)' 
_symmetry.space_group_name_H-M             'P 65 2 2' 
_symmetry.pdbx_full_space_group_name_H-M   ? 
# 
loop_
_entity.id 
_entity.type 
_entity.src_method 
_entity.pdbx_description 
_entity.formula_weight 
_entity.pdbx_number_of_molecules 
_entity.pdbx_ec 
_entity.pdbx_mutation 
_entity.pdbx_fragment 
_entity.details 
1 polymer     man 'Transcription factor ETV6' 10087.406 2   ? A93D,V112E 'PNT domain' ? 
2 non-polymer syn 'FORMIC ACID'               46.025    2   ? ?          ?            ? 
3 water       nat water                       18.015    105 ? ?          ?            ? 
# 
_entity_name_com.entity_id   1 
_entity_name_com.name        'ETS translocation variant 6,ETS-related protein Tel1,Tel' 
# 
_entity_poly.entity_id                      1 
_entity_poly.type                           'polypeptide(L)' 
_entity_poly.nstd_linkage                   no 
_entity_poly.nstd_monomer                   no 
_entity_poly.pdbx_seq_one_letter_code       
;MEEDSIRLPAHLRLQPIYWSRDDVAQWLKWAENEFSLRPIDSNTFEMNGKDLLLLTKEDFRYRSPHSGDELYELLQHILK
QRK
;
_entity_poly.pdbx_seq_one_letter_code_can   
;MEEDSIRLPAHLRLQPIYWSRDDVAQWLKWAENEFSLRPIDSNTFEMNGKDLLLLTKEDFRYRSPHSGDELYELLQHILK
QRK
;
_entity_poly.pdbx_strand_id                 A,B 
_entity_poly.pdbx_target_identifier         ? 
# 
loop_
_entity_poly_seq.entity_id 
_entity_poly_seq.num 
_entity_poly_seq.mon_id 
_entity_poly_seq.hetero 
1 1  MET n 
1 2  GLU n 
1 3  GLU n 
1 4  ASP n 
1 5  SER n 
1 6  ILE n 
1 7  ARG n 
1 8  LEU n 
1 9  PRO n 
1 10 ALA n 
1 11 HIS n 
1 12 LEU n 
1 13 ARG n 
1 14 LEU n 
1 15 GLN n 
1 16 PRO n 
1 17 ILE n 
1 18 TYR n 
1 19 TRP n 
1 20 SER n 
1 21 ARG n 
1 22 ASP n 
1 23 ASP n 
1 24 VAL n 
1 25 ALA n 
1 26 GLN n 
1 27 TRP n 
1 28 LEU n 
1 29 LYS n 
1 30 TRP n 
1 31 ALA n 
1 32 GLU n 
1 33 ASN n 
1 34 GLU n 
1 35 PHE n 
1 36 SER n 
1 37 LEU n 
1 38 ARG n 
1 39 PRO n 
1 40 ILE n 
1 41 ASP n 
1 42 SER n 
1 43 ASN n 
1 44 THR n 
1 45 PHE n 
1 46 GLU n 
1 47 MET n 
1 48 ASN n 
1 49 GLY n 
1 50 LYS n 
1 51 ASP n 
1 52 LEU n 
1 53 LEU n 
1 54 LEU n 
1 55 LEU n 
1 56 THR n 
1 57 LYS n 
1 58 GLU n 
1 59 ASP n 
1 60 PHE n 
1 61 ARG n 
1 62 TYR n 
1 63 ARG n 
1 64 SER n 
1 65 PRO n 
1 66 HIS n 
1 67 SER n 
1 68 GLY n 
1 69 ASP n 
1 70 GLU n 
1 71 LEU n 
1 72 TYR n 
1 73 GLU n 
1 74 LEU n 
1 75 LEU n 
1 76 GLN n 
1 77 HIS n 
1 78 ILE n 
1 79 LEU n 
1 80 LYS n 
1 81 GLN n 
1 82 ARG n 
1 83 LYS n 
# 
_entity_src_gen.entity_id                          1 
_entity_src_gen.pdbx_src_id                        1 
_entity_src_gen.pdbx_alt_source_flag               sample 
_entity_src_gen.pdbx_seq_type                      'Biological sequence' 
_entity_src_gen.pdbx_beg_seq_num                   1 
_entity_src_gen.pdbx_end_seq_num                   83 
_entity_src_gen.gene_src_common_name               Human 
_entity_src_gen.gene_src_genus                     ? 
_entity_src_gen.pdbx_gene_src_gene                 'ETV6, TEL, TEL1' 
_entity_src_gen.gene_src_species                   ? 
_entity_src_gen.gene_src_strain                    ? 
_entity_src_gen.gene_src_tissue                    ? 
_entity_src_gen.gene_src_tissue_fraction           ? 
_entity_src_gen.gene_src_details                   ? 
_entity_src_gen.pdbx_gene_src_fragment             ? 
_entity_src_gen.pdbx_gene_src_scientific_name      'Homo sapiens' 
_entity_src_gen.pdbx_gene_src_ncbi_taxonomy_id     9606 
_entity_src_gen.pdbx_gene_src_variant              ? 
_entity_src_gen.pdbx_gene_src_cell_line            ? 
_entity_src_gen.pdbx_gene_src_atcc                 ? 
_entity_src_gen.pdbx_gene_src_organ                ? 
_entity_src_gen.pdbx_gene_src_organelle            ? 
_entity_src_gen.pdbx_gene_src_cell                 ? 
_entity_src_gen.pdbx_gene_src_cellular_location    ? 
_entity_src_gen.host_org_common_name               ? 
_entity_src_gen.pdbx_host_org_scientific_name      'Escherichia coli' 
_entity_src_gen.pdbx_host_org_ncbi_taxonomy_id     562 
_entity_src_gen.host_org_genus                     ? 
_entity_src_gen.pdbx_host_org_gene                 ? 
_entity_src_gen.pdbx_host_org_organ                ? 
_entity_src_gen.host_org_species                   ? 
_entity_src_gen.pdbx_host_org_tissue               ? 
_entity_src_gen.pdbx_host_org_tissue_fraction      ? 
_entity_src_gen.pdbx_host_org_strain               ? 
_entity_src_gen.pdbx_host_org_variant              ? 
_entity_src_gen.pdbx_host_org_cell_line            ? 
_entity_src_gen.pdbx_host_org_atcc                 ? 
_entity_src_gen.pdbx_host_org_culture_collection   ? 
_entity_src_gen.pdbx_host_org_cell                 ? 
_entity_src_gen.pdbx_host_org_organelle            ? 
_entity_src_gen.pdbx_host_org_cellular_location    ? 
_entity_src_gen.pdbx_host_org_vector_type          ? 
_entity_src_gen.pdbx_host_org_vector               ? 
_entity_src_gen.host_org_details                   ? 
_entity_src_gen.expression_system_id               ? 
_entity_src_gen.plasmid_name                       ? 
_entity_src_gen.plasmid_details                    ? 
_entity_src_gen.pdbx_description                   ? 
# 
_struct_ref.id                         1 
_struct_ref.db_name                    UNP 
_struct_ref.db_code                    ETV6_HUMAN 
_struct_ref.pdbx_db_accession          P41212 
_struct_ref.pdbx_db_isoform            ? 
_struct_ref.entity_id                  1 
_struct_ref.pdbx_seq_one_letter_code   
;MEEDSIRLPAHLRLQPIYWSRDDVAQWLKWAENEFSLRPIDSNTFEMNGKALLLLTKEDFRYRSPHSGDVLYELLQHILK
QRK
;
_struct_ref.pdbx_align_begin           43 
# 
loop_
_struct_ref_seq.align_id 
_struct_ref_seq.ref_id 
_struct_ref_seq.pdbx_PDB_id_code 
_struct_ref_seq.pdbx_strand_id 
_struct_ref_seq.seq_align_beg 
_struct_ref_seq.pdbx_seq_align_beg_ins_code 
_struct_ref_seq.seq_align_end 
_struct_ref_seq.pdbx_seq_align_end_ins_code 
_struct_ref_seq.pdbx_db_accession 
_struct_ref_seq.db_align_beg 
_struct_ref_seq.pdbx_db_align_beg_ins_code 
_struct_ref_seq.db_align_end 
_struct_ref_seq.pdbx_db_align_end_ins_code 
_struct_ref_seq.pdbx_auth_seq_align_beg 
_struct_ref_seq.pdbx_auth_seq_align_end 
1 1 7JU2 A 1 ? 83 ? P41212 43 ? 125 ? 11 93 
2 1 7JU2 B 1 ? 83 ? P41212 43 ? 125 ? 11 93 
# 
loop_
_struct_ref_seq_dif.align_id 
_struct_ref_seq_dif.pdbx_pdb_id_code 
_struct_ref_seq_dif.mon_id 
_struct_ref_seq_dif.pdbx_pdb_strand_id 
_struct_ref_seq_dif.seq_num 
_struct_ref_seq_dif.pdbx_pdb_ins_code 
_struct_ref_seq_dif.pdbx_seq_db_name 
_struct_ref_seq_dif.pdbx_seq_db_accession_code 
_struct_ref_seq_dif.db_mon_id 
_struct_ref_seq_dif.pdbx_seq_db_seq_num 
_struct_ref_seq_dif.details 
_struct_ref_seq_dif.pdbx_auth_seq_num 
_struct_ref_seq_dif.pdbx_ordinal 
1 7JU2 ASP A 51 ? UNP P41212 ALA 93  'engineered mutation' 61 1 
1 7JU2 GLU A 70 ? UNP P41212 VAL 112 'engineered mutation' 80 2 
2 7JU2 ASP B 51 ? UNP P41212 ALA 93  'engineered mutation' 61 3 
2 7JU2 GLU B 70 ? UNP P41212 VAL 112 'engineered mutation' 80 4 
# 
loop_
_chem_comp.id 
_chem_comp.type 
_chem_comp.mon_nstd_flag 
_chem_comp.name 
_chem_comp.pdbx_synonyms 
_chem_comp.formula 
_chem_comp.formula_weight 
ALA 'L-peptide linking' y ALANINE         ? 'C3 H7 N O2'     89.093  
ARG 'L-peptide linking' y ARGININE        ? 'C6 H15 N4 O2 1' 175.209 
ASN 'L-peptide linking' y ASPARAGINE      ? 'C4 H8 N2 O3'    132.118 
ASP 'L-peptide linking' y 'ASPARTIC ACID' ? 'C4 H7 N O4'     133.103 
FMT non-polymer         . 'FORMIC ACID'   ? 'C H2 O2'        46.025  
GLN 'L-peptide linking' y GLUTAMINE       ? 'C5 H10 N2 O3'   146.144 
GLU 'L-peptide linking' y 'GLUTAMIC ACID' ? 'C5 H9 N O4'     147.129 
GLY 'peptide linking'   y GLYCINE         ? 'C2 H5 N O2'     75.067  
HIS 'L-peptide linking' y HISTIDINE       ? 'C6 H10 N3 O2 1' 156.162 
HOH non-polymer         . WATER           ? 'H2 O'           18.015  
ILE 'L-peptide linking' y ISOLEUCINE      ? 'C6 H13 N O2'    131.173 
LEU 'L-peptide linking' y LEUCINE         ? 'C6 H13 N O2'    131.173 
LYS 'L-peptide linking' y LYSINE          ? 'C6 H15 N2 O2 1' 147.195 
MET 'L-peptide linking' y METHIONINE      ? 'C5 H11 N O2 S'  149.211 
PHE 'L-peptide linking' y PHENYLALANINE   ? 'C9 H11 N O2'    165.189 
PRO 'L-peptide linking' y PROLINE         ? 'C5 H9 N O2'     115.130 
SER 'L-peptide linking' y SERINE          ? 'C3 H7 N O3'     105.093 
THR 'L-peptide linking' y THREONINE       ? 'C4 H9 N O3'     119.119 
TRP 'L-peptide linking' y TRYPTOPHAN      ? 'C11 H12 N2 O2'  204.225 
TYR 'L-peptide linking' y TYROSINE        ? 'C9 H11 N O3'    181.189 
VAL 'L-peptide linking' y VALINE          ? 'C5 H11 N O2'    117.146 
# 
_exptl.absorpt_coefficient_mu     ? 
_exptl.absorpt_correction_T_max   ? 
_exptl.absorpt_correction_T_min   ? 
_exptl.absorpt_correction_type    ? 
_exptl.absorpt_process_details    ? 
_exptl.entry_id                   7JU2 
_exptl.crystals_number            1 
_exptl.details                    ? 
_exptl.method                     'X-RAY DIFFRACTION' 
_exptl.method_details             ? 
# 
_exptl_crystal.colour                      ? 
_exptl_crystal.density_diffrn              ? 
_exptl_crystal.density_Matthews            2.17 
_exptl_crystal.density_method              ? 
_exptl_crystal.density_percent_sol         43.35 
_exptl_crystal.description                 ? 
_exptl_crystal.F_000                       ? 
_exptl_crystal.id                          1 
_exptl_crystal.preparation                 ? 
_exptl_crystal.size_max                    ? 
_exptl_crystal.size_mid                    ? 
_exptl_crystal.size_min                    ? 
_exptl_crystal.size_rad                    ? 
_exptl_crystal.colour_lustre               ? 
_exptl_crystal.colour_modifier             ? 
_exptl_crystal.colour_primary              ? 
_exptl_crystal.density_meas                ? 
_exptl_crystal.density_meas_esd            ? 
_exptl_crystal.density_meas_gt             ? 
_exptl_crystal.density_meas_lt             ? 
_exptl_crystal.density_meas_temp           ? 
_exptl_crystal.density_meas_temp_esd       ? 
_exptl_crystal.density_meas_temp_gt        ? 
_exptl_crystal.density_meas_temp_lt        ? 
_exptl_crystal.pdbx_crystal_image_url      ? 
_exptl_crystal.pdbx_crystal_image_format   ? 
_exptl_crystal.pdbx_mosaicity              ? 
_exptl_crystal.pdbx_mosaicity_esd          ? 
# 
_exptl_crystal_grow.apparatus       ? 
_exptl_crystal_grow.atmosphere      ? 
_exptl_crystal_grow.crystal_id      1 
_exptl_crystal_grow.details         ? 
_exptl_crystal_grow.method          'VAPOR DIFFUSION, SITTING DROP' 
_exptl_crystal_grow.method_ref      ? 
_exptl_crystal_grow.pH              7.0 
_exptl_crystal_grow.pressure        ? 
_exptl_crystal_grow.pressure_esd    ? 
_exptl_crystal_grow.seeding         ? 
_exptl_crystal_grow.seeding_ref     ? 
_exptl_crystal_grow.temp            298.15 
_exptl_crystal_grow.temp_details    'Room Temperature' 
_exptl_crystal_grow.temp_esd        ? 
_exptl_crystal_grow.time            ? 
_exptl_crystal_grow.pdbx_details    '2.8 M Sodium Acetate' 
_exptl_crystal_grow.pdbx_pH_range   ? 
# 
_diffrn.ambient_environment              ? 
_diffrn.ambient_temp                     100 
_diffrn.ambient_temp_details             ? 
_diffrn.ambient_temp_esd                 ? 
_diffrn.crystal_id                       1 
_diffrn.crystal_support                  ? 
_diffrn.crystal_treatment                ? 
_diffrn.details                          ? 
_diffrn.id                               1 
_diffrn.ambient_pressure                 ? 
_diffrn.ambient_pressure_esd             ? 
_diffrn.ambient_pressure_gt              ? 
_diffrn.ambient_pressure_lt              ? 
_diffrn.ambient_temp_gt                  ? 
_diffrn.ambient_temp_lt                  ? 
_diffrn.pdbx_serial_crystal_experiment   N 
# 
_diffrn_detector.details                      ? 
_diffrn_detector.detector                     CCD 
_diffrn_detector.diffrn_id                    1 
_diffrn_detector.type                         'RAYONIX MX300HE' 
_diffrn_detector.area_resol_mean              ? 
_diffrn_detector.dtime                        ? 
_diffrn_detector.pdbx_frames_total            ? 
_diffrn_detector.pdbx_collection_time_total   ? 
_diffrn_detector.pdbx_collection_date         2017-08-31 
_diffrn_detector.pdbx_frequency               ? 
# 
_diffrn_radiation.collimation                      ? 
_diffrn_radiation.diffrn_id                        1 
_diffrn_radiation.filter_edge                      ? 
_diffrn_radiation.inhomogeneity                    ? 
_diffrn_radiation.monochromator                    ? 
_diffrn_radiation.polarisn_norm                    ? 
_diffrn_radiation.polarisn_ratio                   ? 
_diffrn_radiation.probe                            ? 
_diffrn_radiation.type                             ? 
_diffrn_radiation.xray_symbol                      ? 
_diffrn_radiation.wavelength_id                    1 
_diffrn_radiation.pdbx_monochromatic_or_laue_m_l   M 
_diffrn_radiation.pdbx_wavelength_list             ? 
_diffrn_radiation.pdbx_wavelength                  ? 
_diffrn_radiation.pdbx_diffrn_protocol             'SINGLE WAVELENGTH' 
_diffrn_radiation.pdbx_analyzer                    ? 
_diffrn_radiation.pdbx_scattering_type             x-ray 
# 
_diffrn_radiation_wavelength.id           1 
_diffrn_radiation_wavelength.wavelength   0.9795 
_diffrn_radiation_wavelength.wt           1.0 
# 
_diffrn_source.current                     ? 
_diffrn_source.details                     ? 
_diffrn_source.diffrn_id                   1 
_diffrn_source.power                       ? 
_diffrn_source.size                        ? 
_diffrn_source.source                      SYNCHROTRON 
_diffrn_source.target                      ? 
_diffrn_source.type                        'CLSI BEAMLINE 08B1-1' 
_diffrn_source.voltage                     ? 
_diffrn_source.take-off_angle              ? 
_diffrn_source.pdbx_wavelength_list        0.9795 
_diffrn_source.pdbx_wavelength             ? 
_diffrn_source.pdbx_synchrotron_beamline   08B1-1 
_diffrn_source.pdbx_synchrotron_site       CLSI 
# 
_reflns.B_iso_Wilson_estimate            30.232 
_reflns.entry_id                         7JU2 
_reflns.data_reduction_details           ? 
_reflns.data_reduction_method            ? 
_reflns.d_resolution_high                1.850 
_reflns.d_resolution_low                 44.2145476704 
_reflns.details                          ? 
_reflns.limit_h_max                      ? 
_reflns.limit_h_min                      ? 
_reflns.limit_k_max                      ? 
_reflns.limit_k_min                      ? 
_reflns.limit_l_max                      ? 
_reflns.limit_l_min                      ? 
_reflns.number_all                       ? 
_reflns.number_obs                       16167 
_reflns.observed_criterion               ? 
_reflns.observed_criterion_F_max         ? 
_reflns.observed_criterion_F_min         ? 
_reflns.observed_criterion_I_max         ? 
_reflns.observed_criterion_I_min         ? 
_reflns.observed_criterion_sigma_F       ? 
_reflns.observed_criterion_sigma_I       ? 
_reflns.percent_possible_obs             100.000 
_reflns.R_free_details                   ? 
_reflns.Rmerge_F_all                     ? 
_reflns.Rmerge_F_obs                     ? 
_reflns.Friedel_coverage                 ? 
_reflns.number_gt                        ? 
_reflns.threshold_expression             ? 
_reflns.pdbx_redundancy                  22.966 
_reflns.pdbx_Rmerge_I_obs                0.075 
_reflns.pdbx_Rmerge_I_all                ? 
_reflns.pdbx_Rsym_value                  ? 
_reflns.pdbx_netI_over_av_sigmaI         ? 
_reflns.pdbx_netI_over_sigmaI            28.240 
_reflns.pdbx_res_netI_over_av_sigmaI_2   ? 
_reflns.pdbx_res_netI_over_sigmaI_2      ? 
_reflns.pdbx_chi_squared                 1.063 
_reflns.pdbx_scaling_rejects             ? 
_reflns.pdbx_d_res_high_opt              ? 
_reflns.pdbx_d_res_low_opt               ? 
_reflns.pdbx_d_res_opt_method            ? 
_reflns.phase_calculation_details        ? 
_reflns.pdbx_Rrim_I_all                  0.077 
_reflns.pdbx_Rpim_I_all                  ? 
_reflns.pdbx_d_opt                       ? 
_reflns.pdbx_number_measured_all         ? 
_reflns.pdbx_diffrn_id                   1 
_reflns.pdbx_ordinal                     1 
_reflns.pdbx_CC_half                     0.999 
_reflns.pdbx_CC_star                     ? 
_reflns.pdbx_R_split                     ? 
# 
loop_
_reflns_shell.d_res_high 
_reflns_shell.d_res_low 
_reflns_shell.meanI_over_sigI_all 
_reflns_shell.meanI_over_sigI_obs 
_reflns_shell.number_measured_all 
_reflns_shell.number_measured_obs 
_reflns_shell.number_possible 
_reflns_shell.number_unique_all 
_reflns_shell.number_unique_obs 
_reflns_shell.percent_possible_all 
_reflns_shell.percent_possible_obs 
_reflns_shell.Rmerge_F_all 
_reflns_shell.Rmerge_F_obs 
_reflns_shell.Rmerge_I_all 
_reflns_shell.Rmerge_I_obs 
_reflns_shell.meanI_over_sigI_gt 
_reflns_shell.meanI_over_uI_all 
_reflns_shell.meanI_over_uI_gt 
_reflns_shell.number_measured_gt 
_reflns_shell.number_unique_gt 
_reflns_shell.percent_possible_gt 
_reflns_shell.Rmerge_F_gt 
_reflns_shell.Rmerge_I_gt 
_reflns_shell.pdbx_redundancy 
_reflns_shell.pdbx_Rsym_value 
_reflns_shell.pdbx_chi_squared 
_reflns_shell.pdbx_netI_over_sigmaI_all 
_reflns_shell.pdbx_netI_over_sigmaI_obs 
_reflns_shell.pdbx_Rrim_I_all 
_reflns_shell.pdbx_Rpim_I_all 
_reflns_shell.pdbx_rejects 
_reflns_shell.pdbx_ordinal 
_reflns_shell.pdbx_diffrn_id 
_reflns_shell.pdbx_CC_half 
_reflns_shell.pdbx_CC_star 
_reflns_shell.pdbx_R_split 
1.850 1.900         ? 2.790  ? ? ? ? 1150 100.000 ? ? ? ? 1.266 ? ? ? ? ? ? ? ? 23.636 ? ? ? ? 1.293 ? ? 1  1 0.901 ? ? 
1.900 1.950         ? 4.200  ? ? ? ? 1124 99.900  ? ? ? ? 0.878 ? ? ? ? ? ? ? ? 23.591 ? ? ? ? 0.897 ? ? 2  1 0.937 ? ? 
1.950 2.010         ? 5.410  ? ? ? ? 1112 100.000 ? ? ? ? 0.672 ? ? ? ? ? ? ? ? 23.637 ? ? ? ? 0.686 ? ? 3  1 0.956 ? ? 
2.010 2.070         ? 7.220  ? ? ? ? 1077 100.000 ? ? ? ? 0.507 ? ? ? ? ? ? ? ? 23.641 ? ? ? ? 0.518 ? ? 4  1 0.977 ? ? 
2.070 2.140         ? 9.480  ? ? ? ? 1056 100.000 ? ? ? ? 0.400 ? ? ? ? ? ? ? ? 23.493 ? ? ? ? 0.408 ? ? 5  1 0.982 ? ? 
2.140 2.210         ? 12.410 ? ? ? ? 997  100.000 ? ? ? ? 0.295 ? ? ? ? ? ? ? ? 23.659 ? ? ? ? 0.302 ? ? 6  1 0.991 ? ? 
2.210 2.290         ? 15.750 ? ? ? ? 984  100.000 ? ? ? ? 0.239 ? ? ? ? ? ? ? ? 23.308 ? ? ? ? 0.245 ? ? 7  1 0.995 ? ? 
2.290 2.390         ? 19.640 ? ? ? ? 941  100.000 ? ? ? ? 0.187 ? ? ? ? ? ? ? ? 23.542 ? ? ? ? 0.191 ? ? 8  1 0.996 ? ? 
2.390 2.490         ? 23.820 ? ? ? ? 919  100.000 ? ? ? ? 0.152 ? ? ? ? ? ? ? ? 23.258 ? ? ? ? 0.155 ? ? 9  1 0.998 ? ? 
2.490 2.620         ? 27.550 ? ? ? ? 850  100.000 ? ? ? ? 0.128 ? ? ? ? ? ? ? ? 23.354 ? ? ? ? 0.131 ? ? 10 1 0.998 ? ? 
2.620 2.760         ? 32.370 ? ? ? ? 837  100.000 ? ? ? ? 0.107 ? ? ? ? ? ? ? ? 23.151 ? ? ? ? 0.109 ? ? 11 1 0.999 ? ? 
2.760 2.930         ? 38.130 ? ? ? ? 789  100.000 ? ? ? ? 0.085 ? ? ? ? ? ? ? ? 23.037 ? ? ? ? 0.087 ? ? 12 1 0.999 ? ? 
2.930 3.130         ? 47.050 ? ? ? ? 746  100.000 ? ? ? ? 0.067 ? ? ? ? ? ? ? ? 22.863 ? ? ? ? 0.069 ? ? 13 1 0.999 ? ? 
3.130 3.380         ? 56.840 ? ? ? ? 706  100.000 ? ? ? ? 0.054 ? ? ? ? ? ? ? ? 22.412 ? ? ? ? 0.055 ? ? 14 1 0.999 ? ? 
3.380 3.700         ? 63.210 ? ? ? ? 663  100.000 ? ? ? ? 0.045 ? ? ? ? ? ? ? ? 22.134 ? ? ? ? 0.046 ? ? 15 1 1.000 ? ? 
3.700 4.140         ? 71.310 ? ? ? ? 592  100.000 ? ? ? ? 0.036 ? ? ? ? ? ? ? ? 21.856 ? ? ? ? 0.037 ? ? 16 1 0.999 ? ? 
4.140 4.780         ? 74.350 ? ? ? ? 537  100.000 ? ? ? ? 0.035 ? ? ? ? ? ? ? ? 21.439 ? ? ? ? 0.035 ? ? 17 1 1.000 ? ? 
4.780 5.850         ? 70.930 ? ? ? ? 470  100.000 ? ? ? ? 0.034 ? ? ? ? ? ? ? ? 21.164 ? ? ? ? 0.035 ? ? 18 1 1.000 ? ? 
5.850 8.270         ? 69.990 ? ? ? ? 379  100.000 ? ? ? ? 0.033 ? ? ? ? ? ? ? ? 20.227 ? ? ? ? 0.033 ? ? 19 1 1.000 ? ? 
8.270 44.2145476704 ? 70.660 ? ? ? ? 238  99.200  ? ? ? ? 0.033 ? ? ? ? ? ? ? ? 16.647 ? ? ? ? 0.035 ? ? 20 1 0.998 ? ? 
# 
_refine.aniso_B[1][1]                            ? 
_refine.aniso_B[1][2]                            ? 
_refine.aniso_B[1][3]                            ? 
_refine.aniso_B[2][2]                            ? 
_refine.aniso_B[2][3]                            ? 
_refine.aniso_B[3][3]                            ? 
_refine.B_iso_max                                ? 
_refine.B_iso_mean                               33.7731599543 
_refine.B_iso_min                                ? 
_refine.correlation_coeff_Fo_to_Fc               ? 
_refine.correlation_coeff_Fo_to_Fc_free          ? 
_refine.details                                  ? 
_refine.diff_density_max                         ? 
_refine.diff_density_max_esd                     ? 
_refine.diff_density_min                         ? 
_refine.diff_density_min_esd                     ? 
_refine.diff_density_rms                         ? 
_refine.diff_density_rms_esd                     ? 
_refine.entry_id                                 7JU2 
_refine.pdbx_refine_id                           'X-RAY DIFFRACTION' 
_refine.ls_abs_structure_details                 ? 
_refine.ls_abs_structure_Flack                   ? 
_refine.ls_abs_structure_Flack_esd               ? 
_refine.ls_abs_structure_Rogers                  ? 
_refine.ls_abs_structure_Rogers_esd              ? 
_refine.ls_d_res_high                            1.85002183464 
_refine.ls_d_res_low                             44.2145476704 
_refine.ls_extinction_coef                       ? 
_refine.ls_extinction_coef_esd                   ? 
_refine.ls_extinction_expression                 ? 
_refine.ls_extinction_method                     ? 
_refine.ls_goodness_of_fit_all                   ? 
_refine.ls_goodness_of_fit_all_esd               ? 
_refine.ls_goodness_of_fit_obs                   ? 
_refine.ls_goodness_of_fit_obs_esd               ? 
_refine.ls_hydrogen_treatment                    ? 
_refine.ls_matrix_type                           ? 
_refine.ls_number_constraints                    ? 
_refine.ls_number_parameters                     ? 
_refine.ls_number_reflns_all                     ? 
_refine.ls_number_reflns_obs                     16165 
_refine.ls_number_reflns_R_free                  809 
_refine.ls_number_reflns_R_work                  15356 
_refine.ls_number_restraints                     ? 
_refine.ls_percent_reflns_obs                    99.9814448293 
_refine.ls_percent_reflns_R_free                 5.00463965357 
_refine.ls_R_factor_all                          ? 
_refine.ls_R_factor_obs                          0.201380319359 
_refine.ls_R_factor_R_free                       0.233909689005 
_refine.ls_R_factor_R_free_error                 ? 
_refine.ls_R_factor_R_free_error_details         ? 
_refine.ls_R_factor_R_work                       0.199621733223 
_refine.ls_R_Fsqd_factor_obs                     ? 
_refine.ls_R_I_factor_obs                        ? 
_refine.ls_redundancy_reflns_all                 ? 
_refine.ls_redundancy_reflns_obs                 ? 
_refine.ls_restrained_S_all                      ? 
_refine.ls_restrained_S_obs                      ? 
_refine.ls_shift_over_esd_max                    ? 
_refine.ls_shift_over_esd_mean                   ? 
_refine.ls_structure_factor_coef                 ? 
_refine.ls_weighting_details                     ? 
_refine.ls_weighting_scheme                      ? 
_refine.ls_wR_factor_all                         ? 
_refine.ls_wR_factor_obs                         ? 
_refine.ls_wR_factor_R_free                      ? 
_refine.ls_wR_factor_R_work                      ? 
_refine.occupancy_max                            ? 
_refine.occupancy_min                            ? 
_refine.solvent_model_details                    'FLAT BULK SOLVENT MODEL' 
_refine.solvent_model_param_bsol                 ? 
_refine.solvent_model_param_ksol                 ? 
_refine.pdbx_R_complete                          ? 
_refine.ls_R_factor_gt                           ? 
_refine.ls_goodness_of_fit_gt                    ? 
_refine.ls_goodness_of_fit_ref                   ? 
_refine.ls_shift_over_su_max                     ? 
_refine.ls_shift_over_su_max_lt                  ? 
_refine.ls_shift_over_su_mean                    ? 
_refine.ls_shift_over_su_mean_lt                 ? 
_refine.pdbx_ls_sigma_I                          ? 
_refine.pdbx_ls_sigma_F                          1.37855322817 
_refine.pdbx_ls_sigma_Fsqd                       ? 
_refine.pdbx_data_cutoff_high_absF               ? 
_refine.pdbx_data_cutoff_high_rms_absF           ? 
_refine.pdbx_data_cutoff_low_absF                ? 
_refine.pdbx_isotropic_thermal_model             ? 
_refine.pdbx_ls_cross_valid_method               'FREE R-VALUE' 
_refine.pdbx_method_to_determine_struct          'MOLECULAR REPLACEMENT' 
_refine.pdbx_starting_model                      1lky 
_refine.pdbx_stereochemistry_target_values       'GeoStd + Monomer Library + CDL v1.2' 
_refine.pdbx_R_Free_selection_details            ? 
_refine.pdbx_stereochem_target_val_spec_case     ? 
_refine.pdbx_overall_ESU_R                       ? 
_refine.pdbx_overall_ESU_R_Free                  ? 
_refine.pdbx_solvent_vdw_probe_radii             1.11 
_refine.pdbx_solvent_ion_probe_radii             ? 
_refine.pdbx_solvent_shrinkage_radii             0.9 
_refine.pdbx_real_space_R                        ? 
_refine.pdbx_density_correlation                 ? 
_refine.pdbx_pd_number_of_powder_patterns        ? 
_refine.pdbx_pd_number_of_points                 ? 
_refine.pdbx_pd_meas_number_of_points            ? 
_refine.pdbx_pd_proc_ls_prof_R_factor            ? 
_refine.pdbx_pd_proc_ls_prof_wR_factor           ? 
_refine.pdbx_pd_Marquardt_correlation_coeff      ? 
_refine.pdbx_pd_Fsqrd_R_factor                   ? 
_refine.pdbx_pd_ls_matrix_band_width             ? 
_refine.pdbx_overall_phase_error                 23.7786269711 
_refine.pdbx_overall_SU_R_free_Cruickshank_DPI   ? 
_refine.pdbx_overall_SU_R_free_Blow_DPI          ? 
_refine.pdbx_overall_SU_R_Blow_DPI               ? 
_refine.pdbx_TLS_residual_ADP_flag               ? 
_refine.pdbx_diffrn_id                           1 
_refine.overall_SU_B                             ? 
_refine.overall_SU_ML                            0.178347916047 
_refine.overall_SU_R_Cruickshank_DPI             ? 
_refine.overall_SU_R_free                        ? 
_refine.overall_FOM_free_R_set                   ? 
_refine.overall_FOM_work_R_set                   ? 
_refine.pdbx_average_fsc_overall                 ? 
_refine.pdbx_average_fsc_work                    ? 
_refine.pdbx_average_fsc_free                    ? 
# 
_refine_hist.pdbx_refine_id                   'X-RAY DIFFRACTION' 
_refine_hist.cycle_id                         LAST 
_refine_hist.details                          ? 
_refine_hist.d_res_high                       1.85002183464 
_refine_hist.d_res_low                        44.2145476704 
_refine_hist.number_atoms_solvent             105 
_refine_hist.number_atoms_total               1424 
_refine_hist.number_reflns_all                ? 
_refine_hist.number_reflns_obs                ? 
_refine_hist.number_reflns_R_free             ? 
_refine_hist.number_reflns_R_work             ? 
_refine_hist.R_factor_all                     ? 
_refine_hist.R_factor_obs                     ? 
_refine_hist.R_factor_R_free                  ? 
_refine_hist.R_factor_R_work                  ? 
_refine_hist.pdbx_number_residues_total       ? 
_refine_hist.pdbx_B_iso_mean_ligand           ? 
_refine_hist.pdbx_B_iso_mean_solvent          ? 
_refine_hist.pdbx_number_atoms_protein        1313 
_refine_hist.pdbx_number_atoms_nucleic_acid   0 
_refine_hist.pdbx_number_atoms_ligand         6 
_refine_hist.pdbx_number_atoms_lipid          ? 
_refine_hist.pdbx_number_atoms_carb           ? 
_refine_hist.pdbx_pseudo_atom_details         ? 
# 
loop_
_refine_ls_restr.pdbx_refine_id 
_refine_ls_restr.criterion 
_refine_ls_restr.dev_ideal 
_refine_ls_restr.dev_ideal_target 
_refine_ls_restr.number 
_refine_ls_restr.rejects 
_refine_ls_restr.type 
_refine_ls_restr.weight 
_refine_ls_restr.pdbx_restraint_function 
'X-RAY DIFFRACTION' ? 0.00553712784776 ? 1371 ? f_bond_d           ? ? 
'X-RAY DIFFRACTION' ? 0.730679818931   ? 1856 ? f_angle_d          ? ? 
'X-RAY DIFFRACTION' ? 0.0438273535197  ? 192  ? f_chiral_restr     ? ? 
'X-RAY DIFFRACTION' ? 0.00490252957529 ? 238  ? f_plane_restr      ? ? 
'X-RAY DIFFRACTION' ? 10.6213952537    ? 824  ? f_dihedral_angle_d ? ? 
# 
loop_
_refine_ls_shell.pdbx_refine_id 
_refine_ls_shell.d_res_high 
_refine_ls_shell.d_res_low 
_refine_ls_shell.number_reflns_all 
_refine_ls_shell.number_reflns_obs 
_refine_ls_shell.number_reflns_R_free 
_refine_ls_shell.number_reflns_R_work 
_refine_ls_shell.percent_reflns_obs 
_refine_ls_shell.percent_reflns_R_free 
_refine_ls_shell.R_factor_all 
_refine_ls_shell.R_factor_obs 
_refine_ls_shell.R_factor_R_free 
_refine_ls_shell.R_factor_R_free_error 
_refine_ls_shell.R_factor_R_work 
_refine_ls_shell.redundancy_reflns_all 
_refine_ls_shell.redundancy_reflns_obs 
_refine_ls_shell.wR_factor_all 
_refine_ls_shell.wR_factor_obs 
_refine_ls_shell.wR_factor_R_free 
_refine_ls_shell.wR_factor_R_work 
_refine_ls_shell.pdbx_R_complete 
_refine_ls_shell.pdbx_total_number_of_bins_used 
_refine_ls_shell.pdbx_phase_error 
_refine_ls_shell.pdbx_fsc_work 
_refine_ls_shell.pdbx_fsc_free 
'X-RAY DIFFRACTION' 1.85002183464 1.9659        . . 131 2475 99.9616417338 . . . 0.284356552704 . 0.21953391453  . . . . . . . . . 
. . 
'X-RAY DIFFRACTION' 1.9659        2.1177        . . 131 2489 100.0         . . . 0.23602538123  . 0.201467003027 . . . . . . . . . 
. . 
'X-RAY DIFFRACTION' 2.1177        2.3308        . . 132 2513 100.0         . . . 0.230987327897 . 0.205070113614 . . . . . . . . . 
. . 
'X-RAY DIFFRACTION' 2.3308        2.6681        . . 133 2524 100.0         . . . 0.245806284238 . 0.20029345006  . . . . . . . . . 
. . 
'X-RAY DIFFRACTION' 2.6681        3.3613        . . 136 2590 100.0         . . . 0.248630315804 . 0.213610349044 . . . . . . . . . 
. . 
'X-RAY DIFFRACTION' 3.3613        44.2145476704 . . 146 2765 99.9656593407 . . . 0.218688126082 . 0.189193658194 . . . . . . . . . 
. . 
# 
_struct.entry_id                     7JU2 
_struct.title                        'Crystal structure of the monomeric ETV6 PNT domain' 
_struct.pdbx_model_details           ? 
_struct.pdbx_formula_weight          ? 
_struct.pdbx_formula_weight_method   ? 
_struct.pdbx_model_type_details      ? 
_struct.pdbx_CASP_flag               N 
# 
_struct_keywords.entry_id        7JU2 
_struct_keywords.text            'PNT domain, ETS transcription factor, chromosomal translocation, kinase fusion, ONCOPROTEIN' 
_struct_keywords.pdbx_keywords   ONCOPROTEIN 
# 
loop_
_struct_asym.id 
_struct_asym.pdbx_blank_PDB_chainid_flag 
_struct_asym.pdbx_modified 
_struct_asym.entity_id 
_struct_asym.details 
A N N 1 ? 
B N N 1 ? 
C N N 2 ? 
D N N 2 ? 
E N N 3 ? 
F N N 3 ? 
# 
loop_
_struct_conf.conf_type_id 
_struct_conf.id 
_struct_conf.pdbx_PDB_helix_id 
_struct_conf.beg_label_comp_id 
_struct_conf.beg_label_asym_id 
_struct_conf.beg_label_seq_id 
_struct_conf.pdbx_beg_PDB_ins_code 
_struct_conf.end_label_comp_id 
_struct_conf.end_label_asym_id 
_struct_conf.end_label_seq_id 
_struct_conf.pdbx_end_PDB_ins_code 
_struct_conf.beg_auth_comp_id 
_struct_conf.beg_auth_asym_id 
_struct_conf.beg_auth_seq_id 
_struct_conf.end_auth_comp_id 
_struct_conf.end_auth_asym_id 
_struct_conf.end_auth_seq_id 
_struct_conf.pdbx_PDB_helix_class 
_struct_conf.details 
_struct_conf.pdbx_PDB_helix_length 
HELX_P HELX_P1  AA1 PRO A 9  ? LEU A 14 ? PRO A 19 LEU A 24 5 ? 6  
HELX_P HELX_P2  AA2 GLN A 15 ? TRP A 19 ? GLN A 25 TRP A 29 5 ? 5  
HELX_P HELX_P3  AA3 SER A 20 ? PHE A 35 ? SER A 30 PHE A 45 1 ? 16 
HELX_P HELX_P4  AA4 ASP A 41 ? GLU A 46 ? ASP A 51 GLU A 56 5 ? 6  
HELX_P HELX_P5  AA5 ASN A 48 ? LEU A 55 ? ASN A 58 LEU A 65 1 ? 8  
HELX_P HELX_P6  AA6 THR A 56 ? SER A 64 ? THR A 66 SER A 74 1 ? 9  
HELX_P HELX_P7  AA7 SER A 67 ? GLN A 81 ? SER A 77 GLN A 91 1 ? 15 
HELX_P HELX_P8  AA8 PRO B 9  ? ARG B 13 ? PRO B 19 ARG B 23 5 ? 5  
HELX_P HELX_P9  AA9 GLN B 15 ? TRP B 19 ? GLN B 25 TRP B 29 5 ? 5  
HELX_P HELX_P10 AB1 SER B 20 ? SER B 36 ? SER B 30 SER B 46 1 ? 17 
HELX_P HELX_P11 AB2 ASP B 41 ? GLU B 46 ? ASP B 51 GLU B 56 5 ? 6  
HELX_P HELX_P12 AB3 ASN B 48 ? LEU B 53 ? ASN B 58 LEU B 63 1 ? 6  
HELX_P HELX_P13 AB4 THR B 56 ? SER B 64 ? THR B 66 SER B 74 1 ? 9  
HELX_P HELX_P14 AB5 SER B 67 ? GLN B 81 ? SER B 77 GLN B 91 1 ? 15 
# 
_struct_conf_type.id          HELX_P 
_struct_conf_type.criteria    ? 
_struct_conf_type.reference   ? 
# 
loop_
_struct_site.id 
_struct_site.pdbx_evidence_code 
_struct_site.pdbx_auth_asym_id 
_struct_site.pdbx_auth_comp_id 
_struct_site.pdbx_auth_seq_id 
_struct_site.pdbx_auth_ins_code 
_struct_site.pdbx_num_residues 
_struct_site.details 
AC1 Software A FMT 101 ? 3 'binding site for residue FMT A 101' 
AC2 Software B FMT 101 ? 2 'binding site for residue FMT B 101' 
# 
loop_
_struct_site_gen.id 
_struct_site_gen.site_id 
_struct_site_gen.pdbx_num_res 
_struct_site_gen.label_comp_id 
_struct_site_gen.label_asym_id 
_struct_site_gen.label_seq_id 
_struct_site_gen.pdbx_auth_ins_code 
_struct_site_gen.auth_comp_id 
_struct_site_gen.auth_asym_id 
_struct_site_gen.auth_seq_id 
_struct_site_gen.label_atom_id 
_struct_site_gen.label_alt_id 
_struct_site_gen.symmetry 
_struct_site_gen.details 
1 AC1 3 LEU A 53 ? LEU A 63  . ? 1_555 ? 
2 AC1 3 GLN A 76 ? GLN A 86  . ? 1_555 ? 
3 AC1 3 HOH E .  ? HOH A 223 . ? 1_555 ? 
4 AC2 2 HIS A 11 ? HIS A 21  . ? 5_545 ? 
5 AC2 2 ARG B 13 ? ARG B 23  . ? 1_555 ? 
# 
_atom_sites.entry_id                    7JU2 
_atom_sites.Cartn_transf_matrix[1][1]   ? 
_atom_sites.Cartn_transf_matrix[1][2]   ? 
_atom_sites.Cartn_transf_matrix[1][3]   ? 
_atom_sites.Cartn_transf_matrix[2][1]   ? 
_atom_sites.Cartn_transf_matrix[2][2]   ? 
_atom_sites.Cartn_transf_matrix[2][3]   ? 
_atom_sites.Cartn_transf_matrix[3][1]   ? 
_atom_sites.Cartn_transf_matrix[3][2]   ? 
_atom_sites.Cartn_transf_matrix[3][3]   ? 
_atom_sites.Cartn_transf_vector[1]      ? 
_atom_sites.Cartn_transf_vector[2]      ? 
_atom_sites.Cartn_transf_vector[3]      ? 
_atom_sites.fract_transf_matrix[1][1]   -0.01393817 
_atom_sites.fract_transf_matrix[1][2]   -0.00364594 
_atom_sites.fract_transf_matrix[1][3]   0.01282774 
_atom_sites.fract_transf_matrix[2][1]   -0.00625957 
_atom_sites.fract_transf_matrix[2][2]   0.01401336 
_atom_sites.fract_transf_matrix[2][3]   0.01168536 
_atom_sites.fract_transf_matrix[3][1]   -0.00407386 
_atom_sites.fract_transf_matrix[3][2]   0.00151286 
_atom_sites.fract_transf_matrix[3][3]   -0.00399652 
_atom_sites.fract_transf_vector[1]      -0.233626 
_atom_sites.fract_transf_vector[2]      -0.303116 
_atom_sites.fract_transf_vector[3]      0.046428 
_atom_sites.solution_primary            ? 
_atom_sites.solution_secondary          ? 
_atom_sites.solution_hydrogens          ? 
_atom_sites.special_details             ? 
# 
loop_
_atom_type.symbol 
_atom_type.scat_dispersion_real 
_atom_type.scat_dispersion_imag 
_atom_type.scat_Cromer_Mann_a1 
_atom_type.scat_Cromer_Mann_a2 
_atom_type.scat_Cromer_Mann_b1 
_atom_type.scat_Cromer_Mann_b2 
_atom_type.scat_Cromer_Mann_c 
_atom_type.scat_source 
_atom_type.scat_dispersion_source 
C ? ? 3.54356 2.42580 25.62398 1.50364  0.0 
;2-Gaussian fit: Grosse-Kunstleve RW, Sauter NK, Adams PD: Newsletter of the IUCr Commission on Crystallographic Computing 2004, 3, 22-31.
;
? 
H ? ? 0.51345 0.48472 24.73122 6.32584  0.0 
;2-Gaussian fit: Grosse-Kunstleve RW, Sauter NK, Adams PD: Newsletter of the IUCr Commission on Crystallographic Computing 2004, 3, 22-31.
;
? 
N ? ? 4.01032 2.96436 19.97189 1.75589  0.0 
;2-Gaussian fit: Grosse-Kunstleve RW, Sauter NK, Adams PD: Newsletter of the IUCr Commission on Crystallographic Computing 2004, 3, 22-31.
;
? 
O ? ? 4.49882 3.47563 15.80542 1.70748  0.0 
;2-Gaussian fit: Grosse-Kunstleve RW, Sauter NK, Adams PD: Newsletter of the IUCr Commission on Crystallographic Computing 2004, 3, 22-31.
;
? 
S ? ? 9.55732 6.39887 1.23737  29.19336 0.0 
;2-Gaussian fit: Grosse-Kunstleve RW, Sauter NK, Adams PD: Newsletter of the IUCr Commission on Crystallographic Computing 2004, 3, 22-31.
;
? 
# 
loop_
_atom_site.group_PDB 
_atom_site.id 
_atom_site.type_symbol 
_atom_site.label_atom_id 
_atom_site.label_alt_id 
_atom_site.label_comp_id 
_atom_site.label_asym_id 
_atom_site.label_entity_id 
_atom_site.label_seq_id 
_atom_site.pdbx_PDB_ins_code 
_atom_site.Cartn_x 
_atom_site.Cartn_y 
_atom_site.Cartn_z 
_atom_site.occupancy 
_atom_site.B_iso_or_equiv 
_atom_site.pdbx_formal_charge 
_atom_site.auth_seq_id 
_atom_site.auth_comp_id 
_atom_site.auth_asym_id 
_atom_site.auth_atom_id 
_atom_site.pdbx_PDB_model_num 
ATOM   1    N N   . SER A 1 5  ? 23.18033  18.04039  -4.20232  1.000 47.89737 ? 15  SER A N   1 
ATOM   2    C CA  . SER A 1 5  ? 23.09252  16.96300  -3.22119  1.000 45.46488 ? 15  SER A CA  1 
ATOM   3    C C   . SER A 1 5  ? 21.74175  17.01169  -2.52530  1.000 40.11524 ? 15  SER A C   1 
ATOM   4    O O   . SER A 1 5  ? 21.12133  18.07374  -2.43228  1.000 43.32408 ? 15  SER A O   1 
ATOM   5    C CB  . SER A 1 5  ? 24.22430  17.06052  -2.19321  1.000 46.25506 ? 15  SER A CB  1 
ATOM   6    O OG  . SER A 1 5  ? 24.00246  18.12844  -1.28689  1.000 48.60988 ? 15  SER A OG  1 
ATOM   7    N N   . ILE A 1 6  ? 21.27293  15.86006  -2.03158  1.000 39.82655 ? 16  ILE A N   1 
ATOM   8    C CA  . ILE A 1 6  ? 19.93957  15.79769  -1.43912  1.000 35.82313 ? 16  ILE A CA  1 
ATOM   9    C C   . ILE A 1 6  ? 19.94844  16.06749  0.06349   1.000 34.48092 ? 16  ILE A C   1 
ATOM   10   O O   . ILE A 1 6  ? 18.87739  16.09252  0.68658   1.000 29.35559 ? 16  ILE A O   1 
ATOM   11   C CB  . ILE A 1 6  ? 19.27436  14.44082  -1.75494  1.000 32.44603 ? 16  ILE A CB  1 
ATOM   12   C CG1 . ILE A 1 6  ? 20.01902  13.27699  -1.10416  1.000 33.47345 ? 16  ILE A CG1 1 
ATOM   13   C CG2 . ILE A 1 6  ? 19.23386  14.21614  -3.25273  1.000 36.77222 ? 16  ILE A CG2 1 
ATOM   14   C CD1 . ILE A 1 6  ? 19.27633  11.95064  -1.25702  1.000 32.01895 ? 16  ILE A CD1 1 
ATOM   15   N N   . ARG A 1 7  ? 21.11530  16.29647  0.66165   1.000 27.25337 ? 17  ARG A N   1 
ATOM   16   C CA  . ARG A 1 7  ? 21.20787  16.67368  2.07178   1.000 29.62233 ? 17  ARG A CA  1 
ATOM   17   C C   . ARG A 1 7  ? 20.39985  15.72279  2.95216   1.000 26.80749 ? 17  ARG A C   1 
ATOM   18   O O   . ARG A 1 7  ? 19.57324  16.13119  3.77405   1.000 23.45873 ? 17  ARG A O   1 
ATOM   19   C CB  . ARG A 1 7  ? 20.76307  18.11886  2.27839   1.000 32.16858 ? 17  ARG A CB  1 
ATOM   20   C CG  . ARG A 1 7  ? 21.56954  19.13216  1.48049   1.000 33.91105 ? 17  ARG A CG  1 
ATOM   21   C CD  . ARG A 1 7  ? 20.76356  20.40813  1.29478   1.000 43.75575 ? 17  ARG A CD  1 
ATOM   22   N NE  . ARG A 1 7  ? 20.97843  21.34594  2.38713   1.000 49.51985 ? 17  ARG A NE  1 
ATOM   23   C CZ  . ARG A 1 7  ? 20.08416  22.24654  2.77956   1.000 51.77591 ? 17  ARG A CZ  1 
ATOM   24   N NH1 . ARG A 1 7  ? 18.90361  22.31324  2.17538   1.000 52.77524 ? 17  ARG A NH1 1 
ATOM   25   N NH2 . ARG A 1 7  ? 20.36692  23.07200  3.78163   1.000 60.51591 ? 17  ARG A NH2 1 
ATOM   26   N N   . LEU A 1 8  ? 20.65564  14.44183  2.79028   1.000 28.04902 ? 18  LEU A N   1 
ATOM   27   C CA  . LEU A 1 8  ? 19.92270  13.44950  3.56875   1.000 27.18583 ? 18  LEU A CA  1 
ATOM   28   C C   . LEU A 1 8  ? 20.37956  13.48347  5.02502   1.000 24.37644 ? 18  LEU A C   1 
ATOM   29   O O   . LEU A 1 8  ? 21.58930  13.48536  5.29154   1.000 26.77783 ? 18  LEU A O   1 
ATOM   30   C CB  . LEU A 1 8  ? 20.14310  12.06571  2.96359   1.000 25.90288 ? 18  LEU A CB  1 
ATOM   31   C CG  . LEU A 1 8  ? 19.22601  10.92743  3.38606   1.000 24.73023 ? 18  LEU A CG  1 
ATOM   32   C CD1 . LEU A 1 8  ? 17.79454  11.17667  2.92338   1.000 27.18520 ? 18  LEU A CD1 1 
ATOM   33   C CD2 . LEU A 1 8  ? 19.75094  9.62784   2.79156   1.000 25.90276 ? 18  LEU A CD2 1 
ATOM   34   N N   . PRO A 1 9  ? 19.46004  13.50788  5.99134   1.000 25.05554 ? 19  PRO A N   1 
ATOM   35   C CA  . PRO A 1 9  ? 19.86775  13.48867  7.40524   1.000 24.41674 ? 19  PRO A CA  1 
ATOM   36   C C   . PRO A 1 9  ? 20.78767  12.31520  7.72927   1.000 22.24207 ? 19  PRO A C   1 
ATOM   37   O O   . PRO A 1 9  ? 20.63910  11.20920  7.21020   1.000 22.46866 ? 19  PRO A O   1 
ATOM   38   C CB  . PRO A 1 9  ? 18.53522  13.37565  8.15540   1.000 26.24173 ? 19  PRO A CB  1 
ATOM   39   C CG  . PRO A 1 9  ? 17.54392  14.04894  7.22146   1.000 25.68061 ? 19  PRO A CG  1 
ATOM   40   C CD  . PRO A 1 9  ? 18.00472  13.67125  5.82742   1.000 25.55330 ? 19  PRO A CD  1 
ATOM   41   N N   . ALA A 1 10 ? 21.73073  12.55764  8.63917   1.000 23.59252 ? 20  ALA A N   1 
ATOM   42   C CA  . ALA A 1 10 ? 22.75563  11.55465  8.91432   1.000 22.10148 ? 20  ALA A CA  1 
ATOM   43   C C   . ALA A 1 10 ? 22.15246  10.20194  9.28974   1.000 23.40536 ? 20  ALA A C   1 
ATOM   44   O O   . ALA A 1 10 ? 22.61891  9.15817   8.82934   1.000 23.40415 ? 20  ALA A O   1 
ATOM   45   C CB  . ALA A 1 10 ? 23.68960  12.06158  10.02525  1.000 25.71428 ? 20  ALA A CB  1 
ATOM   46   N N   . HIS A 1 11 ? 21.12945  10.19184  10.14783  1.000 25.04478 ? 21  HIS A N   1 
ATOM   47   C CA  A HIS A 1 11 ? 20.57989  8.91426   10.58273  0.564 26.55549 ? 21  HIS A CA  1 
ATOM   48   C CA  B HIS A 1 11 ? 20.53456  8.93223   10.58763  0.436 25.44976 ? 21  HIS A CA  1 
ATOM   49   C C   . HIS A 1 11 ? 19.91277  8.16001   9.43237   1.000 29.75490 ? 21  HIS A C   1 
ATOM   50   O O   . HIS A 1 11 ? 19.86349  6.92316   9.45526   1.000 29.55325 ? 21  HIS A O   1 
ATOM   51   C CB  A HIS A 1 11 ? 19.61642  9.14076   11.75322  0.564 30.23518 ? 21  HIS A CB  1 
ATOM   52   C CB  B HIS A 1 11 ? 19.48270  9.20634   11.65994  0.436 30.38069 ? 21  HIS A CB  1 
ATOM   53   C CG  A HIS A 1 11 ? 18.68730  10.29892  11.55379  0.564 29.88058 ? 21  HIS A CG  1 
ATOM   54   C CG  B HIS A 1 11 ? 19.91354  8.82620   13.03553  0.436 30.70427 ? 21  HIS A CG  1 
ATOM   55   N ND1 A HIS A 1 11 ? 19.13430  11.59994  11.46246  0.564 28.62067 ? 21  HIS A ND1 1 
ATOM   56   N ND1 B HIS A 1 11 ? 20.81591  7.81387   13.27568  0.436 31.51356 ? 21  HIS A ND1 1 
ATOM   57   C CD2 A HIS A 1 11 ? 17.33994  10.35128  11.41565  0.564 33.29389 ? 21  HIS A CD2 1 
ATOM   58   C CD2 B HIS A 1 11 ? 19.57340  9.32491   14.24705  0.436 34.55106 ? 21  HIS A CD2 1 
ATOM   59   C CE1 A HIS A 1 11 ? 18.10142  12.40246  11.28130  0.564 33.55609 ? 21  HIS A CE1 1 
ATOM   60   C CE1 B HIS A 1 11 ? 21.00863  7.70215   14.57652  0.436 31.51400 ? 21  HIS A CE1 1 
ATOM   61   N NE2 A HIS A 1 11 ? 17.00177  11.67124  11.24452  0.564 23.62362 ? 21  HIS A NE2 1 
ATOM   62   N NE2 B HIS A 1 11 ? 20.27164  8.61031   15.18798  0.436 32.86306 ? 21  HIS A NE2 1 
ATOM   63   N N   . LEU A 1 12 ? 19.43105  8.86683   8.40368   1.000 23.57827 ? 22  LEU A N   1 
ATOM   64   C CA  . LEU A 1 12 ? 18.80055  8.22383   7.25186   1.000 21.66412 ? 22  LEU A CA  1 
ATOM   65   C C   . LEU A 1 12 ? 19.79813  7.69049   6.23005   1.000 22.37211 ? 22  LEU A C   1 
ATOM   66   O O   . LEU A 1 12 ? 19.38364  7.17480   5.17885   1.000 22.54674 ? 22  LEU A O   1 
ATOM   67   C CB  . LEU A 1 12 ? 17.85059  9.21442   6.56708   1.000 20.96315 ? 22  LEU A CB  1 
ATOM   68   C CG  . LEU A 1 12 ? 16.66822  9.58531   7.45466   1.000 24.86311 ? 22  LEU A CG  1 
ATOM   69   C CD1 . LEU A 1 12 ? 15.71217  10.49561  6.68088   1.000 23.16854 ? 22  LEU A CD1 1 
ATOM   70   C CD2 . LEU A 1 12 ? 15.95750  8.32900   7.89573   1.000 24.41236 ? 22  LEU A CD2 1 
ATOM   71   N N   . ARG A 1 13 ? 21.09500  7.79909   6.50531   1.000 20.17874 ? 23  ARG A N   1 
ATOM   72   C CA  . ARG A 1 13 ? 22.09172  7.29001   5.57563   1.000 20.58277 ? 23  ARG A CA  1 
ATOM   73   C C   . ARG A 1 13 ? 22.33769  5.79556   5.73216   1.000 20.81187 ? 23  ARG A C   1 
ATOM   74   O O   . ARG A 1 13 ? 23.00654  5.20118   4.88070   1.000 22.52939 ? 23  ARG A O   1 
ATOM   75   C CB  . ARG A 1 13 ? 23.37908  8.09830   5.74376   1.000 22.24266 ? 23  ARG A CB  1 
ATOM   76   C CG  . ARG A 1 13 ? 23.15462  9.53275   5.28157   1.000 23.08304 ? 23  ARG A CG  1 
ATOM   77   C CD  . ARG A 1 13 ? 24.38904  10.40643  5.34658   1.000 22.13385 ? 23  ARG A CD  1 
ATOM   78   N NE  . ARG A 1 13 ? 24.01638  11.78511  5.03883   1.000 23.84569 ? 23  ARG A NE  1 
ATOM   79   C CZ  . ARG A 1 13 ? 24.86918  12.75025  4.72571   1.000 28.92051 ? 23  ARG A CZ  1 
ATOM   80   N NH1 . ARG A 1 13 ? 26.17327  12.50008  4.64700   1.000 28.73170 ? 23  ARG A NH1 1 
ATOM   81   N NH2 . ARG A 1 13 ? 24.41172  13.97094  4.49150   1.000 24.82327 ? 23  ARG A NH2 1 
ATOM   82   N N   . LEU A 1 14 ? 21.78469  5.17006   6.76856   1.000 21.76259 ? 24  LEU A N   1 
ATOM   83   C CA  . LEU A 1 14 ? 21.69684  3.71965   6.76466   1.000 19.82997 ? 24  LEU A CA  1 
ATOM   84   C C   . LEU A 1 14 ? 20.83709  3.24481   5.59895   1.000 21.27375 ? 24  LEU A C   1 
ATOM   85   O O   . LEU A 1 14 ? 19.94531  3.95593   5.12568   1.000 23.59219 ? 24  LEU A O   1 
ATOM   86   C CB  . LEU A 1 14 ? 21.10548  3.21938   8.07739   1.000 22.59463 ? 24  LEU A CB  1 
ATOM   87   C CG  . LEU A 1 14 ? 22.17797  2.99483   9.14559   1.000 26.75623 ? 24  LEU A CG  1 
ATOM   88   C CD1 . LEU A 1 14 ? 22.54237  4.34735   9.76710   1.000 26.52849 ? 24  LEU A CD1 1 
ATOM   89   C CD2 . LEU A 1 14 ? 21.71194  2.00391   10.18119  1.000 30.68695 ? 24  LEU A CD2 1 
ATOM   90   N N   . GLN A 1 15 ? 21.11586  2.03089   5.12086   1.000 19.96572 ? 25  GLN A N   1 
ATOM   91   C CA  . GLN A 1 15 ? 20.23932  1.43444   4.12472   1.000 15.97401 ? 25  GLN A CA  1 
ATOM   92   C C   . GLN A 1 15 ? 18.80550  1.40921   4.64659   1.000 21.40044 ? 25  GLN A C   1 
ATOM   93   O O   . GLN A 1 15 ? 18.58155  1.12751   5.82766   1.000 21.08058 ? 25  GLN A O   1 
ATOM   94   C CB  . GLN A 1 15 ? 20.69558  0.01918   3.78882   1.000 20.35908 ? 25  GLN A CB  1 
ATOM   95   C CG  . GLN A 1 15 ? 22.09717  0.00869   3.22253   1.000 22.41743 ? 25  GLN A CG  1 
ATOM   96   C CD  . GLN A 1 15 ? 22.71525  -1.36032  3.25304   1.000 23.22344 ? 25  GLN A CD  1 
ATOM   97   O OE1 . GLN A 1 15 ? 22.03019  -2.36958  3.05491   1.000 24.54086 ? 25  GLN A OE1 1 
ATOM   98   N NE2 . GLN A 1 15 ? 24.03337  -1.40787  3.47038   1.000 23.30004 ? 25  GLN A NE2 1 
ATOM   99   N N   . PRO A 1 16 ? 17.81425  1.69594   3.79535   1.000 20.28260 ? 26  PRO A N   1 
ATOM   100  C CA  . PRO A 1 16 ? 16.43566  1.83160   4.30341   1.000 19.33717 ? 26  PRO A CA  1 
ATOM   101  C C   . PRO A 1 16 ? 15.86035  0.55004   4.88721   1.000 19.55500 ? 26  PRO A C   1 
ATOM   102  O O   . PRO A 1 16 ? 14.92979  0.61782   5.69479   1.000 19.23898 ? 26  PRO A O   1 
ATOM   103  C CB  . PRO A 1 16 ? 15.63822  2.29148   3.06177   1.000 20.03264 ? 26  PRO A CB  1 
ATOM   104  C CG  . PRO A 1 16 ? 16.50242  1.96663   1.89182   1.000 24.82162 ? 26  PRO A CG  1 
ATOM   105  C CD  . PRO A 1 16 ? 17.93679  2.10445   2.38935   1.000 21.39771 ? 26  PRO A CD  1 
ATOM   106  N N   . ILE A 1 17 ? 16.39402  -0.62354  4.54573   1.000 21.21437 ? 27  ILE A N   1 
ATOM   107  C CA  . ILE A 1 17 ? 15.94103  -1.83637  5.22741   1.000 22.20269 ? 27  ILE A CA  1 
ATOM   108  C C   . ILE A 1 17 ? 16.10250  -1.73337  6.74415   1.000 24.58911 ? 27  ILE A C   1 
ATOM   109  O O   . ILE A 1 17 ? 15.40648  -2.43280  7.49487   1.000 24.94156 ? 27  ILE A O   1 
ATOM   110  C CB  . ILE A 1 17 ? 16.70608  -3.05637  4.68428   1.000 25.98433 ? 27  ILE A CB  1 
ATOM   111  C CG1 . ILE A 1 17 ? 16.04475  -4.35025  5.14537   1.000 35.88871 ? 27  ILE A CG1 1 
ATOM   112  C CG2 . ILE A 1 17 ? 18.16104  -3.00416  5.14219   1.000 20.47745 ? 27  ILE A CG2 1 
ATOM   113  C CD1 . ILE A 1 17 ? 14.73493  -4.62599  4.44465   1.000 47.33591 ? 27  ILE A CD1 1 
ATOM   114  N N   . TYR A 1 18 ? 17.00554  -0.87256  7.21862   1.000 21.73610 ? 28  TYR A N   1 
ATOM   115  C CA  . TYR A 1 18 ? 17.26523  -0.71160  8.64597   1.000 22.55994 ? 28  TYR A CA  1 
ATOM   116  C C   . TYR A 1 18 ? 16.49304  0.43547   9.27899   1.000 24.62370 ? 28  TYR A C   1 
ATOM   117  O O   . TYR A 1 18 ? 16.57780  0.62723   10.49844  1.000 21.66676 ? 28  TYR A O   1 
ATOM   118  C CB  . TYR A 1 18 ? 18.76252  -0.48959  8.88512   1.000 23.43150 ? 28  TYR A CB  1 
ATOM   119  C CG  . TYR A 1 18 ? 19.61500  -1.62621  8.37970   1.000 24.77846 ? 28  TYR A CG  1 
ATOM   120  C CD1 . TYR A 1 18 ? 19.52519  -2.88952  8.95332   1.000 27.43883 ? 28  TYR A CD1 1 
ATOM   121  C CD2 . TYR A 1 18 ? 20.51300  -1.43674  7.33437   1.000 22.87199 ? 28  TYR A CD2 1 
ATOM   122  C CE1 . TYR A 1 18 ? 20.31199  -3.94580  8.49936   1.000 28.74296 ? 28  TYR A CE1 1 
ATOM   123  C CE2 . TYR A 1 18 ? 21.30254  -2.49009  6.86802   1.000 24.60882 ? 28  TYR A CE2 1 
ATOM   124  C CZ  . TYR A 1 18 ? 21.19432  -3.73867  7.45869   1.000 25.59023 ? 28  TYR A CZ  1 
ATOM   125  O OH  . TYR A 1 18 ? 21.97205  -4.77856  7.00141   1.000 28.18568 ? 28  TYR A OH  1 
ATOM   126  N N   . TRP A 1 19 ? 15.76450  1.22339   8.49602   1.000 22.03596 ? 29  TRP A N   1 
ATOM   127  C CA  . TRP A 1 19 ? 15.07481  2.36771   9.07306   1.000 18.39333 ? 29  TRP A CA  1 
ATOM   128  C C   . TRP A 1 19 ? 13.98913  1.92534   10.04281  1.000 20.33560 ? 29  TRP A C   1 
ATOM   129  O O   . TRP A 1 19 ? 13.22439  1.00044   9.75815   1.000 22.67572 ? 29  TRP A O   1 
ATOM   130  C CB  . TRP A 1 19 ? 14.43578  3.22326   7.97489   1.000 20.12857 ? 29  TRP A CB  1 
ATOM   131  C CG  . TRP A 1 19 ? 15.41445  3.94643   7.10219   1.000 17.92572 ? 29  TRP A CG  1 
ATOM   132  C CD1 . TRP A 1 19 ? 16.77732  3.97373   7.21471   1.000 21.09794 ? 29  TRP A CD1 1 
ATOM   133  C CD2 . TRP A 1 19 ? 15.08501  4.75866   5.98012   1.000 18.99340 ? 29  TRP A CD2 1 
ATOM   134  N NE1 . TRP A 1 19 ? 17.31796  4.75580   6.21476   1.000 21.45952 ? 29  TRP A NE1 1 
ATOM   135  C CE2 . TRP A 1 19 ? 16.29527  5.24563   5.44214   1.000 20.80109 ? 29  TRP A CE2 1 
ATOM   136  C CE3 . TRP A 1 19 ? 13.87870  5.10709   5.36428   1.000 19.93576 ? 29  TRP A CE3 1 
ATOM   137  C CZ2 . TRP A 1 19 ? 16.33236  6.07324   4.32029   1.000 22.84749 ? 29  TRP A CZ2 1 
ATOM   138  C CZ3 . TRP A 1 19 ? 13.91310  5.92291   4.25691   1.000 20.88131 ? 29  TRP A CZ3 1 
ATOM   139  C CH2 . TRP A 1 19 ? 15.13386  6.40199   3.74136   1.000 21.45076 ? 29  TRP A CH2 1 
ATOM   140  N N   . SER A 1 20 ? 13.90675  2.61978   11.17998  1.000 22.61033 ? 30  SER A N   1 
ATOM   141  C CA  . SER A 1 20 ? 12.84370  2.42580   12.15568  1.000 21.80677 ? 30  SER A CA  1 
ATOM   142  C C   . SER A 1 20 ? 11.60866  3.22141   11.75355  1.000 25.41394 ? 30  SER A C   1 
ATOM   143  O O   . SER A 1 20 ? 11.61474  3.98327   10.78265  1.000 21.36948 ? 30  SER A O   1 
ATOM   144  C CB  . SER A 1 20 ? 13.29379  2.87773   13.53970  1.000 24.69379 ? 30  SER A CB  1 
ATOM   145  O OG  . SER A 1 20 ? 13.54122  4.27953   13.51698  1.000 22.14148 ? 30  SER A OG  1 
ATOM   146  N N   . ARG A 1 21 ? 10.53863  3.05921   12.53694  1.000 25.77611 ? 31  ARG A N   1 
ATOM   147  C CA  . ARG A 1 21 ? 9.35064   3.88934   12.34913  1.000 23.89599 ? 31  ARG A CA  1 
ATOM   148  C C   . ARG A 1 21 ? 9.67872   5.36015   12.54354  1.000 25.41141 ? 31  ARG A C   1 
ATOM   149  O O   . ARG A 1 21 ? 9.17321   6.21806   11.80682  1.000 25.15753 ? 31  ARG A O   1 
ATOM   150  C CB  . ARG A 1 21 ? 8.24686   3.45885   13.31966  1.000 26.33619 ? 31  ARG A CB  1 
ATOM   151  C CG  . ARG A 1 21 ? 7.65158   2.08998   13.01671  1.000 35.35519 ? 31  ARG A CG  1 
ATOM   152  C CD  . ARG A 1 21 ? 6.34100   1.87988   13.76873  1.000 39.49050 ? 31  ARG A CD  1 
ATOM   153  N NE  . ARG A 1 21 ? 5.62412   0.70233   13.28799  1.000 47.80218 ? 31  ARG A NE  1 
ATOM   154  C CZ  . ARG A 1 21 ? 4.31242   0.52411   13.41311  1.000 51.03798 ? 31  ARG A CZ  1 
ATOM   155  N NH1 . ARG A 1 21 ? 3.56898   1.45472   13.99939  1.000 52.67014 ? 31  ARG A NH1 1 
ATOM   156  N NH2 . ARG A 1 21 ? 3.74241   -0.58130  12.94461  1.000 59.52591 ? 31  ARG A NH2 1 
ATOM   157  N N   . ASP A 1 22 ? 10.51693  5.67192   13.54346  1.000 26.12890 ? 32  ASP A N   1 
ATOM   158  C CA  . ASP A 1 22 ? 10.97394  7.04414   13.74750  1.000 25.95970 ? 32  ASP A CA  1 
ATOM   159  C C   . ASP A 1 22 ? 11.76705  7.54073   12.54614  1.000 24.66958 ? 32  ASP A C   1 
ATOM   160  O O   . ASP A 1 22 ? 11.58542  8.68242   12.10837  1.000 22.54879 ? 32  ASP A O   1 
ATOM   161  C CB  . ASP A 1 22 ? 11.83704  7.14908   15.00994  1.000 29.74878 ? 32  ASP A CB  1 
ATOM   162  C CG  . ASP A 1 22 ? 11.03571  7.04250   16.29352  1.000 33.86859 ? 32  ASP A CG  1 
ATOM   163  O OD1 . ASP A 1 22 ? 9.79873   7.13543   16.25213  1.000 32.11437 ? 32  ASP A OD1 1 
ATOM   164  O OD2 . ASP A 1 22 ? 11.66468  6.86278   17.35653  1.000 36.22606 ? 32  ASP A OD2 1 
ATOM   165  N N   . ASP A 1 23 ? 12.65537  6.70069   12.00025  1.000 20.30427 ? 33  ASP A N   1 
ATOM   166  C CA  . ASP A 1 23 ? 13.39644  7.08104   10.79364  1.000 20.91553 ? 33  ASP A CA  1 
ATOM   167  C C   . ASP A 1 23 ? 12.45738  7.42729   9.64001   1.000 19.24275 ? 33  ASP A C   1 
ATOM   168  O O   . ASP A 1 23 ? 12.67407  8.41355   8.92347   1.000 18.30803 ? 33  ASP A O   1 
ATOM   169  C CB  . ASP A 1 23 ? 14.32764  5.95336   10.35610  1.000 21.24422 ? 33  ASP A CB  1 
ATOM   170  C CG  . ASP A 1 23 ? 15.53610  5.79008   11.27110  1.000 26.86987 ? 33  ASP A CG  1 
ATOM   171  O OD1 . ASP A 1 23 ? 16.04244  6.79975   11.80856  1.000 25.64105 ? 33  ASP A OD1 1 
ATOM   172  O OD2 . ASP A 1 23 ? 15.98487  4.64206   11.43157  1.000 22.51320 ? 33  ASP A OD2 1 
ATOM   173  N N   . VAL A 1 24 ? 11.44658  6.58907   9.39865   1.000 18.34881 ? 34  VAL A N   1 
ATOM   174  C CA  . VAL A 1 24 ? 10.52096  6.86283   8.29560   1.000 17.31848 ? 34  VAL A CA  1 
ATOM   175  C C   . VAL A 1 24 ? 9.82534   8.20224   8.50779   1.000 21.17796 ? 34  VAL A C   1 
ATOM   176  O O   . VAL A 1 24 ? 9.66363   8.98694   7.56410   1.000 19.38675 ? 34  VAL A O   1 
ATOM   177  C CB  . VAL A 1 24 ? 9.50683   5.71104   8.13497   1.000 20.75536 ? 34  VAL A CB  1 
ATOM   178  C CG1 . VAL A 1 24 ? 8.39043   6.11194   7.15047   1.000 21.61660 ? 34  VAL A CG1 1 
ATOM   179  C CG2 . VAL A 1 24 ? 10.19648  4.45431   7.62244   1.000 19.64874 ? 34  VAL A CG2 1 
ATOM   180  N N   . ALA A 1 25 ? 9.39591   8.48818   9.74302   1.000 22.62592 ? 35  ALA A N   1 
ATOM   181  C CA  . ALA A 1 25 ? 8.79254   9.79301   10.02187  1.000 22.17058 ? 35  ALA A CA  1 
ATOM   182  C C   . ALA A 1 25 ? 9.75464   10.93326  9.71406   1.000 22.10880 ? 35  ALA A C   1 
ATOM   183  O O   . ALA A 1 25 ? 9.34299   11.96412  9.17034   1.000 23.04224 ? 35  ALA A O   1 
ATOM   184  C CB  . ALA A 1 25 ? 8.32720   9.87483   11.47516  1.000 24.10176 ? 35  ALA A CB  1 
ATOM   185  N N   . GLN A 1 26 ? 11.04024  10.76989  10.05257  1.000 22.63595 ? 36  GLN A N   1 
ATOM   186  C CA  . GLN A 1 26 ? 12.03639  11.79644  9.74544   1.000 22.25885 ? 36  GLN A CA  1 
ATOM   187  C C   . GLN A 1 26 ? 12.27692  11.90943  8.25311   1.000 20.87269 ? 36  GLN A C   1 
ATOM   188  O O   . GLN A 1 26 ? 12.55350  13.00793  7.75088   1.000 21.12052 ? 36  GLN A O   1 
ATOM   189  C CB  . GLN A 1 26 ? 13.36571  11.49170  10.44811  1.000 25.34228 ? 36  GLN A CB  1 
ATOM   190  C CG  . GLN A 1 26 ? 13.31226  11.55788  11.95684  1.000 25.64879 ? 36  GLN A CG  1 
ATOM   191  C CD  . GLN A 1 26 ? 12.74536  12.87267  12.44964  1.000 26.89417 ? 36  GLN A CD  1 
ATOM   192  O OE1 . GLN A 1 26 ? 11.66601  12.91127  13.03906  1.000 30.33661 ? 36  GLN A OE1 1 
ATOM   193  N NE2 . GLN A 1 26 ? 13.46503  13.95682  12.20236  1.000 29.93315 ? 36  GLN A NE2 1 
ATOM   194  N N   . TRP A 1 27 ? 12.22373  10.78162  7.54158   1.000 17.30601 ? 37  TRP A N   1 
ATOM   195  C CA  . TRP A 1 27 ? 12.35803  10.80067  6.09189   1.000 20.39377 ? 37  TRP A CA  1 
ATOM   196  C C   . TRP A 1 27 ? 11.24031  11.62378  5.45405   1.000 20.71283 ? 37  TRP A C   1 
ATOM   197  O O   . TRP A 1 27 ? 11.48913  12.42962  4.54791   1.000 19.74304 ? 37  TRP A O   1 
ATOM   198  C CB  . TRP A 1 27 ? 12.35335  9.36144   5.56153   1.000 18.05116 ? 37  TRP A CB  1 
ATOM   199  C CG  . TRP A 1 27 ? 12.43910  9.28405   4.06425   1.000 22.51830 ? 37  TRP A CG  1 
ATOM   200  C CD1 . TRP A 1 27 ? 13.53803  9.52101   3.30205   1.000 21.08503 ? 37  TRP A CD1 1 
ATOM   201  C CD2 . TRP A 1 27 ? 11.37990  8.94058   3.15589   1.000 20.55221 ? 37  TRP A CD2 1 
ATOM   202  N NE1 . TRP A 1 27 ? 13.23522  9.34086   1.96539   1.000 21.10399 ? 37  TRP A NE1 1 
ATOM   203  C CE2 . TRP A 1 27 ? 11.91552  8.98872   1.85311   1.000 20.97190 ? 37  TRP A CE2 1 
ATOM   204  C CE3 . TRP A 1 27 ? 10.03412  8.58208   3.32054   1.000 21.84621 ? 37  TRP A CE3 1 
ATOM   205  C CZ2 . TRP A 1 27 ? 11.15209  8.69950   0.71201   1.000 24.49280 ? 37  TRP A CZ2 1 
ATOM   206  C CZ3 . TRP A 1 27 ? 9.26872   8.29751   2.17992   1.000 20.79189 ? 37  TRP A CZ3 1 
ATOM   207  C CH2 . TRP A 1 27 ? 9.83242   8.36196   0.89809   1.000 23.17600 ? 37  TRP A CH2 1 
ATOM   208  N N   . LEU A 1 28 ? 10.00696  11.46100  5.94071   1.000 18.94094 ? 38  LEU A N   1 
ATOM   209  C CA  . LEU A 1 28 ? 8.89511   12.24870  5.39655   1.000 18.54626 ? 38  LEU A CA  1 
ATOM   210  C C   . LEU A 1 28 ? 9.11232   13.73802  5.62424   1.000 23.35270 ? 38  LEU A C   1 
ATOM   211  O O   . LEU A 1 28 ? 8.87708   14.55553  4.72103   1.000 22.31226 ? 38  LEU A O   1 
ATOM   212  C CB  . LEU A 1 28 ? 7.57165   11.79933  6.02291   1.000 22.19723 ? 38  LEU A CB  1 
ATOM   213  C CG  . LEU A 1 28 ? 7.14078   10.35045  5.77202   1.000 25.64282 ? 38  LEU A CG  1 
ATOM   214  C CD1 . LEU A 1 28 ? 5.95372   9.98610   6.68160   1.000 30.61739 ? 38  LEU A CD1 1 
ATOM   215  C CD2 . LEU A 1 28 ? 6.75816   10.17057  4.32773   1.000 25.38110 ? 38  LEU A CD2 1 
ATOM   216  N N   . LYS A 1 29 ? 9.56666   14.11292  6.82596   1.000 20.69751 ? 39  LYS A N   1 
ATOM   217  C CA  . LYS A 1 29 ? 9.83946   15.51696  7.12352   1.000 21.24661 ? 39  LYS A CA  1 
ATOM   218  C C   . LYS A 1 29 ? 10.91988  16.07412  6.21301   1.000 24.52587 ? 39  LYS A C   1 
ATOM   219  O O   . LYS A 1 29 ? 10.79572  17.19445  5.69805   1.000 22.20610 ? 39  LYS A O   1 
ATOM   220  C CB  . LYS A 1 29 ? 10.26848  15.67471  8.58432   1.000 25.20623 ? 39  LYS A CB  1 
ATOM   221  C CG  . LYS A 1 29 ? 9.20850   15.36562  9.59972   1.000 27.76068 ? 39  LYS A CG  1 
ATOM   222  C CD  . LYS A 1 29 ? 9.85916   15.50367  10.99099  1.000 28.28264 ? 39  LYS A CD  1 
ATOM   223  C CE  . LYS A 1 29 ? 9.07531   14.80903  12.07631  1.000 31.62181 ? 39  LYS A CE  1 
ATOM   224  N NZ  . LYS A 1 29 ? 9.82310   14.93424  13.36168  1.000 28.12477 ? 39  LYS A NZ  1 
ATOM   225  N N   . TRP A 1 30 ? 12.01056  15.31575  6.03321   1.000 21.61527 ? 40  TRP A N   1 
ATOM   226  C CA  . TRP A 1 30 ? 13.09212  15.73865  5.14644   1.000 22.89994 ? 40  TRP A CA  1 
ATOM   227  C C   . TRP A 1 30 ? 12.59239  15.94399  3.71879   1.000 21.81081 ? 40  TRP A C   1 
ATOM   228  O O   . TRP A 1 30 ? 12.90367  16.95765  3.07720   1.000 23.19869 ? 40  TRP A O   1 
ATOM   229  C CB  . TRP A 1 30 ? 14.22621  14.70738  5.16546   1.000 23.50847 ? 40  TRP A CB  1 
ATOM   230  C CG  . TRP A 1 30 ? 15.14819  14.78943  3.96213   1.000 23.09467 ? 40  TRP A CG  1 
ATOM   231  C CD1 . TRP A 1 30 ? 16.19438  15.65565  3.79273   1.000 23.92220 ? 40  TRP A CD1 1 
ATOM   232  C CD2 . TRP A 1 30 ? 15.11671  13.96535  2.78387   1.000 23.70653 ? 40  TRP A CD2 1 
ATOM   233  N NE1 . TRP A 1 30 ? 16.80170  15.42673  2.58646   1.000 24.09368 ? 40  TRP A NE1 1 
ATOM   234  C CE2 . TRP A 1 30 ? 16.16081  14.40348  1.94217   1.000 24.81962 ? 40  TRP A CE2 1 
ATOM   235  C CE3 . TRP A 1 30 ? 14.29814  12.90990  2.35015   1.000 23.51418 ? 40  TRP A CE3 1 
ATOM   236  C CZ2 . TRP A 1 30 ? 16.41315  13.82461  0.69519   1.000 24.81080 ? 40  TRP A CZ2 1 
ATOM   237  C CZ3 . TRP A 1 30 ? 14.54063  12.33890  1.10487   1.000 25.81825 ? 40  TRP A CZ3 1 
ATOM   238  C CH2 . TRP A 1 30 ? 15.59208  12.79703  0.28932   1.000 26.15664 ? 40  TRP A CH2 1 
ATOM   239  N N   . ALA A 1 31 ? 11.84471  14.97454  3.19091   1.000 19.65666 ? 41  ALA A N   1 
ATOM   240  C CA  . ALA A 1 31 ? 11.34155  15.09900  1.82637   1.000 22.07077 ? 41  ALA A CA  1 
ATOM   241  C C   . ALA A 1 31 ? 10.50282  16.36580  1.67542   1.000 23.67767 ? 41  ALA A C   1 
ATOM   242  O O   . ALA A 1 31 ? 10.67105  17.13795  0.71937   1.000 22.09683 ? 41  ALA A O   1 
ATOM   243  C CB  . ALA A 1 31 ? 10.52101  13.85661  1.46574   1.000 21.11874 ? 41  ALA A CB  1 
ATOM   244  N N   . GLU A 1 32 ? 9.60077   16.59995  2.62637   1.000 22.15878 ? 42  GLU A N   1 
ATOM   245  C CA  . GLU A 1 32 ? 8.69336   17.73906  2.52247   1.000 22.22729 ? 42  GLU A CA  1 
ATOM   246  C C   . GLU A 1 32 ? 9.45780   19.05566  2.56924   1.000 25.80499 ? 42  GLU A C   1 
ATOM   247  O O   . GLU A 1 32 ? 9.16324   19.98770  1.80879   1.000 24.61300 ? 42  GLU A O   1 
ATOM   248  C CB  . GLU A 1 32 ? 7.65454   17.67157  3.64472   1.000 22.53394 ? 42  GLU A CB  1 
ATOM   249  C CG  . GLU A 1 32 ? 6.64940   18.80879  3.60291   1.000 26.13903 ? 42  GLU A CG  1 
ATOM   250  C CD  . GLU A 1 32 ? 5.62872   18.72913  4.72705   1.000 27.49090 ? 42  GLU A CD  1 
ATOM   251  O OE1 . GLU A 1 32 ? 5.28261   17.60206  5.15042   1.000 25.40557 ? 42  GLU A OE1 1 
ATOM   252  O OE2 . GLU A 1 32 ? 5.16435   19.80498  5.17086   1.000 28.00463 ? 42  GLU A OE2 1 
ATOM   253  N N   . ASN A 1 33 ? 10.46728  19.14413  3.43041   1.000 24.50663 ? 43  ASN A N   1 
ATOM   254  C CA  . ASN A 1 33 ? 11.18916  20.40138  3.55506   1.000 26.79449 ? 43  ASN A CA  1 
ATOM   255  C C   . ASN A 1 33 ? 12.23319  20.57237  2.45381   1.000 26.91479 ? 43  ASN A C   1 
ATOM   256  O O   . ASN A 1 33 ? 12.36470  21.66154  1.88127   1.000 25.47498 ? 43  ASN A O   1 
ATOM   257  C CB  . ASN A 1 33 ? 11.85357  20.49212  4.92752   1.000 30.56346 ? 43  ASN A CB  1 
ATOM   258  C CG  . ASN A 1 33 ? 12.63293  21.76889  5.08746   1.000 37.48552 ? 43  ASN A CG  1 
ATOM   259  O OD1 . ASN A 1 33 ? 13.86342  21.75911  5.13075   1.000 43.39498 ? 43  ASN A OD1 1 
ATOM   260  N ND2 . ASN A 1 33 ? 11.92320  22.88756  5.13605   1.000 39.48746 ? 43  ASN A ND2 1 
ATOM   261  N N   . GLU A 1 34 ? 13.00549  19.52436  2.15545   1.000 21.55491 ? 44  GLU A N   1 
ATOM   262  C CA  . GLU A 1 34 ? 14.08073  19.66953  1.17413   1.000 24.24168 ? 44  GLU A CA  1 
ATOM   263  C C   . GLU A 1 34 ? 13.53890  19.94534  -0.22703  1.000 25.45477 ? 44  GLU A C   1 
ATOM   264  O O   . GLU A 1 34 ? 14.15290  20.68746  -1.00799  1.000 24.18687 ? 44  GLU A O   1 
ATOM   265  C CB  . GLU A 1 34 ? 14.95939  18.41610  1.18408   1.000 27.03319 ? 44  GLU A CB  1 
ATOM   266  C CG  . GLU A 1 34 ? 16.06435  18.39105  0.14534   1.000 29.96101 ? 44  GLU A CG  1 
ATOM   267  C CD  . GLU A 1 34 ? 17.11862  19.46828  0.35181   1.000 36.76098 ? 44  GLU A CD  1 
ATOM   268  O OE1 . GLU A 1 34 ? 17.34190  19.89399  1.50952   1.000 30.22172 ? 44  GLU A OE1 1 
ATOM   269  O OE2 . GLU A 1 34 ? 17.72079  19.88532  -0.66097  1.000 41.45445 ? 44  GLU A OE2 1 
ATOM   270  N N   . PHE A 1 35 ? 12.39991  19.35254  -0.57604  1.000 22.50007 ? 45  PHE A N   1 
ATOM   271  C CA  . PHE A 1 35 ? 11.84105  19.52524  -1.91098  1.000 22.64394 ? 45  PHE A CA  1 
ATOM   272  C C   . PHE A 1 35 ? 10.58486  20.38019  -1.91527  1.000 25.98569 ? 45  PHE A C   1 
ATOM   273  O O   . PHE A 1 35 ? 9.90427   20.46742  -2.94967  1.000 25.91252 ? 45  PHE A O   1 
ATOM   274  C CB  . PHE A 1 35 ? 11.59561  18.15498  -2.53665  1.000 23.64481 ? 45  PHE A CB  1 
ATOM   275  C CG  . PHE A 1 35 ? 12.85325  17.35206  -2.64323  1.000 27.97313 ? 45  PHE A CG  1 
ATOM   276  C CD1 . PHE A 1 35 ? 13.69884  17.51533  -3.72314  1.000 27.09221 ? 45  PHE A CD1 1 
ATOM   277  C CD2 . PHE A 1 35 ? 13.22176  16.48907  -1.63275  1.000 26.88264 ? 45  PHE A CD2 1 
ATOM   278  C CE1 . PHE A 1 35 ? 14.87963  16.79738  -3.80976  1.000 30.98573 ? 45  PHE A CE1 1 
ATOM   279  C CE2 . PHE A 1 35 ? 14.40890  15.77087  -1.71692  1.000 27.60698 ? 45  PHE A CE2 1 
ATOM   280  C CZ  . PHE A 1 35 ? 15.22848  15.93043  -2.80274  1.000 23.69467 ? 45  PHE A CZ  1 
ATOM   281  N N   . SER A 1 36 ? 10.28609  21.04154  -0.79968  1.000 24.14979 ? 46  SER A N   1 
ATOM   282  C CA  . SER A 1 36 ? 9.17566   21.99409  -0.73754  1.000 24.48648 ? 46  SER A CA  1 
ATOM   283  C C   . SER A 1 36 ? 7.88046   21.33937  -1.19731  1.000 26.40252 ? 46  SER A C   1 
ATOM   284  O O   . SER A 1 36 ? 7.10873   21.91061  -1.97907  1.000 25.47145 ? 46  SER A O   1 
ATOM   285  C CB  . SER A 1 36 ? 9.47734   23.24372  -1.57275  1.000 28.46060 ? 46  SER A CB  1 
ATOM   286  O OG  . SER A 1 36 ? 10.58352  23.96500  -1.05658  1.000 26.85200 ? 46  SER A OG  1 
ATOM   287  N N   . LEU A 1 37 ? 7.63882   20.12763  -0.70824  1.000 21.60142 ? 47  LEU A N   1 
ATOM   288  C CA  . LEU A 1 37 ? 6.41959   19.40607  -1.02442  1.000 25.45637 ? 47  LEU A CA  1 
ATOM   289  C C   . LEU A 1 37 ? 5.25996   19.95134  -0.20602  1.000 25.89377 ? 47  LEU A C   1 
ATOM   290  O O   . LEU A 1 37 ? 5.44591   20.65367  0.79137   1.000 24.86436 ? 47  LEU A O   1 
ATOM   291  C CB  . LEU A 1 37 ? 6.58617   17.91083  -0.73767  1.000 23.99522 ? 47  LEU A CB  1 
ATOM   292  C CG  . LEU A 1 37 ? 7.79809   17.23848  -1.37290  1.000 25.98096 ? 47  LEU A CG  1 
ATOM   293  C CD1 . LEU A 1 37 ? 7.82954   15.74758  -1.02515  1.000 24.25523 ? 47  LEU A CD1 1 
ATOM   294  C CD2 . LEU A 1 37 ? 7.78025   17.45075  -2.87964  1.000 23.33875 ? 47  LEU A CD2 1 
ATOM   295  N N   . ARG A 1 38 ? 4.04824   19.62442  -0.64392  1.000 25.70231 ? 48  ARG A N   1 
ATOM   296  C CA  A ARG A 1 38 ? 2.87745   19.94955  0.14601   0.484 27.35355 ? 48  ARG A CA  1 
ATOM   297  C CA  B ARG A 1 38 ? 2.85646   19.92842  0.12858   0.516 27.39762 ? 48  ARG A CA  1 
ATOM   298  C C   . ARG A 1 38 ? 2.85353   19.11829  1.42351   1.000 28.12365 ? 48  ARG A C   1 
ATOM   299  O O   . ARG A 1 38 ? 3.46786   18.05373  1.49658   1.000 26.61752 ? 48  ARG A O   1 
ATOM   300  C CB  A ARG A 1 38 ? 1.60447   19.70215  -0.65067  0.484 27.32432 ? 48  ARG A CB  1 
ATOM   301  C CB  B ARG A 1 38 ? 1.60207   19.60923  -0.68366  0.516 26.40188 ? 48  ARG A CB  1 
ATOM   302  C CG  A ARG A 1 38 ? 1.44615   20.62808  -1.82680  0.484 30.18864 ? 48  ARG A CG  1 
ATOM   303  C CG  B ARG A 1 38 ? 1.56574   20.25922  -2.06478  0.516 30.85911 ? 48  ARG A CG  1 
ATOM   304  C CD  A ARG A 1 38 ? 0.02268   20.59609  -2.30132  0.484 31.86626 ? 48  ARG A CD  1 
ATOM   305  C CD  B ARG A 1 38 ? 1.18581   21.72177  -1.98042  0.516 30.46807 ? 48  ARG A CD  1 
ATOM   306  N NE  A ARG A 1 38 ? -0.17559  21.45599  -3.45186  0.484 33.03636 ? 48  ARG A NE  1 
ATOM   307  N NE  B ARG A 1 38 ? -0.18188  21.89274  -1.49039  0.516 33.67979 ? 48  ARG A NE  1 
ATOM   308  C CZ  A ARG A 1 38 ? -1.35570  21.93910  -3.81822  0.484 32.96876 ? 48  ARG A CZ  1 
ATOM   309  C CZ  B ARG A 1 38 ? -1.26962  21.65181  -2.21635  0.516 31.47641 ? 48  ARG A CZ  1 
ATOM   310  N NH1 A ARG A 1 38 ? -2.44380  21.65502  -3.10700  0.484 32.03180 ? 48  ARG A NH1 1 
ATOM   311  N NH1 B ARG A 1 38 ? -1.15086  21.22389  -3.46290  0.516 35.17966 ? 48  ARG A NH1 1 
ATOM   312  N NH2 A ARG A 1 38 ? -1.44102  22.71087  -4.88902  0.484 32.35399 ? 48  ARG A NH2 1 
ATOM   313  N NH2 B ARG A 1 38 ? -2.47707  21.83391  -1.69674  0.516 32.30906 ? 48  ARG A NH2 1 
ATOM   314  N N   . PRO A 1 39 ? 2.13484   19.58166  2.44441   1.000 26.45382 ? 49  PRO A N   1 
ATOM   315  C CA  . PRO A 1 39 ? 2.13704   18.88144  3.73449   1.000 25.48273 ? 49  PRO A CA  1 
ATOM   316  C C   . PRO A 1 39 ? 1.76612   17.40758  3.60643   1.000 28.57127 ? 49  PRO A C   1 
ATOM   317  O O   . PRO A 1 39 ? 0.80923   17.03435  2.91741   1.000 22.92434 ? 49  PRO A O   1 
ATOM   318  C CB  . PRO A 1 39 ? 1.10066   19.65633  4.55448   1.000 25.86623 ? 49  PRO A CB  1 
ATOM   319  C CG  . PRO A 1 39 ? 1.14058   21.04081  3.96173   1.000 27.40762 ? 49  PRO A CG  1 
ATOM   320  C CD  . PRO A 1 39 ? 1.33059   20.81598  2.48610   1.000 29.00172 ? 49  PRO A CD  1 
ATOM   321  N N   . ILE A 1 40 ? 2.54285   16.56912  4.28569   1.000 27.23878 ? 50  ILE A N   1 
ATOM   322  C CA  . ILE A 1 40 ? 2.33778   15.12544  4.34578   1.000 24.13207 ? 50  ILE A CA  1 
ATOM   323  C C   . ILE A 1 40 ? 1.91322   14.77639  5.76499   1.000 30.33649 ? 50  ILE A C   1 
ATOM   324  O O   . ILE A 1 40 ? 2.55155   15.21586  6.72823   1.000 30.46064 ? 50  ILE A O   1 
ATOM   325  C CB  . ILE A 1 40 ? 3.62016   14.37031  3.96050   1.000 26.80944 ? 50  ILE A CB  1 
ATOM   326  C CG1 . ILE A 1 40 ? 4.05842   14.75047  2.53858   1.000 29.10590 ? 50  ILE A CG1 1 
ATOM   327  C CG2 . ILE A 1 40 ? 3.41805   12.87499  4.11371   1.000 26.76818 ? 50  ILE A CG2 1 
ATOM   328  C CD1 . ILE A 1 40 ? 5.52625   14.47517  2.27820   1.000 28.80080 ? 50  ILE A CD1 1 
ATOM   329  N N   . ASP A 1 41 ? 0.83767   13.99601  5.90098   1.000 28.51008 ? 51  ASP A N   1 
ATOM   330  C CA  . ASP A 1 41 ? 0.36963   13.58896  7.22320   1.000 31.98095 ? 51  ASP A CA  1 
ATOM   331  C C   . ASP A 1 41 ? 1.20852   12.40855  7.69494   1.000 29.81479 ? 51  ASP A C   1 
ATOM   332  O O   . ASP A 1 41 ? 1.11207   11.31423  7.13764   1.000 30.87980 ? 51  ASP A O   1 
ATOM   333  C CB  . ASP A 1 41 ? -1.11085  13.22060  7.20513   1.000 31.93939 ? 51  ASP A CB  1 
ATOM   334  C CG  . ASP A 1 41 ? -1.63131  12.82129  8.59249   1.000 37.82108 ? 51  ASP A CG  1 
ATOM   335  O OD1 . ASP A 1 41 ? -0.84217  12.80059  9.56186   1.000 33.47118 ? 51  ASP A OD1 1 
ATOM   336  O OD2 . ASP A 1 41 ? -2.83530  12.53302  8.71805   1.000 37.91075 ? 51  ASP A OD2 1 
ATOM   337  N N   . SER A 1 42 ? 1.99782   12.62102  8.75006   1.000 32.75869 ? 52  SER A N   1 
ATOM   338  C CA  . SER A 1 42 ? 2.85189   11.56097  9.27211   1.000 36.90359 ? 52  SER A CA  1 
ATOM   339  C C   . SER A 1 42 ? 2.04364   10.32989  9.65925   1.000 34.80678 ? 52  SER A C   1 
ATOM   340  O O   . SER A 1 42 ? 2.54109   9.20436   9.56294   1.000 28.67648 ? 52  SER A O   1 
ATOM   341  C CB  . SER A 1 42 ? 3.64055   12.07733  10.47659  1.000 35.15397 ? 52  SER A CB  1 
ATOM   342  O OG  . SER A 1 42 ? 4.51606   11.08798  10.96810  1.000 48.92930 ? 52  SER A OG  1 
ATOM   343  N N   . ASN A 1 43 ? 0.79471   10.51814  10.07979  1.000 31.90709 ? 53  ASN A N   1 
ATOM   344  C CA  . ASN A 1 43 ? -0.01747  9.39702   10.53725  1.000 33.13250 ? 53  ASN A CA  1 
ATOM   345  C C   . ASN A 1 43 ? -0.35899  8.40695   9.43742   1.000 34.33055 ? 53  ASN A C   1 
ATOM   346  O O   . ASN A 1 43 ? -0.80586  7.29709   9.74938   1.000 33.81708 ? 53  ASN A O   1 
ATOM   347  C CB  . ASN A 1 43 ? -1.29591  9.92509   11.17952  1.000 32.96745 ? 53  ASN A CB  1 
ATOM   348  C CG  . ASN A 1 43 ? -1.02877  10.55186  12.51540  1.000 40.37999 ? 53  ASN A CG  1 
ATOM   349  O OD1 . ASN A 1 43 ? -0.12823  10.11603  13.23555  1.000 41.03791 ? 53  ASN A OD1 1 
ATOM   350  N ND2 . ASN A 1 43 ? -1.77894  11.59372  12.84738  1.000 41.20773 ? 53  ASN A ND2 1 
ATOM   351  N N   . THR A 1 44 ? -0.17450  8.76614   8.17374   1.000 29.24583 ? 54  THR A N   1 
ATOM   352  C CA  . THR A 1 44 ? -0.47671  7.84007   7.09077   1.000 31.07560 ? 54  THR A CA  1 
ATOM   353  C C   . THR A 1 44 ? 0.71749   6.98492   6.68605   1.000 35.47367 ? 54  THR A C   1 
ATOM   354  O O   . THR A 1 44 ? 0.58731   6.17518   5.76220   1.000 36.19163 ? 54  THR A O   1 
ATOM   355  C CB  . THR A 1 44 ? -1.01280  8.60123   5.87330   1.000 33.16374 ? 54  THR A CB  1 
ATOM   356  O OG1 . THR A 1 44 ? 0.00699   9.45263   5.34073   1.000 31.27787 ? 54  THR A OG1 1 
ATOM   357  C CG2 . THR A 1 44 ? -2.21357  9.45651   6.27467   1.000 31.38236 ? 54  THR A CG2 1 
ATOM   358  N N   . PHE A 1 45 ? 1.86481   7.12553   7.35760   1.000 30.72206 ? 55  PHE A N   1 
ATOM   359  C CA  . PHE A 1 45 ? 3.04569   6.30293   7.09873   1.000 30.00318 ? 55  PHE A CA  1 
ATOM   360  C C   . PHE A 1 45 ? 3.65329   5.80149   8.40401   1.000 31.85263 ? 55  PHE A C   1 
ATOM   361  O O   . PHE A 1 45 ? 4.85481   5.94003   8.64817   1.000 36.45917 ? 55  PHE A O   1 
ATOM   362  C CB  . PHE A 1 45 ? 4.11847   7.05843   6.32980   1.000 30.95359 ? 55  PHE A CB  1 
ATOM   363  C CG  . PHE A 1 45 ? 3.76165   7.37825   4.92541   1.000 26.34711 ? 55  PHE A CG  1 
ATOM   364  C CD1 . PHE A 1 45 ? 3.08880   8.55095   4.62137   1.000 27.15588 ? 55  PHE A CD1 1 
ATOM   365  C CD2 . PHE A 1 45 ? 4.14709   6.54181   3.88476   1.000 26.02943 ? 55  PHE A CD2 1 
ATOM   366  C CE1 . PHE A 1 45 ? 2.78097   8.87034   3.31218   1.000 31.03251 ? 55  PHE A CE1 1 
ATOM   367  C CE2 . PHE A 1 45 ? 3.84861   6.86107   2.57811   1.000 28.64133 ? 55  PHE A CE2 1 
ATOM   368  C CZ  . PHE A 1 45 ? 3.16055   8.02632   2.29228   1.000 32.67967 ? 55  PHE A CZ  1 
ATOM   369  N N   . GLU A 1 46 ? 2.83478   5.19643   9.26493   1.000 33.34998 ? 56  GLU A N   1 
ATOM   370  C CA  . GLU A 1 46 ? 3.30952   4.71793   10.56601  1.000 37.35399 ? 56  GLU A CA  1 
ATOM   371  C C   . GLU A 1 46 ? 3.86294   3.31034   10.36816  1.000 35.52483 ? 56  GLU A C   1 
ATOM   372  O O   . GLU A 1 46 ? 3.21660   2.30334   10.65834  1.000 33.87228 ? 56  GLU A O   1 
ATOM   373  C CB  . GLU A 1 46 ? 2.18999   4.73965   11.59962  1.000 39.49714 ? 56  GLU A CB  1 
ATOM   374  C CG  . GLU A 1 46 ? 1.53282   6.09611   11.82474  1.000 42.59602 ? 56  GLU A CG  1 
ATOM   375  C CD  . GLU A 1 46 ? 2.37354   7.03034   12.66871  1.000 46.09143 ? 56  GLU A CD  1 
ATOM   376  O OE1 . GLU A 1 46 ? 3.56802   6.73672   12.88443  1.000 56.99591 ? 56  GLU A OE1 1 
ATOM   377  O OE2 . GLU A 1 46 ? 1.83608   8.06613   13.11991  1.000 52.70773 ? 56  GLU A OE2 1 
ATOM   378  N N   . MET A 1 47 ? 5.08487   3.24798   9.84989   1.000 31.37508 ? 57  MET A N   1 
ATOM   379  C CA  . MET A 1 47 ? 5.68488   1.97371   9.47084   1.000 31.24459 ? 57  MET A CA  1 
ATOM   380  C C   . MET A 1 47 ? 7.19621   2.13027   9.46552   1.000 26.51197 ? 57  MET A C   1 
ATOM   381  O O   . MET A 1 47 ? 7.71702   3.24460   9.52201   1.000 23.03149 ? 57  MET A O   1 
ATOM   382  C CB  . MET A 1 47 ? 5.19199   1.53025   8.09839   1.000 28.94534 ? 57  MET A CB  1 
ATOM   383  C CG  . MET A 1 47 ? 5.65164   2.46403   6.98368   1.000 24.48496 ? 57  MET A CG  1 
ATOM   384  S SD  . MET A 1 47 ? 4.95400   2.02440   5.40532   1.000 29.56935 ? 57  MET A SD  1 
ATOM   385  C CE  . MET A 1 47 ? 3.25872   2.59032   5.60485   1.000 33.18544 ? 57  MET A CE  1 
ATOM   386  N N   . ASN A 1 48 ? 7.90201   0.99727   9.39112   1.000 25.96454 ? 58  ASN A N   1 
ATOM   387  C CA  . ASN A 1 48 ? 9.35694   1.02105   9.37634   1.000 24.35501 ? 58  ASN A CA  1 
ATOM   388  C C   . ASN A 1 48 ? 9.85699   0.93400   7.93442   1.000 23.37557 ? 58  ASN A C   1 
ATOM   389  O O   . ASN A 1 48 ? 9.07589   0.95943   6.97600   1.000 21.76593 ? 58  ASN A O   1 
ATOM   390  C CB  . ASN A 1 48 ? 9.93808   -0.08443  10.27379  1.000 24.97277 ? 58  ASN A CB  1 
ATOM   391  C CG  . ASN A 1 48 ? 9.63303   -1.49064  9.77843   1.000 26.35068 ? 58  ASN A CG  1 
ATOM   392  O OD1 . ASN A 1 48 ? 9.32995   -1.70862  8.61120   1.000 26.82692 ? 58  ASN A OD1 1 
ATOM   393  N ND2 . ASN A 1 48 ? 9.71663   -2.46317  10.68894  1.000 30.62533 ? 58  ASN A ND2 1 
ATOM   394  N N   . GLY A 1 49 ? 11.18375  0.87347   7.77600   1.000 21.10702 ? 59  GLY A N   1 
ATOM   395  C CA  . GLY A 1 49 ? 11.76522  0.89613   6.43899   1.000 18.73268 ? 59  GLY A CA  1 
ATOM   396  C C   . GLY A 1 49 ? 11.40555  -0.32802  5.61693   1.000 20.92523 ? 59  GLY A C   1 
ATOM   397  O O   . GLY A 1 49 ? 11.11762  -0.22595  4.42195   1.000 22.56871 ? 59  GLY A O   1 
ATOM   398  N N   . LYS A 1 50 ? 11.43457  -1.50683  6.23607   1.000 26.29939 ? 60  LYS A N   1 
ATOM   399  C CA  . LYS A 1 50 ? 11.01295  -2.70278  5.51341   1.000 26.78581 ? 60  LYS A CA  1 
ATOM   400  C C   . LYS A 1 50 ? 9.58085   -2.55682  5.02127   1.000 27.54856 ? 60  LYS A C   1 
ATOM   401  O O   . LYS A 1 50 ? 9.28177   -2.87053  3.86057   1.000 30.75129 ? 60  LYS A O   1 
ATOM   402  C CB  . LYS A 1 50 ? 11.15850  -3.93997  6.40175   1.000 27.37639 ? 60  LYS A CB  1 
ATOM   403  C CG  . LYS A 1 50 ? 12.60278  -4.28086  6.71129   1.000 36.43252 ? 60  LYS A CG  1 
ATOM   404  C CD  . LYS A 1 50 ? 12.82035  -5.78999  6.86797   1.000 44.73730 ? 60  LYS A CD  1 
ATOM   405  C CE  . LYS A 1 50 ? 12.11023  -6.34418  8.09167   1.000 51.38551 ? 60  LYS A CE  1 
ATOM   406  N NZ  . LYS A 1 50 ? 12.43359  -7.78789  8.30752   1.000 60.62955 ? 60  LYS A NZ  1 
ATOM   407  N N   . ASP A 1 51 ? 8.68446   -2.07064  5.88776   1.000 26.31361 ? 61  ASP A N   1 
ATOM   408  C CA  . ASP A 1 51 ? 7.30728   -1.81116  5.47086   1.000 27.42726 ? 61  ASP A CA  1 
ATOM   409  C C   . ASP A 1 51 ? 7.27575   -0.84216  4.29247   1.000 27.57875 ? 61  ASP A C   1 
ATOM   410  O O   . ASP A 1 51 ? 6.57099   -1.06891  3.29820   1.000 26.77339 ? 61  ASP A O   1 
ATOM   411  C CB  . ASP A 1 51 ? 6.48406   -1.23530  6.63169   1.000 27.78839 ? 61  ASP A CB  1 
ATOM   412  C CG  . ASP A 1 51 ? 6.40227   -2.16340  7.85110   1.000 31.13600 ? 61  ASP A CG  1 
ATOM   413  O OD1 . ASP A 1 51 ? 6.43070   -3.40499  7.68588   1.000 29.30596 ? 61  ASP A OD1 1 
ATOM   414  O OD2 . ASP A 1 51 ? 6.29561   -1.63231  8.98536   1.000 35.13457 ? 61  ASP A OD2 1 
ATOM   415  N N   . LEU A 1 52 ? 8.03674   0.25537   4.39570   1.000 25.48774 ? 62  LEU A N   1 
ATOM   416  C CA  . LEU A 1 52 ? 8.02349   1.29053   3.36163   1.000 24.13392 ? 62  LEU A CA  1 
ATOM   417  C C   . LEU A 1 52 ? 8.44993   0.73033   2.01137   1.000 26.45006 ? 62  LEU A C   1 
ATOM   418  O O   . LEU A 1 52 ? 7.88706   1.09547   0.97024   1.000 25.04344 ? 62  LEU A O   1 
ATOM   419  C CB  . LEU A 1 52 ? 8.94457   2.44865   3.78061   1.000 22.88240 ? 62  LEU A CB  1 
ATOM   420  C CG  . LEU A 1 52 ? 8.90751   3.73745   2.94446   1.000 22.82030 ? 62  LEU A CG  1 
ATOM   421  C CD1 . LEU A 1 52 ? 7.63500   4.54387   3.21225   1.000 23.52382 ? 62  LEU A CD1 1 
ATOM   422  C CD2 . LEU A 1 52 ? 10.15692  4.58809   3.19255   1.000 22.58472 ? 62  LEU A CD2 1 
ATOM   423  N N   . LEU A 1 53 ? 9.45223   -0.15509  2.00843   1.000 20.88158 ? 63  LEU A N   1 
ATOM   424  C CA  . LEU A 1 53 ? 9.96124   -0.73652  0.77385   1.000 24.52070 ? 63  LEU A CA  1 
ATOM   425  C C   . LEU A 1 53 ? 8.95011   -1.64843  0.09341   1.000 24.58163 ? 63  LEU A C   1 
ATOM   426  O O   . LEU A 1 53 ? 9.15284   -2.00123  -1.07380  1.000 30.11228 ? 63  LEU A O   1 
ATOM   427  C CB  . LEU A 1 53 ? 11.25545  -1.50862  1.06403   1.000 25.28739 ? 63  LEU A CB  1 
ATOM   428  C CG  . LEU A 1 53 ? 12.43315  -0.60554  1.45377   1.000 26.71375 ? 63  LEU A CG  1 
ATOM   429  C CD1 . LEU A 1 53 ? 13.59067  -1.39590  2.08687   1.000 30.12322 ? 63  LEU A CD1 1 
ATOM   430  C CD2 . LEU A 1 53 ? 12.91908  0.15356   0.22826   1.000 23.90474 ? 63  LEU A CD2 1 
ATOM   431  N N   . LEU A 1 54 ? 7.88869   -2.05274  0.78220   1.000 24.06865 ? 64  LEU A N   1 
ATOM   432  C CA  . LEU A 1 54 ? 6.87570   -2.89403  0.15332   1.000 30.59628 ? 64  LEU A CA  1 
ATOM   433  C C   . LEU A 1 54 ? 5.82488   -2.09429  -0.59491  1.000 30.39062 ? 64  LEU A C   1 
ATOM   434  O O   . LEU A 1 54 ? 5.13192   -2.65605  -1.44624  1.000 28.78570 ? 64  LEU A O   1 
ATOM   435  C CB  . LEU A 1 54 ? 6.18598   -3.77259  1.20236   1.000 32.27225 ? 64  LEU A CB  1 
ATOM   436  C CG  . LEU A 1 54 ? 7.04759   -4.90366  1.76884   1.000 37.29400 ? 64  LEU A CG  1 
ATOM   437  C CD1 . LEU A 1 54 ? 6.34792   -5.58450  2.93586   1.000 37.46867 ? 64  LEU A CD1 1 
ATOM   438  C CD2 . LEU A 1 54 ? 7.37909   -5.90135  0.67597   1.000 36.58863 ? 64  LEU A CD2 1 
ATOM   439  N N   . LEU A 1 55 ? 5.71030   -0.79919  -0.32061  1.000 28.28067 ? 65  LEU A N   1 
ATOM   440  C CA  . LEU A 1 55 ? 4.66894   0.01116   -0.94199  1.000 27.75878 ? 65  LEU A CA  1 
ATOM   441  C C   . LEU A 1 55 ? 4.93131   0.21145   -2.43122  1.000 28.24829 ? 65  LEU A C   1 
ATOM   442  O O   . LEU A 1 55 ? 6.07424   0.38942   -2.86162  1.000 27.59202 ? 65  LEU A O   1 
ATOM   443  C CB  . LEU A 1 55 ? 4.58432   1.37707   -0.25897  1.000 28.65433 ? 65  LEU A CB  1 
ATOM   444  C CG  . LEU A 1 55 ? 4.36719   1.52856   1.24429   1.000 27.65557 ? 65  LEU A CG  1 
ATOM   445  C CD1 . LEU A 1 55 ? 4.25904   3.01850   1.59344   1.000 27.19002 ? 65  LEU A CD1 1 
ATOM   446  C CD2 . LEU A 1 55 ? 3.13177   0.79403   1.71927   1.000 28.61627 ? 65  LEU A CD2 1 
ATOM   447  N N   . THR A 1 56 ? 3.85676   0.19636   -3.22316  1.000 27.80702 ? 66  THR A N   1 
ATOM   448  C CA  . THR A 1 56 ? 3.92681   0.60346   -4.61602  1.000 27.79995 ? 66  THR A CA  1 
ATOM   449  C C   . THR A 1 56 ? 3.72214   2.10914   -4.72609  1.000 26.86257 ? 66  THR A C   1 
ATOM   450  O O   . THR A 1 56 ? 3.29650   2.77389   -3.78533  1.000 25.99029 ? 66  THR A O   1 
ATOM   451  C CB  . THR A 1 56 ? 2.85704   -0.10631  -5.45201  1.000 30.51102 ? 66  THR A CB  1 
ATOM   452  O OG1 . THR A 1 56 ? 1.57081   0.31950   -5.00209  1.000 27.65644 ? 66  THR A OG1 1 
ATOM   453  C CG2 . THR A 1 56 ? 2.94937   -1.61810  -5.27876  1.000 29.66586 ? 66  THR A CG2 1 
ATOM   454  N N   . LYS A 1 57 ? 3.97513   2.63916   -5.92125  1.000 29.27539 ? 67  LYS A N   1 
ATOM   455  C CA  . LYS A 1 57 ? 3.65945   4.03891   -6.17443  1.000 30.02985 ? 67  LYS A CA  1 
ATOM   456  C C   . LYS A 1 57 ? 2.21238   4.35203   -5.81407  1.000 32.86874 ? 67  LYS A C   1 
ATOM   457  O O   . LYS A 1 57 ? 1.92483   5.39903   -5.22923  1.000 27.97211 ? 67  LYS A O   1 
ATOM   458  C CB  . LYS A 1 57 ? 3.94834   4.38022   -7.63816  1.000 36.79851 ? 67  LYS A CB  1 
ATOM   459  C CG  . LYS A 1 57 ? 3.88895   5.86695   -7.94056  1.000 40.11119 ? 67  LYS A CG  1 
ATOM   460  C CD  . LYS A 1 57 ? 4.63843   6.21495   -9.21787  1.000 43.95240 ? 67  LYS A CD  1 
ATOM   461  C CE  . LYS A 1 57 ? 4.89412   7.72063   -9.30954  1.000 46.65642 ? 67  LYS A CE  1 
ATOM   462  N NZ  . LYS A 1 57 ? 5.81827   8.08900   -10.42050 1.000 49.25849 ? 67  LYS A NZ  1 
ATOM   463  N N   . GLU A 1 58 ? 1.28439   3.44113   -6.12965  1.000 33.07501 ? 68  GLU A N   1 
ATOM   464  C CA  . GLU A 1 58 ? -0.12014  3.70043   -5.82369  1.000 34.54712 ? 68  GLU A CA  1 
ATOM   465  C C   . GLU A 1 58 ? -0.36486  3.76802   -4.32574  1.000 33.25439 ? 68  GLU A C   1 
ATOM   466  O O   . GLU A 1 58 ? -1.15640  4.59642   -3.86387  1.000 33.47456 ? 68  GLU A O   1 
ATOM   467  C CB  . GLU A 1 58 ? -1.01327  2.63378   -6.45152  1.000 37.73024 ? 68  GLU A CB  1 
ATOM   468  C CG  . GLU A 1 58 ? -1.12793  2.73348   -7.94891  1.000 43.93291 ? 68  GLU A CG  1 
ATOM   469  C CD  . GLU A 1 58 ? 0.15781   2.34922   -8.63194  1.000 45.89820 ? 68  GLU A CD  1 
ATOM   470  O OE1 . GLU A 1 58 ? 0.88570   1.49465   -8.07069  1.000 45.69026 ? 68  GLU A OE1 1 
ATOM   471  O OE2 . GLU A 1 58 ? 0.45173   2.90881   -9.71226  1.000 55.40591 ? 68  GLU A OE2 1 
ATOM   472  N N   . ASP A 1 59 ? 0.27682   2.88406   -3.55090  1.000 27.25309 ? 69  ASP A N   1 
ATOM   473  C CA  . ASP A 1 59 ? 0.15785   2.95973   -2.10420  1.000 31.73261 ? 69  ASP A CA  1 
ATOM   474  C C   . ASP A 1 59 ? 0.58370   4.32481   -1.58743  1.000 29.09334 ? 69  ASP A C   1 
ATOM   475  O O   . ASP A 1 59 ? -0.01660  4.85051   -0.64481  1.000 32.49799 ? 69  ASP A O   1 
ATOM   476  C CB  . ASP A 1 59 ? 0.99755   1.86233   -1.45564  1.000 30.29534 ? 69  ASP A CB  1 
ATOM   477  C CG  . ASP A 1 59 ? 0.42476   0.48749   -1.68552  1.000 37.19854 ? 69  ASP A CG  1 
ATOM   478  O OD1 . ASP A 1 59 ? -0.79991  0.31705   -1.46298  1.000 38.62153 ? 69  ASP A OD1 1 
ATOM   479  O OD2 . ASP A 1 59 ? 1.19973   -0.41312  -2.07749  1.000 33.93879 ? 69  ASP A OD2 1 
ATOM   480  N N   . PHE A 1 60 ? 1.65148   4.89049   -2.15885  1.000 29.60090 ? 70  PHE A N   1 
ATOM   481  C CA  . PHE A 1 60 ? 2.08111   6.22622   -1.75303  1.000 28.94262 ? 70  PHE A CA  1 
ATOM   482  C C   . PHE A 1 60 ? 1.00731   7.25883   -2.07632  1.000 27.74370 ? 70  PHE A C   1 
ATOM   483  O O   . PHE A 1 60 ? 0.70636   8.13693   -1.25974  1.000 28.88672 ? 70  PHE A O   1 
ATOM   484  C CB  . PHE A 1 60 ? 3.39191   6.60185   -2.45141  1.000 26.73958 ? 70  PHE A CB  1 
ATOM   485  C CG  . PHE A 1 60 ? 4.65301   6.12744   -1.72423  1.000 26.57747 ? 70  PHE A CG  1 
ATOM   486  C CD1 . PHE A 1 60 ? 5.25205   6.91660   -0.75715  1.000 26.51899 ? 70  PHE A CD1 1 
ATOM   487  C CD2 . PHE A 1 60 ? 5.24363   4.91743   -2.04790  1.000 27.01853 ? 70  PHE A CD2 1 
ATOM   488  C CE1 . PHE A 1 60 ? 6.41849   6.48817   -0.10237  1.000 26.94121 ? 70  PHE A CE1 1 
ATOM   489  C CE2 . PHE A 1 60 ? 6.40342   4.48942   -1.41016  1.000 26.64541 ? 70  PHE A CE2 1 
ATOM   490  C CZ  . PHE A 1 60 ? 6.98675   5.27464   -0.42763  1.000 25.30710 ? 70  PHE A CZ  1 
ATOM   491  N N   . ARG A 1 61 ? 0.43002   7.16882   -3.27418  1.000 29.70408 ? 71  ARG A N   1 
ATOM   492  C CA  . ARG A 1 61 ? -0.54623  8.16788   -3.70508  1.000 32.06479 ? 71  ARG A CA  1 
ATOM   493  C C   . ARG A 1 61 ? -1.81037  8.13149   -2.84934  1.000 32.35763 ? 71  ARG A C   1 
ATOM   494  O O   . ARG A 1 61 ? -2.41518  9.17768   -2.57818  1.000 31.03461 ? 71  ARG A O   1 
ATOM   495  C CB  . ARG A 1 61 ? -0.87277  7.95542   -5.18285  1.000 34.90609 ? 71  ARG A CB  1 
ATOM   496  C CG  . ARG A 1 61 ? -1.58210  9.12809   -5.82979  1.000 41.05762 ? 71  ARG A CG  1 
ATOM   497  C CD  . ARG A 1 61 ? -1.82339  8.88644   -7.31321  1.000 46.79470 ? 71  ARG A CD  1 
ATOM   498  N NE  . ARG A 1 61 ? -0.61750  8.46123   -8.02019  1.000 49.05887 ? 71  ARG A NE  1 
ATOM   499  C CZ  . ARG A 1 61 ? -0.45803  7.26233   -8.57231  1.000 47.14900 ? 71  ARG A CZ  1 
ATOM   500  N NH1 . ARG A 1 61 ? -1.43340  6.36150   -8.50739  1.000 52.72026 ? 71  ARG A NH1 1 
ATOM   501  N NH2 . ARG A 1 61 ? 0.67313   6.96690   -9.19922  1.000 46.05627 ? 71  ARG A NH2 1 
ATOM   502  N N   . TYR A 1 62 ? -2.23342  6.93986   -2.41506  1.000 30.59424 ? 72  TYR A N   1 
ATOM   503  C CA  . TYR A 1 62 ? -3.42834  6.85512   -1.58174  1.000 32.30193 ? 72  TYR A CA  1 
ATOM   504  C C   . TYR A 1 62 ? -3.18056  7.40186   -0.18550  1.000 35.98506 ? 72  TYR A C   1 
ATOM   505  O O   . TYR A 1 62 ? -4.10393  7.92332   0.44641   1.000 35.24147 ? 72  TYR A O   1 
ATOM   506  C CB  . TYR A 1 62 ? -3.93511  5.41263   -1.51288  1.000 36.46236 ? 72  TYR A CB  1 
ATOM   507  C CG  . TYR A 1 62 ? -4.66622  4.99178   -2.76919  1.000 34.42490 ? 72  TYR A CG  1 
ATOM   508  C CD1 . TYR A 1 62 ? -5.92570  5.49905   -3.06023  1.000 38.26117 ? 72  TYR A CD1 1 
ATOM   509  C CD2 . TYR A 1 62 ? -4.09514  4.10175   -3.67196  1.000 37.43821 ? 72  TYR A CD2 1 
ATOM   510  C CE1 . TYR A 1 62 ? -6.59758  5.12737   -4.21995  1.000 42.41864 ? 72  TYR A CE1 1 
ATOM   511  C CE2 . TYR A 1 62 ? -4.76092  3.72587   -4.83697  1.000 40.21415 ? 72  TYR A CE2 1 
ATOM   512  C CZ  . TYR A 1 62 ? -6.00827  4.24204   -5.10169  1.000 42.49039 ? 72  TYR A CZ  1 
ATOM   513  O OH  . TYR A 1 62 ? -6.67351  3.87629   -6.25127  1.000 47.69886 ? 72  TYR A OH  1 
ATOM   514  N N   . ARG A 1 63 ? -1.95362  7.28916   0.31828   1.000 31.93225 ? 73  ARG A N   1 
ATOM   515  C CA  . ARG A 1 63 ? -1.63946  7.90581   1.59771   1.000 34.29204 ? 73  ARG A CA  1 
ATOM   516  C C   . ARG A 1 63 ? -1.38427  9.40150   1.45927   1.000 33.60653 ? 73  ARG A C   1 
ATOM   517  O O   . ARG A 1 63 ? -1.70861  10.16934  2.37447   1.000 38.24679 ? 73  ARG A O   1 
ATOM   518  C CB  . ARG A 1 63 ? -0.43664  7.19991   2.22052   1.000 28.32978 ? 73  ARG A CB  1 
ATOM   519  C CG  . ARG A 1 63 ? -0.77897  5.79248   2.71267   1.000 34.29087 ? 73  ARG A CG  1 
ATOM   520  C CD  . ARG A 1 63 ? 0.45036   4.91087   2.83515   1.000 35.57412 ? 73  ARG A CD  1 
ATOM   521  N NE  . ARG A 1 63 ? 0.09793   3.51080   3.08926   1.000 36.98906 ? 73  ARG A NE  1 
ATOM   522  C CZ  . ARG A 1 63 ? -0.01144  3.00091   4.30785   1.000 38.90583 ? 73  ARG A CZ  1 
ATOM   523  N NH1 . ARG A 1 63 ? 0.20011   3.77441   5.36143   1.000 41.15152 ? 73  ARG A NH1 1 
ATOM   524  N NH2 . ARG A 1 63 ? -0.32220  1.72842   4.48497   1.000 37.51466 ? 73  ARG A NH2 1 
ATOM   525  N N   . SER A 1 64 ? -0.82243  9.83427   0.33163   1.000 33.60530 ? 74  SER A N   1 
ATOM   526  C CA  . SER A 1 64 ? -0.57629  11.25467  0.07640   1.000 30.99591 ? 74  SER A CA  1 
ATOM   527  C C   . SER A 1 64 ? -0.97978  11.59155  -1.35144  1.000 30.64618 ? 74  SER A C   1 
ATOM   528  O O   . SER A 1 64 ? -0.16658  11.52589  -2.28611  1.000 29.66416 ? 74  SER A O   1 
ATOM   529  C CB  . SER A 1 64 ? 0.88684   11.62770  0.32126   1.000 30.67586 ? 74  SER A CB  1 
ATOM   530  O OG  . SER A 1 64 ? 1.09679   12.99878  0.00826   1.000 33.84868 ? 74  SER A OG  1 
ATOM   531  N N   . PRO A 1 65 ? -2.23985  11.96907  -1.56127  1.000 32.45330 ? 75  PRO A N   1 
ATOM   532  C CA  . PRO A 1 65 ? -2.65116  12.35868  -2.91882  1.000 28.40858 ? 75  PRO A CA  1 
ATOM   533  C C   . PRO A 1 65 ? -1.79440  13.46456  -3.50606  1.000 29.09508 ? 75  PRO A C   1 
ATOM   534  O O   . PRO A 1 65 ? -1.51559  13.45152  -4.71224  1.000 32.95920 ? 75  PRO A O   1 
ATOM   535  C CB  . PRO A 1 65 ? -4.10885  12.80625  -2.72399  1.000 32.58100 ? 75  PRO A CB  1 
ATOM   536  C CG  . PRO A 1 65 ? -4.56453  12.05384  -1.51095  1.000 36.49771 ? 75  PRO A CG  1 
ATOM   537  C CD  . PRO A 1 65 ? -3.36134  11.97136  -0.60747  1.000 31.23184 ? 75  PRO A CD  1 
ATOM   538  N N   . HIS A 1 66 ? -1.35068  14.41308  -2.68707  1.000 31.67396 ? 76  HIS A N   1 
ATOM   539  C CA  . HIS A 1 66 ? -0.63706  15.57695  -3.18692  1.000 34.34595 ? 76  HIS A CA  1 
ATOM   540  C C   . HIS A 1 66 ? 0.84882   15.34077  -3.39784  1.000 33.82520 ? 76  HIS A C   1 
ATOM   541  O O   . HIS A 1 66 ? 1.44830   15.99228  -4.25904  1.000 34.81248 ? 76  HIS A O   1 
ATOM   542  C CB  . HIS A 1 66 ? -0.80877  16.74435  -2.21913  1.000 36.79542 ? 76  HIS A CB  1 
ATOM   543  C CG  . HIS A 1 66 ? -2.18057  17.34146  -2.23041  1.000 38.19594 ? 76  HIS A CG  1 
ATOM   544  N ND1 . HIS A 1 66 ? -2.84284  17.70586  -1.07690  1.000 43.88977 ? 76  HIS A ND1 1 
ATOM   545  C CD2 . HIS A 1 66 ? -3.00851  17.65161  -3.25539  1.000 39.90639 ? 76  HIS A CD2 1 
ATOM   546  C CE1 . HIS A 1 66 ? -4.02374  18.20979  -1.39152  1.000 43.80233 ? 76  HIS A CE1 1 
ATOM   547  N NE2 . HIS A 1 66 ? -4.14996  18.18657  -2.70658  1.000 41.58243 ? 76  HIS A NE2 1 
ATOM   548  N N   . SER A 1 67 ? 1.46343   14.44215  -2.62980  1.000 30.34007 ? 77  SER A N   1 
ATOM   549  C CA  . SER A 1 67 ? 2.90648   14.27811  -2.66630  1.000 32.23807 ? 77  SER A CA  1 
ATOM   550  C C   . SER A 1 67 ? 3.34954   12.82962  -2.79486  1.000 36.03627 ? 77  SER A C   1 
ATOM   551  O O   . SER A 1 67 ? 4.55914   12.57164  -2.80517  1.000 28.04593 ? 77  SER A O   1 
ATOM   552  C CB  . SER A 1 67 ? 3.54468   14.88367  -1.40507  1.000 29.46799 ? 77  SER A CB  1 
ATOM   553  O OG  . SER A 1 67 ? 3.15592   16.23851  -1.24239  1.000 30.18749 ? 77  SER A OG  1 
ATOM   554  N N   . GLY A 1 68 ? 2.41399   11.88372  -2.89366  1.000 32.46484 ? 78  GLY A N   1 
ATOM   555  C CA  . GLY A 1 68 ? 2.79331   10.47957  -2.92193  1.000 30.06853 ? 78  GLY A CA  1 
ATOM   556  C C   . GLY A 1 68 ? 3.71807   10.13493  -4.07333  1.000 31.80674 ? 78  GLY A C   1 
ATOM   557  O O   . GLY A 1 68 ? 4.68172   9.37596   -3.90156  1.000 27.71728 ? 78  GLY A O   1 
ATOM   558  N N   . ASP A 1 69 ? 3.42983   10.66533  -5.26944  1.000 30.20541 ? 79  ASP A N   1 
ATOM   559  C CA  . ASP A 1 69 ? 4.28687   10.39045  -6.42289  1.000 32.39292 ? 79  ASP A CA  1 
ATOM   560  C C   . ASP A 1 69 ? 5.72075   10.83361  -6.15486  1.000 32.65859 ? 79  ASP A C   1 
ATOM   561  O O   . ASP A 1 69 ? 6.67936   10.10388  -6.44403  1.000 30.87271 ? 79  ASP A O   1 
ATOM   562  C CB  . ASP A 1 69 ? 3.75046   11.09555  -7.67272  1.000 35.23778 ? 79  ASP A CB  1 
ATOM   563  C CG  . ASP A 1 69 ? 2.65803   10.30454  -8.38485  1.000 42.34816 ? 79  ASP A CG  1 
ATOM   564  O OD1 . ASP A 1 69 ? 2.39539   9.14106   -8.01925  1.000 42.70382 ? 79  ASP A OD1 1 
ATOM   565  O OD2 . ASP A 1 69 ? 2.06295   10.85742  -9.32986  1.000 47.71228 ? 79  ASP A OD2 1 
ATOM   566  N N   . GLU A 1 70 ? 5.88361   12.05015  -5.62983  1.000 28.04196 ? 80  GLU A N   1 
ATOM   567  C CA  . GLU A 1 70 ? 7.21443   12.57569  -5.34548  1.000 27.03598 ? 80  GLU A CA  1 
ATOM   568  C C   . GLU A 1 70 ? 7.94216   11.71321  -4.32022  1.000 27.56465 ? 80  GLU A C   1 
ATOM   569  O O   . GLU A 1 70 ? 9.14121   11.43896  -4.46343  1.000 26.90357 ? 80  GLU A O   1 
ATOM   570  C CB  . GLU A 1 70 ? 7.09787   14.02007  -4.84923  1.000 29.73901 ? 80  GLU A CB  1 
ATOM   571  C CG  . GLU A 1 70 ? 6.76781   15.04781  -5.94810  1.000 32.51052 ? 80  GLU A CG  1 
ATOM   572  C CD  . GLU A 1 70 ? 5.28689   15.10212  -6.33873  1.000 37.97116 ? 80  GLU A CD  1 
ATOM   573  O OE1 . GLU A 1 70 ? 4.43321   14.50256  -5.64657  1.000 33.49276 ? 80  GLU A OE1 1 
ATOM   574  O OE2 . GLU A 1 70 ? 4.97724   15.77134  -7.35234  1.000 41.02374 ? 80  GLU A OE2 1 
ATOM   575  N N   . LEU A 1 71 ? 7.23641   11.29255  -3.26892  1.000 25.52499 ? 81  LEU A N   1 
ATOM   576  C CA  . LEU A 1 71 ? 7.86095   10.46073  -2.24151  1.000 25.87064 ? 81  LEU A CA  1 
ATOM   577  C C   . LEU A 1 71 ? 8.36325   9.15707   -2.83984  1.000 25.20343 ? 81  LEU A C   1 
ATOM   578  O O   . LEU A 1 71 ? 9.49633   8.73887   -2.58511  1.000 23.44397 ? 81  LEU A O   1 
ATOM   579  C CB  . LEU A 1 71 ? 6.87241   10.18525  -1.11420  1.000 24.42897 ? 81  LEU A CB  1 
ATOM   580  C CG  . LEU A 1 71 ? 6.56208   11.38013  -0.20588  1.000 26.36615 ? 81  LEU A CG  1 
ATOM   581  C CD1 . LEU A 1 71 ? 5.39136   11.03716  0.69515   1.000 25.67766 ? 81  LEU A CD1 1 
ATOM   582  C CD2 . LEU A 1 71 ? 7.78032   11.75049  0.63968   1.000 23.84157 ? 81  LEU A CD2 1 
ATOM   583  N N   . TYR A 1 72 ? 7.53582   8.50266   -3.65905  1.000 24.09221 ? 82  TYR A N   1 
ATOM   584  C CA  . TYR A 1 72 ? 7.98991   7.26554   -4.28328  1.000 26.70366 ? 82  TYR A CA  1 
ATOM   585  C C   . TYR A 1 72 ? 9.22798   7.51025   -5.14415  1.000 26.97712 ? 82  TYR A C   1 
ATOM   586  O O   . TYR A 1 72 ? 10.18532  6.72179   -5.11564  1.000 25.48413 ? 82  TYR A O   1 
ATOM   587  C CB  . TYR A 1 72 ? 6.85453   6.64318   -5.10653  1.000 28.81699 ? 82  TYR A CB  1 
ATOM   588  C CG  . TYR A 1 72 ? 7.26513   5.35786   -5.78477  1.000 29.22477 ? 82  TYR A CG  1 
ATOM   589  C CD1 . TYR A 1 72 ? 7.20771   4.14349   -5.10433  1.000 30.67104 ? 82  TYR A CD1 1 
ATOM   590  C CD2 . TYR A 1 72 ? 7.72730   5.35877   -7.09482  1.000 32.86667 ? 82  TYR A CD2 1 
ATOM   591  C CE1 . TYR A 1 72 ? 7.59499   2.96135   -5.71834  1.000 32.25017 ? 82  TYR A CE1 1 
ATOM   592  C CE2 . TYR A 1 72 ? 8.11838   4.18202   -7.71656  1.000 35.12360 ? 82  TYR A CE2 1 
ATOM   593  C CZ  . TYR A 1 72 ? 8.05060   2.99129   -7.02111  1.000 32.45247 ? 82  TYR A CZ  1 
ATOM   594  O OH  . TYR A 1 72 ? 8.44048   1.82179   -7.63672  1.000 37.68920 ? 82  TYR A OH  1 
ATOM   595  N N   . GLU A 1 73 ? 9.23294   8.60329   -5.91247  1.000 27.85295 ? 83  GLU A N   1 
ATOM   596  C CA  . GLU A 1 73 ? 10.37777  8.90567   -6.76297  1.000 28.75640 ? 83  GLU A CA  1 
ATOM   597  C C   . GLU A 1 73 ? 11.62013  9.20808   -5.93512  1.000 26.11760 ? 83  GLU A C   1 
ATOM   598  O O   . GLU A 1 73 ? 12.73563  8.86549   -6.33865  1.000 25.18935 ? 83  GLU A O   1 
ATOM   599  C CB  . GLU A 1 73 ? 10.05238  10.07804  -7.69174  1.000 31.94172 ? 83  GLU A CB  1 
ATOM   600  C CG  . GLU A 1 73 ? 8.97361   9.74959   -8.71573  1.000 38.53198 ? 83  GLU A CG  1 
ATOM   601  C CD  . GLU A 1 73 ? 9.25187   8.45243   -9.46722  1.000 56.18591 ? 83  GLU A CD  1 
ATOM   602  O OE1 . GLU A 1 73 ? 10.44075  8.11069   -9.66699  1.000 54.09591 ? 83  GLU A OE1 1 
ATOM   603  O OE2 . GLU A 1 73 ? 8.27896   7.76556   -9.85198  1.000 65.17591 ? 83  GLU A OE2 1 
ATOM   604  N N   . LEU A 1 74 ? 11.44847  9.86230   -4.78506  1.000 25.57473 ? 84  LEU A N   1 
ATOM   605  C CA  . LEU A 1 74 ? 12.59462  10.13176  -3.91982  1.000 24.46801 ? 84  LEU A CA  1 
ATOM   606  C C   . LEU A 1 74 ? 13.13905  8.83960   -3.32608  1.000 26.24871 ? 84  LEU A C   1 
ATOM   607  O O   . LEU A 1 74 ? 14.35593  8.65325   -3.25014  1.000 25.86020 ? 84  LEU A O   1 
ATOM   608  C CB  . LEU A 1 74 ? 12.20601  11.12037  -2.82321  1.000 25.65793 ? 84  LEU A CB  1 
ATOM   609  C CG  . LEU A 1 74 ? 12.06022  12.59246  -3.23631  1.000 30.62217 ? 84  LEU A CG  1 
ATOM   610  C CD1 . LEU A 1 74 ? 11.47746  13.41881  -2.09140  1.000 32.07946 ? 84  LEU A CD1 1 
ATOM   611  C CD2 . LEU A 1 74 ? 13.40446  13.16607  -3.65905  1.000 32.11583 ? 84  LEU A CD2 1 
ATOM   612  N N   . LEU A 1 75 ? 12.25814  7.91726   -2.93259  1.000 22.75551 ? 85  LEU A N   1 
ATOM   613  C CA  . LEU A 1 75 ? 12.75842  6.63544   -2.44868  1.000 24.60734 ? 85  LEU A CA  1 
ATOM   614  C C   . LEU A 1 75 ? 13.44808  5.86934   -3.57137  1.000 28.18627 ? 85  LEU A C   1 
ATOM   615  O O   . LEU A 1 75 ? 14.49026  5.23892   -3.35739  1.000 24.52559 ? 85  LEU A O   1 
ATOM   616  C CB  . LEU A 1 75 ? 11.62058  5.82463   -1.82264  1.000 22.63066 ? 85  LEU A CB  1 
ATOM   617  C CG  . LEU A 1 75 ? 11.99772  4.44449   -1.29165  1.000 24.18710 ? 85  LEU A CG  1 
ATOM   618  C CD1 . LEU A 1 75 ? 13.13146  4.57039   -0.25704  1.000 25.72377 ? 85  LEU A CD1 1 
ATOM   619  C CD2 . LEU A 1 75 ? 10.76373  3.70446   -0.72160  1.000 27.34171 ? 85  LEU A CD2 1 
ATOM   620  N N   . GLN A 1 76 ? 12.90607  5.93368   -4.78894  1.000 23.83924 ? 86  GLN A N   1 
ATOM   621  C CA  . GLN A 1 76 ? 13.58806  5.28573   -5.90056  1.000 28.65750 ? 86  GLN A CA  1 
ATOM   622  C C   . GLN A 1 76 ? 14.97262  5.88445   -6.11740  1.000 28.57588 ? 86  GLN A C   1 
ATOM   623  O O   . GLN A 1 76 ? 15.93777  5.15385   -6.38366  1.000 25.53223 ? 86  GLN A O   1 
ATOM   624  C CB  . GLN A 1 76 ? 12.73654  5.39359   -7.16628  1.000 27.52285 ? 86  GLN A CB  1 
ATOM   625  C CG  . GLN A 1 76 ? 11.45437  4.59722   -7.07112  1.000 28.96447 ? 86  GLN A CG  1 
ATOM   626  C CD  . GLN A 1 76 ? 11.72503  3.09968   -7.05670  1.000 35.89129 ? 86  GLN A CD  1 
ATOM   627  O OE1 . GLN A 1 76 ? 12.01413  2.49696   -8.09493  1.000 47.92549 ? 86  GLN A OE1 1 
ATOM   628  N NE2 . GLN A 1 76 ? 11.63811  2.49701   -5.88724  1.000 32.00448 ? 86  GLN A NE2 1 
ATOM   629  N N   . HIS A 1 77 ? 15.08571  7.21560   -6.02806  1.000 25.76909 ? 87  HIS A N   1 
ATOM   630  C CA  . HIS A 1 77 ? 16.38480  7.85912   -6.20853  1.000 28.67364 ? 87  HIS A CA  1 
ATOM   631  C C   . HIS A 1 77 ? 17.38953  7.35512   -5.18421  1.000 28.99717 ? 87  HIS A C   1 
ATOM   632  O O   . HIS A 1 77 ? 18.55455  7.10001   -5.51092  1.000 30.17936 ? 87  HIS A O   1 
ATOM   633  C CB  . HIS A 1 77 ? 16.25753  9.37650   -6.08778  1.000 28.60164 ? 87  HIS A CB  1 
ATOM   634  C CG  . HIS A 1 77 ? 17.56388  10.09496  -6.23133  1.000 34.51008 ? 87  HIS A CG  1 
ATOM   635  N ND1 . HIS A 1 77 ? 18.29699  10.54224  -5.15045  1.000 39.79078 ? 87  HIS A ND1 1 
ATOM   636  C CD2 . HIS A 1 77 ? 18.28197  10.41991  -7.33114  1.000 35.70403 ? 87  HIS A CD2 1 
ATOM   637  C CE1 . HIS A 1 77 ? 19.40258  11.12367  -5.57998  1.000 39.13837 ? 87  HIS A CE1 1 
ATOM   638  N NE2 . HIS A 1 77 ? 19.41797  11.06109  -6.89898  1.000 38.96817 ? 87  HIS A NE2 1 
ATOM   639  N N   . ILE A 1 78 ? 16.95934  7.23517   -3.93079  1.000 24.98648 ? 88  ILE A N   1 
ATOM   640  C CA  . ILE A 1 78 ? 17.83881  6.71623   -2.88314  1.000 25.23176 ? 88  ILE A CA  1 
ATOM   641  C C   . ILE A 1 78 ? 18.23869  5.27758   -3.18713  1.000 27.97908 ? 88  ILE A C   1 
ATOM   642  O O   . ILE A 1 78 ? 19.41143  4.89863   -3.04444  1.000 26.99978 ? 88  ILE A O   1 
ATOM   643  C CB  . ILE A 1 78 ? 17.14689  6.84938   -1.51303  1.000 22.86744 ? 88  ILE A CB  1 
ATOM   644  C CG1 . ILE A 1 78 ? 16.99764  8.32821   -1.13719  1.000 24.45776 ? 88  ILE A CG1 1 
ATOM   645  C CG2 . ILE A 1 78 ? 17.90068  6.04266   -0.43414  1.000 24.33336 ? 88  ILE A CG2 1 
ATOM   646  C CD1 . ILE A 1 78 ? 16.10800  8.57609   0.09111   1.000 25.12954 ? 88  ILE A CD1 1 
ATOM   647  N N   . LEU A 1 79 ? 17.27827  4.45708   -3.62799  1.000 25.80307 ? 89  LEU A N   1 
ATOM   648  C CA  . LEU A 1 79 ? 17.57208  3.05193   -3.90523  1.000 27.30132 ? 89  LEU A CA  1 
ATOM   649  C C   . LEU A 1 79 ? 18.51965  2.88801   -5.09077  1.000 31.44205 ? 89  LEU A C   1 
ATOM   650  O O   . LEU A 1 79 ? 19.29437  1.92217   -5.13744  1.000 29.97817 ? 89  LEU A O   1 
ATOM   651  C CB  . LEU A 1 79 ? 16.26967  2.28933   -4.15442  1.000 29.42636 ? 89  LEU A CB  1 
ATOM   652  C CG  . LEU A 1 79 ? 15.34848  2.11184   -2.94510  1.000 26.87213 ? 89  LEU A CG  1 
ATOM   653  C CD1 . LEU A 1 79 ? 14.01811  1.47145   -3.36450  1.000 29.04843 ? 89  LEU A CD1 1 
ATOM   654  C CD2 . LEU A 1 79 ? 16.04696  1.27877   -1.85597  1.000 28.99420 ? 89  LEU A CD2 1 
ATOM   655  N N   . LYS A 1 80 ? 18.47967  3.81560   -6.05053  1.000 31.86119 ? 90  LYS A N   1 
ATOM   656  C CA  . LYS A 1 80 ? 19.31364  3.70101   -7.24139  1.000 33.42421 ? 90  LYS A CA  1 
ATOM   657  C C   . LYS A 1 80 ? 20.77779  3.98927   -6.94457  1.000 34.77770 ? 90  LYS A C   1 
ATOM   658  O O   . LYS A 1 80 ? 21.65081  3.58555   -7.72235  1.000 36.27142 ? 90  LYS A O   1 
ATOM   659  C CB  . LYS A 1 80 ? 18.79795  4.64275   -8.33140  1.000 34.38188 ? 90  LYS A CB  1 
ATOM   660  C CG  . LYS A 1 80 ? 17.68239  4.02457   -9.20153  1.000 41.22711 ? 90  LYS A CG  1 
ATOM   661  C CD  . LYS A 1 80 ? 16.64858  3.29952   -8.34000  1.000 39.14094 ? 90  LYS A CD  1 
ATOM   662  C CE  . LYS A 1 80 ? 15.65348  2.49591   -9.15888  1.000 54.43591 ? 90  LYS A CE  1 
ATOM   663  N NZ  . LYS A 1 80 ? 14.79928  1.67340   -8.24972  1.000 51.73975 ? 90  LYS A NZ  1 
ATOM   664  N N   . GLN A 1 81 ? 21.05697  4.67988   -5.84775  1.000 27.59119 ? 91  GLN A N   1 
ATOM   665  C CA  . GLN A 1 81 ? 22.41915  4.96930   -5.42982  1.000 30.24521 ? 91  GLN A CA  1 
ATOM   666  C C   . GLN A 1 81 ? 23.21833  5.64565   -6.54856  1.000 37.42673 ? 91  GLN A C   1 
ATOM   667  O O   . GLN A 1 81 ? 24.39623  5.33471   -6.74639  1.000 41.76747 ? 91  GLN A O   1 
ATOM   668  C CB  . GLN A 1 81 ? 23.09924  3.67944   -4.96948  1.000 29.00313 ? 91  GLN A CB  1 
ATOM   669  C CG  . GLN A 1 81 ? 22.45871  3.08492   -3.71942  1.000 30.12013 ? 91  GLN A CG  1 
ATOM   670  C CD  . GLN A 1 81 ? 22.82789  3.87067   -2.46634  1.000 29.27469 ? 91  GLN A CD  1 
ATOM   671  O OE1 . GLN A 1 81 ? 23.93095  3.73222   -1.95098  1.000 23.83421 ? 91  GLN A OE1 1 
ATOM   672  N NE2 . GLN A 1 81 ? 21.91549  4.71750   -1.98890  1.000 28.40808 ? 91  GLN A NE2 1 
ATOM   673  N N   . SER B 1 5  ? -19.06494 -20.79160 6.54104   1.000 65.97940 ? 15  SER B N   1 
ATOM   674  C CA  . SER B 1 5  ? -19.26066 -21.56651 5.32089   1.000 68.08687 ? 15  SER B CA  1 
ATOM   675  C C   . SER B 1 5  ? -19.16058 -20.68127 4.07671   1.000 65.14207 ? 15  SER B C   1 
ATOM   676  O O   . SER B 1 5  ? -20.17069 -20.37059 3.43974   1.000 64.01687 ? 15  SER B O   1 
ATOM   677  C CB  . SER B 1 5  ? -20.60680 -22.27839 5.35787   1.000 68.04102 ? 15  SER B CB  1 
ATOM   678  N N   . ILE B 1 6  ? -17.94089 -20.27906 3.73052   1.000 62.25688 ? 16  ILE B N   1 
ATOM   679  C CA  . ILE B 1 6  ? -17.70685 -19.41006 2.58187   1.000 57.94526 ? 16  ILE B CA  1 
ATOM   680  C C   . ILE B 1 6  ? -17.37997 -20.27546 1.37532   1.000 50.19735 ? 16  ILE B C   1 
ATOM   681  O O   . ILE B 1 6  ? -16.52530 -21.16593 1.45096   1.000 53.42753 ? 16  ILE B O   1 
ATOM   682  C CB  . ILE B 1 6  ? -16.57073 -18.41419 2.86430   1.000 58.98149 ? 16  ILE B CB  1 
ATOM   683  C CG1 . ILE B 1 6  ? -16.67375 -17.21200 1.92923   1.000 54.89600 ? 16  ILE B CG1 1 
ATOM   684  C CG2 . ILE B 1 6  ? -15.21375 -19.08283 2.68068   1.000 61.77727 ? 16  ILE B CG2 1 
ATOM   685  C CD1 . ILE B 1 6  ? -15.60391 -16.17216 2.16410   1.000 61.69591 ? 16  ILE B CD1 1 
ATOM   686  N N   . ARG B 1 7  ? -18.06057 -20.02691 0.26066   1.000 43.99851 ? 17  ARG B N   1 
ATOM   687  C CA  . ARG B 1 7  ? -17.81125 -20.76986 -0.96422  1.000 37.35469 ? 17  ARG B CA  1 
ATOM   688  C C   . ARG B 1 7  ? -17.43571 -19.80867 -2.07927  1.000 30.07877 ? 17  ARG B C   1 
ATOM   689  O O   . ARG B 1 7  ? -18.16204 -18.84958 -2.34893  1.000 30.37932 ? 17  ARG B O   1 
ATOM   690  C CB  . ARG B 1 7  ? -19.02812 -21.60304 -1.35072  1.000 34.91944 ? 17  ARG B CB  1 
ATOM   691  C CG  . ARG B 1 7  ? -19.20528 -22.82409 -0.47116  1.000 38.25831 ? 17  ARG B CG  1 
ATOM   692  C CD  . ARG B 1 7  ? -20.46456 -23.57818 -0.83234  1.000 36.97561 ? 17  ARG B CD  1 
ATOM   693  N NE  . ARG B 1 7  ? -21.59347 -22.65875 -0.88763  1.000 42.04581 ? 17  ARG B NE  1 
ATOM   694  C CZ  . ARG B 1 7  ? -22.27320 -22.23934 0.17568   1.000 50.20591 ? 17  ARG B CZ  1 
ATOM   695  N NH1 . ARG B 1 7  ? -21.94637 -22.67010 1.39142   1.000 51.17718 ? 17  ARG B NH1 1 
ATOM   696  N NH2 . ARG B 1 7  ? -23.28219 -21.38954 0.02076   1.000 46.84902 ? 17  ARG B NH2 1 
ATOM   697  N N   . LEU B 1 8  ? -16.30593 -20.06840 -2.71771  1.000 26.65471 ? 18  LEU B N   1 
ATOM   698  C CA  . LEU B 1 8  ? -15.80253 -19.24431 -3.80998  1.000 25.46236 ? 18  LEU B CA  1 
ATOM   699  C C   . LEU B 1 8  ? -16.33025 -19.73861 -5.15700  1.000 23.86918 ? 18  LEU B C   1 
ATOM   700  O O   . LEU B 1 8  ? -16.36181 -20.95355 -5.40812  1.000 21.93095 ? 18  LEU B O   1 
ATOM   701  C CB  . LEU B 1 8  ? -14.27841 -19.26520 -3.83475  1.000 30.09458 ? 18  LEU B CB  1 
ATOM   702  C CG  . LEU B 1 8  ? -13.53898 -18.48672 -2.74542  1.000 30.25156 ? 18  LEU B CG  1 
ATOM   703  C CD1 . LEU B 1 8  ? -12.03815 -18.79357 -2.83437  1.000 27.05167 ? 18  LEU B CD1 1 
ATOM   704  C CD2 . LEU B 1 8  ? -13.79987 -16.99998 -2.91018  1.000 31.64762 ? 18  LEU B CD2 1 
ATOM   705  N N   . PRO B 1 9  ? -16.73701 -18.81459 -6.03079  1.000 23.01131 ? 19  PRO B N   1 
ATOM   706  C CA  . PRO B 1 9  ? -17.06304 -19.19673 -7.40668  1.000 25.45583 ? 19  PRO B CA  1 
ATOM   707  C C   . PRO B 1 9  ? -15.83209 -19.75994 -8.09640  1.000 24.42538 ? 19  PRO B C   1 
ATOM   708  O O   . PRO B 1 9  ? -14.68818 -19.48475 -7.71795  1.000 23.39319 ? 19  PRO B O   1 
ATOM   709  C CB  . PRO B 1 9  ? -17.52024 -17.88225 -8.06624  1.000 26.76960 ? 19  PRO B CB  1 
ATOM   710  C CG  . PRO B 1 9  ? -17.45650 -16.82854 -7.00165  1.000 32.22911 ? 19  PRO B CG  1 
ATOM   711  C CD  . PRO B 1 9  ? -16.67179 -17.35413 -5.85003  1.000 27.39024 ? 19  PRO B CD  1 
ATOM   712  N N   . ALA B 1 10 ? -16.08638 -20.56433 -9.12774  1.000 24.03164 ? 20  ALA B N   1 
ATOM   713  C CA  . ALA B 1 10 ? -15.03331 -21.37809 -9.72440  1.000 23.43832 ? 20  ALA B CA  1 
ATOM   714  C C   . ALA B 1 10 ? -13.91007 -20.52978 -10.31503 1.000 24.52584 ? 20  ALA B C   1 
ATOM   715  O O   . ALA B 1 10 ? -12.75298 -20.96907 -10.33570 1.000 25.09251 ? 20  ALA B O   1 
ATOM   716  C CB  . ALA B 1 10 ? -15.63799 -22.29676 -10.79108 1.000 25.83519 ? 20  ALA B CB  1 
ATOM   717  N N   . HIS B 1 11 ? -14.20998 -19.30615 -10.77032 1.000 19.69498 ? 21  HIS B N   1 
ATOM   718  C CA  . HIS B 1 11 ? -13.15197 -18.50068 -11.37711 1.000 21.36232 ? 21  HIS B CA  1 
ATOM   719  C C   . HIS B 1 11 ? -12.21890 -17.87509 -10.35499 1.000 22.95797 ? 21  HIS B C   1 
ATOM   720  O O   . HIS B 1 11 ? -11.23471 -17.24275 -10.75299 1.000 24.78556 ? 21  HIS B O   1 
ATOM   721  C CB  . HIS B 1 11 ? -13.74226 -17.39836 -12.28102 1.000 25.58429 ? 21  HIS B CB  1 
ATOM   722  C CG  . HIS B 1 11 ? -14.68368 -16.47281 -11.57532 1.000 27.17251 ? 21  HIS B CG  1 
ATOM   723  N ND1 . HIS B 1 11 ? -15.97633 -16.83076 -11.25577 1.000 27.91118 ? 21  HIS B ND1 1 
ATOM   724  C CD2 . HIS B 1 11 ? -14.52244 -15.20445 -11.12897 1.000 27.06565 ? 21  HIS B CD2 1 
ATOM   725  C CE1 . HIS B 1 11 ? -16.56738 -15.82515 -10.63316 1.000 31.51858 ? 21  HIS B CE1 1 
ATOM   726  N NE2 . HIS B 1 11 ? -15.70728 -14.82662 -10.54261 1.000 32.22852 ? 21  HIS B NE2 1 
ATOM   727  N N   . LEU B 1 12 ? -12.48176 -18.05030 -9.06259  1.000 20.61985 ? 22  LEU B N   1 
ATOM   728  C CA  . LEU B 1 12 ? -11.62047 -17.52391 -8.00982  1.000 18.32212 ? 22  LEU B CA  1 
ATOM   729  C C   . LEU B 1 12 ? -10.94603 -18.62472 -7.19556  1.000 22.57950 ? 22  LEU B C   1 
ATOM   730  O O   . LEU B 1 12 ? -10.42017 -18.33937 -6.11150  1.000 23.14628 ? 22  LEU B O   1 
ATOM   731  C CB  . LEU B 1 12 ? -12.41330 -16.61505 -7.06318  1.000 20.65860 ? 22  LEU B CB  1 
ATOM   732  C CG  . LEU B 1 12 ? -13.02452 -15.35716 -7.70155  1.000 23.53513 ? 22  LEU B CG  1 
ATOM   733  C CD1 . LEU B 1 12 ? -13.93299 -14.64758 -6.72520  1.000 24.25469 ? 22  LEU B CD1 1 
ATOM   734  C CD2 . LEU B 1 12 ? -11.93056 -14.40444 -8.22233  1.000 23.87009 ? 22  LEU B CD2 1 
ATOM   735  N N   . ARG B 1 13 ? -10.97610 -19.87385 -7.66147  1.000 20.17755 ? 23  ARG B N   1 
ATOM   736  C CA  . ARG B 1 13 ? -10.45804 -20.98201 -6.86319  1.000 20.91707 ? 23  ARG B CA  1 
ATOM   737  C C   . ARG B 1 13 ? -8.96290  -21.21429 -7.03930  1.000 23.53775 ? 23  ARG B C   1 
ATOM   738  O O   . ARG B 1 13 ? -8.40062  -22.04451 -6.31832  1.000 21.44187 ? 23  ARG B O   1 
ATOM   739  C CB  . ARG B 1 13 ? -11.23037 -22.27670 -7.16552  1.000 21.38957 ? 23  ARG B CB  1 
ATOM   740  C CG  . ARG B 1 13 ? -12.68691 -22.17401 -6.70017  1.000 21.79849 ? 23  ARG B CG  1 
ATOM   741  C CD  . ARG B 1 13 ? -13.49063 -23.44982 -6.91009  1.000 24.92350 ? 23  ARG B CD  1 
ATOM   742  N NE  . ARG B 1 13 ? -14.90022 -23.19570 -6.61610  1.000 25.48187 ? 23  ARG B NE  1 
ATOM   743  C CZ  . ARG B 1 13 ? -15.91837 -23.88624 -7.12875  1.000 24.57012 ? 23  ARG B CZ  1 
ATOM   744  N NH1 . ARG B 1 13 ? -15.69185 -24.89596 -7.96465  1.000 25.23614 ? 23  ARG B NH1 1 
ATOM   745  N NH2 . ARG B 1 13 ? -17.16614 -23.55945 -6.80818  1.000 24.30830 ? 23  ARG B NH2 1 
ATOM   746  N N   . LEU B 1 14 ? -8.29443  -20.50582 -7.94781  1.000 24.90544 ? 24  LEU B N   1 
ATOM   747  C CA  . LEU B 1 14 ? -6.83585  -20.53086 -7.92282  1.000 23.57719 ? 24  LEU B CA  1 
ATOM   748  C C   . LEU B 1 14 ? -6.33039  -19.97750 -6.59523  1.000 21.82466 ? 24  LEU B C   1 
ATOM   749  O O   . LEU B 1 14 ? -6.97804  -19.13805 -5.96572  1.000 20.58785 ? 24  LEU B O   1 
ATOM   750  C CB  . LEU B 1 14 ? -6.24773  -19.69237 -9.06022  1.000 22.70508 ? 24  LEU B CB  1 
ATOM   751  C CG  . LEU B 1 14 ? -6.32472  -20.15170 -10.51413 1.000 25.65888 ? 24  LEU B CG  1 
ATOM   752  C CD1 . LEU B 1 14 ? -5.71678  -19.07523 -11.40460 1.000 26.13168 ? 24  LEU B CD1 1 
ATOM   753  C CD2 . LEU B 1 14 ? -5.61849  -21.48293 -10.72281 1.000 22.44457 ? 24  LEU B CD2 1 
ATOM   754  N N   . GLN B 1 15 ? -5.14835  -20.42877 -6.18466  1.000 18.70723 ? 25  GLN B N   1 
ATOM   755  C CA  . GLN B 1 15 ? -4.46172  -19.75439 -5.09178  1.000 20.53674 ? 25  GLN B CA  1 
ATOM   756  C C   . GLN B 1 15 ? -4.28386  -18.28062 -5.45135  1.000 20.56742 ? 25  GLN B C   1 
ATOM   757  O O   . GLN B 1 15 ? -3.97033  -17.96396 -6.60174  1.000 22.75684 ? 25  GLN B O   1 
ATOM   758  C CB  . GLN B 1 15 ? -3.09476  -20.39441 -4.84624  1.000 20.12030 ? 25  GLN B CB  1 
ATOM   759  C CG  . GLN B 1 15 ? -3.15616  -21.82894 -4.43670  1.000 20.80345 ? 25  GLN B CG  1 
ATOM   760  C CD  . GLN B 1 15 ? -1.79411  -22.49288 -4.56280  1.000 21.90329 ? 25  GLN B CD  1 
ATOM   761  O OE1 . GLN B 1 15 ? -0.77251  -21.82987 -4.41123  1.000 24.31021 ? 25  GLN B OE1 1 
ATOM   762  N NE2 . GLN B 1 15 ? -1.77396  -23.78953 -4.86297  1.000 21.03632 ? 25  GLN B NE2 1 
ATOM   763  N N   . PRO B 1 16 ? -4.48018  -17.35901 -4.50369  1.000 21.07466 ? 26  PRO B N   1 
ATOM   764  C CA  . PRO B 1 16 ? -4.40379  -15.92859 -4.84909  1.000 23.42478 ? 26  PRO B CA  1 
ATOM   765  C C   . PRO B 1 16 ? -3.08884  -15.50994 -5.48297  1.000 21.70628 ? 26  PRO B C   1 
ATOM   766  O O   . PRO B 1 16 ? -3.06354  -14.54362 -6.25600  1.000 23.83329 ? 26  PRO B O   1 
ATOM   767  C CB  . PRO B 1 16 ? -4.61531  -15.22632 -3.49514  1.000 23.98647 ? 26  PRO B CB  1 
ATOM   768  C CG  . PRO B 1 16 ? -5.37887  -16.21831 -2.66669  1.000 27.64461 ? 26  PRO B CG  1 
ATOM   769  C CD  . PRO B 1 16 ? -4.89294  -17.58035 -3.10375  1.000 23.85176 ? 26  PRO B CD  1 
ATOM   770  N N   . ILE B 1 17 ? -1.98458  -16.19516 -5.18236  1.000 22.55804 ? 27  ILE B N   1 
ATOM   771  C CA  . ILE B 1 17 ? -0.72201  -15.78226 -5.77514  1.000 22.53919 ? 27  ILE B CA  1 
ATOM   772  C C   . ILE B 1 17 ? -0.73211  -15.95496 -7.28716  1.000 24.83372 ? 27  ILE B C   1 
ATOM   773  O O   . ILE B 1 17 ? 0.10411   -15.36633 -7.97493  1.000 24.97995 ? 27  ILE B O   1 
ATOM   774  C CB  . ILE B 1 17 ? 0.45068   -16.55926 -5.13812  1.000 24.97178 ? 27  ILE B CB  1 
ATOM   775  C CG1 . ILE B 1 17 ? 1.77367   -15.83477 -5.41579  1.000 28.51535 ? 27  ILE B CG1 1 
ATOM   776  C CG2 . ILE B 1 17 ? 0.49502   -17.99829 -5.65085  1.000 25.07480 ? 27  ILE B CG2 1 
ATOM   777  C CD1 . ILE B 1 17 ? 2.97457   -16.49097 -4.75981  1.000 31.11181 ? 27  ILE B CD1 1 
ATOM   778  N N   . TYR B 1 18 ? -1.65429  -16.74869 -7.83794  1.000 21.93796 ? 28  TYR B N   1 
ATOM   779  C CA  . TYR B 1 18 ? -1.76656  -16.87580 -9.28716  1.000 22.32121 ? 28  TYR B CA  1 
ATOM   780  C C   . TYR B 1 18 ? -2.90390  -16.04600 -9.87274  1.000 25.51213 ? 28  TYR B C   1 
ATOM   781  O O   . TYR B 1 18 ? -3.14380  -16.12301 -11.08252 1.000 26.21302 ? 28  TYR B O   1 
ATOM   782  C CB  . TYR B 1 18 ? -1.93292  -18.35933 -9.70298  1.000 22.21897 ? 28  TYR B CB  1 
ATOM   783  C CG  . TYR B 1 18 ? -0.81354  -19.24672 -9.20238  1.000 23.67217 ? 28  TYR B CG  1 
ATOM   784  C CD1 . TYR B 1 18 ? 0.46955   -19.14159 -9.74179  1.000 26.63011 ? 28  TYR B CD1 1 
ATOM   785  C CD2 . TYR B 1 18 ? -1.02504  -20.15942 -8.16918  1.000 23.90123 ? 28  TYR B CD2 1 
ATOM   786  C CE1 . TYR B 1 18 ? 1.51455   -19.92461 -9.27306  1.000 25.74799 ? 28  TYR B CE1 1 
ATOM   787  C CE2 . TYR B 1 18 ? 0.02744   -20.96188 -7.68636  1.000 23.05058 ? 28  TYR B CE2 1 
ATOM   788  C CZ  . TYR B 1 18 ? 1.29185   -20.82742 -8.24754  1.000 27.59512 ? 28  TYR B CZ  1 
ATOM   789  O OH  . TYR B 1 18 ? 2.34948   -21.59454 -7.79561  1.000 31.90633 ? 28  TYR B OH  1 
ATOM   790  N N   . TRP B 1 19 ? -3.62199  -15.27413 -9.05639  1.000 23.93194 ? 29  TRP B N   1 
ATOM   791  C CA  . TRP B 1 19 ? -4.70684  -14.45505 -9.58851  1.000 25.51060 ? 29  TRP B CA  1 
ATOM   792  C C   . TRP B 1 19 ? -4.16981  -13.39193 -10.53538 1.000 26.61906 ? 29  TRP B C   1 
ATOM   793  O O   . TRP B 1 19 ? -3.19027  -12.70242 -10.23308 1.000 28.89017 ? 29  TRP B O   1 
ATOM   794  C CB  . TRP B 1 19 ? -5.47373  -13.75595 -8.46505  1.000 24.29283 ? 29  TRP B CB  1 
ATOM   795  C CG  . TRP B 1 19 ? -6.40080  -14.62067 -7.66363  1.000 21.87732 ? 29  TRP B CG  1 
ATOM   796  C CD1 . TRP B 1 19 ? -6.60948  -15.96447 -7.79558  1.000 23.06486 ? 29  TRP B CD1 1 
ATOM   797  C CD2 . TRP B 1 19 ? -7.24030  -14.18555 -6.59112  1.000 23.00493 ? 29  TRP B CD2 1 
ATOM   798  N NE1 . TRP B 1 19 ? -7.54341  -16.38909 -6.87561  1.000 21.85824 ? 29  TRP B NE1 1 
ATOM   799  C CE2 . TRP B 1 19 ? -7.93467  -15.31447 -6.11663  1.000 20.79750 ? 29  TRP B CE2 1 
ATOM   800  C CE3 . TRP B 1 19 ? -7.46974  -12.94712 -5.98379  1.000 26.18013 ? 29  TRP B CE3 1 
ATOM   801  C CZ2 . TRP B 1 19 ? -8.83717  -15.24447 -5.05612  1.000 24.67123 ? 29  TRP B CZ2 1 
ATOM   802  C CZ3 . TRP B 1 19 ? -8.36900  -12.87986 -4.93183  1.000 25.22225 ? 29  TRP B CZ3 1 
ATOM   803  C CH2 . TRP B 1 19 ? -9.04562  -14.02089 -4.48040  1.000 24.01626 ? 29  TRP B CH2 1 
ATOM   804  N N   . SER B 1 20 ? -4.85769  -13.22198 -11.66240 1.000 28.22810 ? 30  SER B N   1 
ATOM   805  C CA  . SER B 1 20 ? -4.59136  -12.12577 -12.58388 1.000 29.78941 ? 30  SER B CA  1 
ATOM   806  C C   . SER B 1 20 ? -5.18106  -10.82038 -12.05547 1.000 28.30518 ? 30  SER B C   1 
ATOM   807  O O   . SER B 1 20 ? -5.97586  -10.80190 -11.11303 1.000 26.25877 ? 30  SER B O   1 
ATOM   808  C CB  . SER B 1 20 ? -5.20236  -12.41716 -13.95355 1.000 26.79890 ? 30  SER B CB  1 
ATOM   809  O OG  . SER B 1 20 ? -6.60806  -12.45485 -13.82941 1.000 27.72583 ? 30  SER B OG  1 
ATOM   810  N N   . ARG B 1 21 ? -4.82190  -9.71267  -12.71137 1.000 28.48568 ? 31  ARG B N   1 
ATOM   811  C CA  . ARG B 1 21 ? -5.49011  -8.45080  -12.40107 1.000 28.65750 ? 31  ARG B CA  1 
ATOM   812  C C   . ARG B 1 21 ? -6.99494  -8.57286  -12.58675 1.000 28.45694 ? 31  ARG B C   1 
ATOM   813  O O   . ARG B 1 21 ? -7.77328  -8.01272  -11.80468 1.000 24.89216 ? 31  ARG B O   1 
ATOM   814  C CB  . ARG B 1 21 ? -4.92464  -7.33157  -13.27001 1.000 32.37459 ? 31  ARG B CB  1 
ATOM   815  C CG  . ARG B 1 21 ? -3.54897  -6.90436  -12.82107 1.000 40.86221 ? 31  ARG B CG  1 
ATOM   816  C CD  . ARG B 1 21 ? -2.81294  -6.04425  -13.83674 1.000 48.44040 ? 31  ARG B CD  1 
ATOM   817  N NE  . ARG B 1 21 ? -1.42843  -5.84633  -13.40252 1.000 53.73553 ? 31  ARG B NE  1 
ATOM   818  C CZ  . ARG B 1 21 ? -0.51961  -6.82087  -13.33789 1.000 52.98591 ? 31  ARG B CZ  1 
ATOM   819  N NH1 . ARG B 1 21 ? -0.84421  -8.06619  -13.67833 1.000 48.50258 ? 31  ARG B NH1 1 
ATOM   820  N NH2 . ARG B 1 21 ? 0.71624   -6.55915  -12.92909 1.000 53.90562 ? 31  ARG B NH2 1 
ATOM   821  N N   . ASP B 1 22 ? -7.42772  -9.32047  -13.61093 1.000 31.36025 ? 32  ASP B N   1 
ATOM   822  C CA  . ASP B 1 22 ? -8.86085  -9.54152  -13.80938 1.000 32.61059 ? 32  ASP B CA  1 
ATOM   823  C C   . ASP B 1 22 ? -9.46758  -10.34481 -12.66139 1.000 28.15605 ? 32  ASP B C   1 
ATOM   824  O O   . ASP B 1 22 ? -10.57736 -10.04030 -12.20111 1.000 27.67545 ? 32  ASP B O   1 
ATOM   825  C CB  . ASP B 1 22 ? -9.10606  -10.24128 -15.15267 1.000 37.40596 ? 32  ASP B CB  1 
ATOM   826  C CG  . ASP B 1 22 ? -8.91376  -9.30809  -16.34601 1.000 53.01591 ? 32  ASP B CG  1 
ATOM   827  O OD1 . ASP B 1 22 ? -9.18297  -8.09243  -16.21064 1.000 52.47837 ? 32  ASP B OD1 1 
ATOM   828  O OD2 . ASP B 1 22 ? -8.48976  -9.78804  -17.42051 1.000 63.92591 ? 32  ASP B OD2 1 
ATOM   829  N N   . ASP B 1 23 ? -8.75567  -11.36961 -12.18012 1.000 28.50607 ? 33  ASP B N   1 
ATOM   830  C CA  . ASP B 1 23 ? -9.25417  -12.13791 -11.04520 1.000 27.27948 ? 33  ASP B CA  1 
ATOM   831  C C   . ASP B 1 23 ? -9.45697  -11.24325 -9.82919  1.000 26.67912 ? 33  ASP B C   1 
ATOM   832  O O   . ASP B 1 23 ? -10.47343 -11.34640 -9.13584  1.000 25.45273 ? 33  ASP B O   1 
ATOM   833  C CB  . ASP B 1 23 ? -8.28787  -13.28611 -10.71124 1.000 23.95765 ? 33  ASP B CB  1 
ATOM   834  C CG  . ASP B 1 23 ? -8.27145  -14.38023 -11.77829 1.000 27.05393 ? 33  ASP B CG  1 
ATOM   835  O OD1 . ASP B 1 23 ? -9.32268  -14.62740 -12.41941 1.000 29.53146 ? 33  ASP B OD1 1 
ATOM   836  O OD2 . ASP B 1 23 ? -7.20124  -14.98994 -11.97566 1.000 29.17950 ? 33  ASP B OD2 1 
ATOM   837  N N   . VAL B 1 24 ? -8.49413  -10.36775 -9.54478  1.000 23.57145 ? 34  VAL B N   1 
ATOM   838  C CA  . VAL B 1 24 ? -8.64270  -9.45453  -8.41154  1.000 25.02265 ? 34  VAL B CA  1 
ATOM   839  C C   . VAL B 1 24 ? -9.89507  -8.59340  -8.58341  1.000 26.13473 ? 34  VAL B C   1 
ATOM   840  O O   . VAL B 1 24 ? -10.69062 -8.42538  -7.65063  1.000 28.66032 ? 34  VAL B O   1 
ATOM   841  C CB  . VAL B 1 24 ? -7.37746  -8.59743  -8.25142  1.000 25.38856 ? 34  VAL B CB  1 
ATOM   842  C CG1 . VAL B 1 24 ? -7.55917  -7.56646  -7.14561  1.000 27.51391 ? 34  VAL B CG1 1 
ATOM   843  C CG2 . VAL B 1 24 ? -6.17640  -9.50642  -7.93970  1.000 25.82207 ? 34  VAL B CG2 1 
ATOM   844  N N   . ALA B 1 25 ? -10.09061 -8.04167  -9.78004  1.000 26.57998 ? 35  ALA B N   1 
ATOM   845  C CA  . ALA B 1 25 ? -11.28844 -7.23609  -10.01883 1.000 28.26248 ? 35  ALA B CA  1 
ATOM   846  C C   . ALA B 1 25 ? -12.55787 -8.04547  -9.77758  1.000 28.93789 ? 35  ALA B C   1 
ATOM   847  O O   . ALA B 1 25 ? -13.51182 -7.55162  -9.15943  1.000 24.90873 ? 35  ALA B O   1 
ATOM   848  C CB  . ALA B 1 25 ? -11.26602 -6.66918  -11.43569 1.000 29.78273 ? 35  ALA B CB  1 
ATOM   849  N N   . GLN B 1 26 ? -12.58965 -9.29772  -10.25259 1.000 26.69690 ? 36  GLN B N   1 
ATOM   850  C CA  . GLN B 1 26 ? -13.76820 -10.14039 -10.05458 1.000 27.79661 ? 36  GLN B CA  1 
ATOM   851  C C   . GLN B 1 26 ? -13.93373 -10.54065 -8.59451  1.000 29.59246 ? 36  GLN B C   1 
ATOM   852  O O   . GLN B 1 26 ? -15.06253 -10.73375 -8.11919  1.000 27.22878 ? 36  GLN B O   1 
ATOM   853  C CB  . GLN B 1 26 ? -13.67406 -11.38548 -10.94662 1.000 28.76022 ? 36  GLN B CB  1 
ATOM   854  C CG  . GLN B 1 26 ? -13.57646 -11.05178 -12.42903 1.000 27.83679 ? 36  GLN B CG  1 
ATOM   855  C CD  . GLN B 1 26 ? -14.73172 -10.18200 -12.89004 1.000 39.00101 ? 36  GLN B CD  1 
ATOM   856  O OE1 . GLN B 1 26 ? -15.89679 -10.47928 -12.61324 1.000 36.27143 ? 36  GLN B OE1 1 
ATOM   857  N NE2 . GLN B 1 26 ? -14.41409 -9.08893  -13.57663 1.000 40.93564 ? 36  GLN B NE2 1 
ATOM   858  N N   . TRP B 1 27 ? -12.82800 -10.67265 -7.86132  1.000 23.28114 ? 37  TRP B N   1 
ATOM   859  C CA  . TRP B 1 27 ? -12.93853 -10.92909 -6.43215  1.000 22.70874 ? 37  TRP B CA  1 
ATOM   860  C C   . TRP B 1 27 ? -13.60361 -9.76398  -5.71168  1.000 27.89415 ? 37  TRP B C   1 
ATOM   861  O O   . TRP B 1 27 ? -14.45053 -9.96441  -4.83166  1.000 26.87518 ? 37  TRP B O   1 
ATOM   862  C CB  . TRP B 1 27 ? -11.54981 -11.18986 -5.85166  1.000 27.79025 ? 37  TRP B CB  1 
ATOM   863  C CG  . TRP B 1 27 ? -11.51578 -11.27983 -4.36602  1.000 26.95870 ? 37  TRP B CG  1 
ATOM   864  C CD1 . TRP B 1 27 ? -12.05251 -12.25750 -3.59371  1.000 27.54162 ? 37  TRP B CD1 1 
ATOM   865  C CD2 . TRP B 1 27 ? -10.88996 -10.34882 -3.46650  1.000 27.41846 ? 37  TRP B CD2 1 
ATOM   866  N NE1 . TRP B 1 27 ? -11.80459 -12.00011 -2.26038  1.000 26.67634 ? 37  TRP B NE1 1 
ATOM   867  C CE2 . TRP B 1 27 ? -11.08738 -10.83336 -2.16069  1.000 29.44321 ? 37  TRP B CE2 1 
ATOM   868  C CE3 . TRP B 1 27 ? -10.18238 -9.15458  -3.64632  1.000 26.65504 ? 37  TRP B CE3 1 
ATOM   869  C CZ2 . TRP B 1 27 ? -10.60132 -10.16045 -1.02355  1.000 26.68652 ? 37  TRP B CZ2 1 
ATOM   870  C CZ3 . TRP B 1 27 ? -9.69009  -8.48601  -2.51468  1.000 27.09146 ? 37  TRP B CZ3 1 
ATOM   871  C CH2 . TRP B 1 27 ? -9.90353  -8.99638  -1.22660  1.000 27.49638 ? 37  TRP B CH2 1 
ATOM   872  N N   . LEU B 1 28 ? -13.21349 -8.53341  -6.05185  1.000 27.55758 ? 38  LEU B N   1 
ATOM   873  C CA  . LEU B 1 28 ? -13.87006 -7.36652  -5.46459  1.000 29.14582 ? 38  LEU B CA  1 
ATOM   874  C C   . LEU B 1 28 ? -15.35772 -7.36168  -5.78734  1.000 31.86365 ? 38  LEU B C   1 
ATOM   875  O O   . LEU B 1 28 ? -16.19983 -7.12963  -4.91227  1.000 33.08156 ? 38  LEU B O   1 
ATOM   876  C CB  . LEU B 1 28 ? -13.22829 -6.07791  -5.97891  1.000 29.43037 ? 38  LEU B CB  1 
ATOM   877  C CG  . LEU B 1 28 ? -11.76078 -5.83580  -5.65877  1.000 31.24204 ? 38  LEU B CG  1 
ATOM   878  C CD1 . LEU B 1 28 ? -11.31732 -4.57762  -6.39163  1.000 31.70560 ? 38  LEU B CD1 1 
ATOM   879  C CD2 . LEU B 1 28 ? -11.55584 -5.71147  -4.15317  1.000 30.51438 ? 38  LEU B CD2 1 
ATOM   880  N N   . LYS B 1 29 ? -15.69312 -7.59963  -7.04935  1.000 28.70526 ? 39  LYS B N   1 
ATOM   881  C CA  . LYS B 1 29 ? -17.09575 -7.59606  -7.44925  1.000 34.59962 ? 39  LYS B CA  1 
ATOM   882  C C   . LYS B 1 29 ? -17.87832 -8.64881  -6.68235  1.000 35.65169 ? 39  LYS B C   1 
ATOM   883  O O   . LYS B 1 29 ? -18.98618 -8.38417  -6.20195  1.000 33.79048 ? 39  LYS B O   1 
ATOM   884  C CB  . LYS B 1 29 ? -17.19668 -7.81886  -8.95584  1.000 32.61156 ? 39  LYS B CB  1 
ATOM   885  C CG  . LYS B 1 29 ? -18.61487 -7.91760  -9.48466  1.000 47.21938 ? 39  LYS B CG  1 
ATOM   886  C CD  . LYS B 1 29 ? -18.62245 -8.29020  -10.95745 1.000 49.68642 ? 39  LYS B CD  1 
ATOM   887  C CE  . LYS B 1 29 ? -20.02894 -8.60866  -11.44113 1.000 56.91181 ? 39  LYS B CE  1 
ATOM   888  N NZ  . LYS B 1 29 ? -20.05045 -8.99155  -12.88185 1.000 60.70164 ? 39  LYS B NZ  1 
ATOM   889  N N   . TRP B 1 30 ? -17.30071 -9.84429  -6.53332  1.000 31.43962 ? 40  TRP B N   1 
ATOM   890  C CA  . TRP B 1 30 ? -17.95929 -10.91800 -5.80144  1.000 32.85075 ? 40  TRP B CA  1 
ATOM   891  C C   . TRP B 1 30 ? -18.09879 -10.58675 -4.32278  1.000 34.72451 ? 40  TRP B C   1 
ATOM   892  O O   . TRP B 1 30 ? -19.14794 -10.84983 -3.72193  1.000 35.60718 ? 40  TRP B O   1 
ATOM   893  C CB  . TRP B 1 30 ? -17.18091 -12.22410 -5.99459  1.000 29.46315 ? 40  TRP B CB  1 
ATOM   894  C CG  . TRP B 1 30 ? -17.60250 -13.32336 -5.07479  1.000 31.60018 ? 40  TRP B CG  1 
ATOM   895  C CD1 . TRP B 1 30 ? -18.66672 -14.17103 -5.24200  1.000 35.27331 ? 40  TRP B CD1 1 
ATOM   896  C CD2 . TRP B 1 30 ? -16.97765 -13.70179 -3.84456  1.000 31.90341 ? 40  TRP B CD2 1 
ATOM   897  N NE1 . TRP B 1 30 ? -18.73951 -15.04467 -4.19017  1.000 32.95532 ? 40  TRP B NE1 1 
ATOM   898  C CE2 . TRP B 1 30 ? -17.71378 -14.78178 -3.31867  1.000 33.95346 ? 40  TRP B CE2 1 
ATOM   899  C CE3 . TRP B 1 30 ? -15.86383 -13.23317 -3.13493  1.000 31.25868 ? 40  TRP B CE3 1 
ATOM   900  C CZ2 . TRP B 1 30 ? -17.37582 -15.40075 -2.11882  1.000 35.33269 ? 40  TRP B CZ2 1 
ATOM   901  C CZ3 . TRP B 1 30 ? -15.53158 -13.84730 -1.94275  1.000 34.87372 ? 40  TRP B CZ3 1 
ATOM   902  C CH2 . TRP B 1 30 ? -16.28859 -14.91980 -1.44314  1.000 37.60441 ? 40  TRP B CH2 1 
ATOM   903  N N   . ALA B 1 31 ? -17.04973 -10.02314 -3.71134  1.000 32.23252 ? 41  ALA B N   1 
ATOM   904  C CA  . ALA B 1 31 ? -17.12122 -9.68960  -2.29466  1.000 30.42731 ? 41  ALA B CA  1 
ATOM   905  C C   . ALA B 1 31 ? -18.15181 -8.59855  -2.04557  1.000 36.27013 ? 41  ALA B C   1 
ATOM   906  O O   . ALA B 1 31 ? -18.90367 -8.65244  -1.06541  1.000 36.39150 ? 41  ALA B O   1 
ATOM   907  C CB  . ALA B 1 31 ? -15.74761 -9.24940  -1.78814  1.000 32.48693 ? 41  ALA B CB  1 
ATOM   908  N N   . GLU B 1 32 ? -18.19359 -7.59459  -2.91932  1.000 32.69025 ? 42  GLU B N   1 
ATOM   909  C CA  . GLU B 1 32 ? -19.15977 -6.51585  -2.74326  1.000 38.45567 ? 42  GLU B CA  1 
ATOM   910  C C   . GLU B 1 32 ? -20.57887 -7.06470  -2.71758  1.000 41.29861 ? 42  GLU B C   1 
ATOM   911  O O   . GLU B 1 32 ? -21.35678 -6.77664  -1.79878  1.000 42.58757 ? 42  GLU B O   1 
ATOM   912  C CB  . GLU B 1 32 ? -18.99853 -5.48655  -3.85708  1.000 40.02521 ? 42  GLU B CB  1 
ATOM   913  C CG  . GLU B 1 32 ? -19.93060 -4.30437  -3.72192  1.000 45.54342 ? 42  GLU B CG  1 
ATOM   914  C CD  . GLU B 1 32 ? -19.74988 -3.29402  -4.83414  1.000 53.54327 ? 42  GLU B CD  1 
ATOM   915  O OE1 . GLU B 1 32 ? -18.64951 -3.25222  -5.42729  1.000 56.37262 ? 42  GLU B OE1 1 
ATOM   916  O OE2 . GLU B 1 32 ? -20.71144 -2.54748  -5.11840  1.000 56.80266 ? 42  GLU B OE2 1 
ATOM   917  N N   . ASN B 1 33 ? -20.92247 -7.88959  -3.70912  1.000 39.04489 ? 43  ASN B N   1 
ATOM   918  C CA  . ASN B 1 33 ? -22.28055 -8.41933  -3.78897  1.000 42.44868 ? 43  ASN B CA  1 
ATOM   919  C C   . ASN B 1 33 ? -22.52677 -9.48870  -2.73318  1.000 44.29665 ? 43  ASN B C   1 
ATOM   920  O O   . ASN B 1 33 ? -23.60756 -9.54367  -2.13473  1.000 44.61230 ? 43  ASN B O   1 
ATOM   921  C CB  . ASN B 1 33 ? -22.54225 -8.98481  -5.18005  1.000 42.52835 ? 43  ASN B CB  1 
ATOM   922  C CG  . ASN B 1 33 ? -23.96997 -9.47302  -5.34134  1.000 57.98364 ? 43  ASN B CG  1 
ATOM   923  O OD1 . ASN B 1 33 ? -24.85045 -8.71713  -5.75657  1.000 70.24591 ? 43  ASN B OD1 1 
ATOM   924  N ND2 . ASN B 1 33 ? -24.21087 -10.73807 -4.99792  1.000 56.70505 ? 43  ASN B ND2 1 
ATOM   925  N N   . GLU B 1 34 ? -21.53973 -10.34974 -2.48736  1.000 35.46774 ? 44  GLU B N   1 
ATOM   926  C CA  . GLU B 1 34 ? -21.76622 -11.47765 -1.59442  1.000 42.38452 ? 44  GLU B CA  1 
ATOM   927  C C   . GLU B 1 34 ? -21.95514 -11.01738 -0.15359  1.000 46.13411 ? 44  GLU B C   1 
ATOM   928  O O   . GLU B 1 34 ? -22.76459 -11.58747 0.58778   1.000 46.43440 ? 44  GLU B O   1 
ATOM   929  C CB  . GLU B 1 34 ? -20.60187 -12.46397 -1.70526  1.000 42.82079 ? 44  GLU B CB  1 
ATOM   930  C CG  . GLU B 1 34 ? -20.73776 -13.69152 -0.83894  1.000 45.05178 ? 44  GLU B CG  1 
ATOM   931  C CD  . GLU B 1 34 ? -21.80165 -14.64812 -1.34114  1.000 52.36074 ? 44  GLU B CD  1 
ATOM   932  O OE1 . GLU B 1 34 ? -22.30271 -14.45056 -2.47286  1.000 56.15252 ? 44  GLU B OE1 1 
ATOM   933  O OE2 . GLU B 1 34 ? -22.13483 -15.59846 -0.60000  1.000 58.02733 ? 44  GLU B OE2 1 
ATOM   934  N N   . PHE B 1 35 ? -21.22448 -9.98792  0.26596   1.000 42.62292 ? 45  PHE B N   1 
ATOM   935  C CA  . PHE B 1 35 ? -21.25188 -9.55745  1.65583   1.000 44.39600 ? 45  PHE B CA  1 
ATOM   936  C C   . PHE B 1 35 ? -21.85306 -8.16839  1.83172   1.000 48.22862 ? 45  PHE B C   1 
ATOM   937  O O   . PHE B 1 35 ? -21.74740 -7.59181  2.92020   1.000 47.97161 ? 45  PHE B O   1 
ATOM   938  C CB  . PHE B 1 35 ? -19.84220 -9.61898  2.24548   1.000 42.71158 ? 45  PHE B CB  1 
ATOM   939  C CG  . PHE B 1 35 ? -19.22133 -10.98790 2.17273   1.000 42.85701 ? 45  PHE B CG  1 
ATOM   940  C CD1 . PHE B 1 35 ? -19.36563 -11.88578 3.21573   1.000 46.55170 ? 45  PHE B CD1 1 
ATOM   941  C CD2 . PHE B 1 35 ? -18.49388 -11.37779 1.05503   1.000 43.08269 ? 45  PHE B CD2 1 
ATOM   942  C CE1 . PHE B 1 35 ? -18.79277 -13.15019 3.14966   1.000 46.82145 ? 45  PHE B CE1 1 
ATOM   943  C CE2 . PHE B 1 35 ? -17.91797 -12.63827 0.98408   1.000 42.82105 ? 45  PHE B CE2 1 
ATOM   944  C CZ  . PHE B 1 35 ? -18.06743 -13.52188 2.02818   1.000 43.22410 ? 45  PHE B CZ  1 
ATOM   945  N N   . SER B 1 36 ? -22.49207 -7.62639  0.79566   1.000 47.16496 ? 46  SER B N   1 
ATOM   946  C CA  . SER B 1 36 ? -23.18258 -6.34087  0.88232   1.000 48.89357 ? 46  SER B CA  1 
ATOM   947  C C   . SER B 1 36 ? -22.25558 -5.25201  1.41716   1.000 51.91437 ? 46  SER B C   1 
ATOM   948  O O   . SER B 1 36 ? -22.56737 -4.54785  2.38133   1.000 49.46553 ? 46  SER B O   1 
ATOM   949  C CB  . SER B 1 36 ? -24.44050 -6.45396  1.74605   1.000 50.58950 ? 46  SER B CB  1 
ATOM   950  O OG  . SER B 1 36 ? -25.39690 -7.30508  1.14116   1.000 55.01536 ? 46  SER B OG  1 
ATOM   951  N N   . LEU B 1 37 ? -21.09495 -5.12489  0.78577   1.000 47.38702 ? 47  LEU B N   1 
ATOM   952  C CA  . LEU B 1 37 ? -20.16452 -4.07616  1.15780   1.000 48.49889 ? 47  LEU B CA  1 
ATOM   953  C C   . LEU B 1 37 ? -20.53238 -2.78132  0.44461   1.000 50.31451 ? 47  LEU B C   1 
ATOM   954  O O   . LEU B 1 37 ? -21.26909 -2.77774  -0.54219  1.000 49.22237 ? 47  LEU B O   1 
ATOM   955  C CB  . LEU B 1 37 ? -18.73352 -4.48464  0.80905   1.000 46.56478 ? 47  LEU B CB  1 
ATOM   956  C CG  . LEU B 1 37 ? -18.34040 -5.91224  1.19022   1.000 43.15068 ? 47  LEU B CG  1 
ATOM   957  C CD1 . LEU B 1 37 ? -16.94068 -6.23128  0.68776   1.000 39.70864 ? 47  LEU B CD1 1 
ATOM   958  C CD2 . LEU B 1 37 ? -18.43841 -6.11908  2.68281   1.000 42.28252 ? 47  LEU B CD2 1 
ATOM   959  N N   . ARG B 1 38 ? -20.00955 -1.67048  0.95316   1.000 52.47413 ? 48  ARG B N   1 
ATOM   960  C CA  . ARG B 1 38 ? -20.20013 -0.40891  0.26217   1.000 56.13521 ? 48  ARG B CA  1 
ATOM   961  C C   . ARG B 1 38 ? -19.45739 -0.43173  -1.07255  1.000 55.38312 ? 48  ARG B C   1 
ATOM   962  O O   . ARG B 1 38 ? -18.47375 -1.15834  -1.23230  1.000 57.49446 ? 48  ARG B O   1 
ATOM   963  C CB  . ARG B 1 38 ? -19.72064 0.75247   1.12395   1.000 59.65263 ? 48  ARG B CB  1 
ATOM   964  C CG  . ARG B 1 38 ? -20.51210 0.87508   2.41160   1.000 58.91336 ? 48  ARG B CG  1 
ATOM   965  C CD  . ARG B 1 38 ? -20.04457 2.03090   3.26398   1.000 64.20053 ? 48  ARG B CD  1 
ATOM   966  N NE  . ARG B 1 38 ? -20.42665 1.82589   4.65731   1.000 68.08091 ? 48  ARG B NE  1 
ATOM   967  C CZ  . ARG B 1 38 ? -19.84719 0.93724   5.46225   1.000 73.03591 ? 48  ARG B CZ  1 
ATOM   968  N NH1 . ARG B 1 38 ? -18.86351 0.17116   5.00847   1.000 65.86164 ? 48  ARG B NH1 1 
ATOM   969  N NH2 . ARG B 1 38 ? -20.24945 0.80650   6.71975   1.000 69.96748 ? 48  ARG B NH2 1 
ATOM   970  N N   . PRO B 1 39 ? -19.91484 0.34637   -2.04894  1.000 57.28667 ? 49  PRO B N   1 
ATOM   971  C CA  . PRO B 1 39 ? -19.36058 0.23273   -3.40433  1.000 56.84982 ? 49  PRO B CA  1 
ATOM   972  C C   . PRO B 1 39 ? -17.84288 0.36174   -3.41384  1.000 59.21659 ? 49  PRO B C   1 
ATOM   973  O O   . PRO B 1 39 ? -17.25833 1.16371   -2.68035  1.000 56.76194 ? 49  PRO B O   1 
ATOM   974  C CB  . PRO B 1 39 ? -20.03380 1.38243   -4.16557  1.000 59.50708 ? 49  PRO B CB  1 
ATOM   975  C CG  . PRO B 1 39 ? -20.61332 2.28324   -3.10485  1.000 64.74355 ? 49  PRO B CG  1 
ATOM   976  C CD  . PRO B 1 39 ? -20.93612 1.40162   -1.94604  1.000 58.49568 ? 49  PRO B CD  1 
ATOM   977  N N   . ILE B 1 40 ? -17.20687 -0.44863  -4.25593  1.000 54.90553 ? 50  ILE B N   1 
ATOM   978  C CA  . ILE B 1 40 ? -15.75785 -0.47923  -4.39888  1.000 53.64844 ? 50  ILE B CA  1 
ATOM   979  C C   . ILE B 1 40 ? -15.42218 -0.18482  -5.85197  1.000 53.15719 ? 50  ILE B C   1 
ATOM   980  O O   . ILE B 1 40 ? -15.93915 -0.84611  -6.75964  1.000 54.74471 ? 50  ILE B O   1 
ATOM   981  C CB  . ILE B 1 40 ? -15.17334 -1.84003  -3.97115  1.000 50.38512 ? 50  ILE B CB  1 
ATOM   982  C CG1 . ILE B 1 40 ? -15.60197 -2.18587  -2.54106  1.000 49.00078 ? 50  ILE B CG1 1 
ATOM   983  C CG2 . ILE B 1 40 ? -13.65513 -1.83773  -4.10712  1.000 49.82197 ? 50  ILE B CG2 1 
ATOM   984  C CD1 . ILE B 1 40 ? -15.45552 -3.65234  -2.18760  1.000 45.68798 ? 50  ILE B CD1 1 
ATOM   985  N N   . ASP B 1 41 ? -14.56455 0.80371   -6.07421  1.000 52.31677 ? 51  ASP B N   1 
ATOM   986  C CA  . ASP B 1 41 ? -14.04237 1.04960   -7.40964  1.000 51.93262 ? 51  ASP B CA  1 
ATOM   987  C C   . ASP B 1 41 ? -12.90577 0.07283   -7.67814  1.000 52.30774 ? 51  ASP B C   1 
ATOM   988  O O   . ASP B 1 41 ? -11.90435 0.06914   -6.95454  1.000 49.77381 ? 51  ASP B O   1 
ATOM   989  C CB  . ASP B 1 41 ? -13.55371 2.48840   -7.54492  1.000 54.39524 ? 51  ASP B CB  1 
ATOM   990  C CG  . ASP B 1 41 ? -13.06031 2.80056   -8.94022  1.000 56.75455 ? 51  ASP B CG  1 
ATOM   991  O OD1 . ASP B 1 41 ? -13.50351 2.12699   -9.89080  1.000 58.33881 ? 51  ASP B OD1 1 
ATOM   992  O OD2 . ASP B 1 41 ? -12.21777 3.70866   -9.08580  1.000 64.02951 ? 51  ASP B OD2 1 
ATOM   993  N N   . SER B 1 42 ? -13.06124 -0.76010  -8.71221  1.000 51.68650 ? 52  SER B N   1 
ATOM   994  C CA  . SER B 1 42 ? -12.00613 -1.70861  -9.05419  1.000 52.62033 ? 52  SER B CA  1 
ATOM   995  C C   . SER B 1 42 ? -10.71209 -0.98848  -9.39813  1.000 51.27383 ? 52  SER B C   1 
ATOM   996  O O   . SER B 1 42 ? -9.62570  -1.55309  -9.23490  1.000 48.82253 ? 52  SER B O   1 
ATOM   997  C CB  . SER B 1 42 ? -12.44430 -2.59573  -10.22164 1.000 50.84874 ? 52  SER B CB  1 
ATOM   998  O OG  . SER B 1 42 ? -12.43453 -1.87160  -11.43825 1.000 58.95361 ? 52  SER B OG  1 
ATOM   999  N N   . ASN B 1 43 ? -10.81124 0.26212   -9.85824  1.000 53.54496 ? 53  ASN B N   1 
ATOM   1000 C CA  . ASN B 1 43 ? -9.63315  1.04880   -10.20451 1.000 54.39934 ? 53  ASN B CA  1 
ATOM   1001 C C   . ASN B 1 43 ? -8.73069  1.30937   -9.00735  1.000 48.64992 ? 53  ASN B C   1 
ATOM   1002 O O   . ASN B 1 43 ? -7.57282  1.69620   -9.19570  1.000 48.35072 ? 53  ASN B O   1 
ATOM   1003 C CB  . ASN B 1 43 ? -10.05596 2.37996   -10.83169 1.000 59.83513 ? 53  ASN B CB  1 
ATOM   1004 C CG  . ASN B 1 43 ? -10.68888 2.20374   -12.19807 1.000 66.97355 ? 53  ASN B CG  1 
ATOM   1005 O OD1 . ASN B 1 43 ? -9.99126  2.12490   -13.21090 1.000 72.82046 ? 53  ASN B OD1 1 
ATOM   1006 N ND2 . ASN B 1 43 ? -12.01715 2.14129   -12.23453 1.000 64.84148 ? 53  ASN B ND2 1 
ATOM   1007 N N   . THR B 1 44 ? -9.22434  1.10734   -7.78464  1.000 47.19285 ? 54  THR B N   1 
ATOM   1008 C CA  . THR B 1 44 ? -8.38005  1.26539   -6.60801  1.000 46.37632 ? 54  THR B CA  1 
ATOM   1009 C C   . THR B 1 44 ? -7.54753  0.02663   -6.30126  1.000 42.47813 ? 54  THR B C   1 
ATOM   1010 O O   . THR B 1 44 ? -6.67178  0.09780   -5.43652  1.000 39.07435 ? 54  THR B O   1 
ATOM   1011 C CB  . THR B 1 44 ? -9.22230  1.61735   -5.37316  1.000 46.09416 ? 54  THR B CB  1 
ATOM   1012 O OG1 . THR B 1 44 ? -10.21288 0.60616   -5.15828  1.000 47.05375 ? 54  THR B OG1 1 
ATOM   1013 C CG2 . THR B 1 44 ? -9.91816  2.95776   -5.56390  1.000 51.74367 ? 54  THR B CG2 1 
ATOM   1014 N N   . PHE B 1 45 ? -7.79938  -1.10254  -6.96753  1.000 41.33916 ? 55  PHE B N   1 
ATOM   1015 C CA  . PHE B 1 45 ? -7.03296  -2.33266  -6.75088  1.000 39.00548 ? 55  PHE B CA  1 
ATOM   1016 C C   . PHE B 1 45 ? -6.56547  -2.87953  -8.10207  1.000 39.96985 ? 55  PHE B C   1 
ATOM   1017 O O   . PHE B 1 45 ? -6.83770  -4.01736  -8.48166  1.000 38.98283 ? 55  PHE B O   1 
ATOM   1018 C CB  . PHE B 1 45 ? -7.84070  -3.38287  -5.99443  1.000 36.63945 ? 55  PHE B CB  1 
ATOM   1019 C CG  . PHE B 1 45 ? -8.09718  -3.04224  -4.55982  1.000 35.78024 ? 55  PHE B CG  1 
ATOM   1020 C CD1 . PHE B 1 45 ? -9.21981  -2.30797  -4.19850  1.000 40.06632 ? 55  PHE B CD1 1 
ATOM   1021 C CD2 . PHE B 1 45 ? -7.22092  -3.45705  -3.56542  1.000 32.39321 ? 55  PHE B CD2 1 
ATOM   1022 C CE1 . PHE B 1 45 ? -9.45893  -1.99491  -2.87211  1.000 37.22979 ? 55  PHE B CE1 1 
ATOM   1023 C CE2 . PHE B 1 45 ? -7.44980  -3.14987  -2.24442  1.000 34.64309 ? 55  PHE B CE2 1 
ATOM   1024 C CZ  . PHE B 1 45 ? -8.57050  -2.41567  -1.89477  1.000 35.07554 ? 55  PHE B CZ  1 
ATOM   1025 N N   . GLU B 1 46 ? -5.84617  -2.03802  -8.84089  1.000 38.45309 ? 56  GLU B N   1 
ATOM   1026 C CA  . GLU B 1 46 ? -5.40337  -2.36669  -10.19443 1.000 42.06914 ? 56  GLU B CA  1 
ATOM   1027 C C   . GLU B 1 46 ? -4.08155  -3.12926  -10.10601 1.000 38.26031 ? 56  GLU B C   1 
ATOM   1028 O O   . GLU B 1 46 ? -2.99434  -2.59304  -10.32306 1.000 41.08874 ? 56  GLU B O   1 
ATOM   1029 C CB  . GLU B 1 46 ? -5.28233  -1.09208  -11.01545 1.000 47.82352 ? 56  GLU B CB  1 
ATOM   1030 C CG  . GLU B 1 46 ? -5.31814  -1.27894  -12.51224 1.000 53.75190 ? 56  GLU B CG  1 
ATOM   1031 C CD  . GLU B 1 46 ? -5.68667  0.00910   -13.22640 1.000 71.98591 ? 56  GLU B CD  1 
ATOM   1032 O OE1 . GLU B 1 46 ? -6.67732  0.65807   -12.81330 1.000 63.20563 ? 56  GLU B OE1 1 
ATOM   1033 O OE2 . GLU B 1 46 ? -4.97578  0.38058   -14.18520 1.000 84.28253 ? 56  GLU B OE2 1 
ATOM   1034 N N   . MET B 1 47 ? -4.18355  -4.41663  -9.78388  1.000 33.16462 ? 57  MET B N   1 
ATOM   1035 C CA  . MET B 1 47 ? -2.99903  -5.20924  -9.46278  1.000 31.69686 ? 57  MET B CA  1 
ATOM   1036 C C   . MET B 1 47 ? -3.35661  -6.68247  -9.57574  1.000 29.84876 ? 57  MET B C   1 
ATOM   1037 O O   . MET B 1 47 ? -4.53338  -7.04514  -9.57217  1.000 28.68200 ? 57  MET B O   1 
ATOM   1038 C CB  . MET B 1 47 ? -2.50493  -4.90861  -8.05118  1.000 30.77524 ? 57  MET B CB  1 
ATOM   1039 C CG  . MET B 1 47 ? -3.54122  -5.29402  -7.00797  1.000 32.06014 ? 57  MET B CG  1 
ATOM   1040 S SD  . MET B 1 47 ? -3.22210  -4.59249  -5.39274  1.000 37.48322 ? 57  MET B SD  1 
ATOM   1041 C CE  . MET B 1 47 ? -3.50709  -2.85599  -5.70429  1.000 41.02624 ? 57  MET B CE  1 
ATOM   1042 N N   . ASN B 1 48 ? -2.33089  -7.52973  -9.66532  1.000 29.24345 ? 58  ASN B N   1 
ATOM   1043 C CA  . ASN B 1 48 ? -2.57569  -8.96345  -9.68857  1.000 30.75153 ? 58  ASN B CA  1 
ATOM   1044 C C   . ASN B 1 48 ? -2.55066  -9.51895  -8.26593  1.000 28.48713 ? 58  ASN B C   1 
ATOM   1045 O O   . ASN B 1 48 ? -2.35631  -8.79358  -7.28741  1.000 25.70554 ? 58  ASN B O   1 
ATOM   1046 C CB  . ASN B 1 48 ? -1.57300  -9.67195  -10.59995 1.000 31.63594 ? 58  ASN B CB  1 
ATOM   1047 C CG  . ASN B 1 48 ? -0.13694  -9.56385  -10.10926 1.000 33.86247 ? 58  ASN B CG  1 
ATOM   1048 O OD1 . ASN B 1 48 ? 0.12223   -9.33262  -8.92972  1.000 31.38981 ? 58  ASN B OD1 1 
ATOM   1049 N ND2 . ASN B 1 48 ? 0.80758   -9.73992  -11.02700 1.000 35.15870 ? 58  ASN B ND2 1 
ATOM   1050 N N   . GLY B 1 49 ? -2.77544  -10.82553 -8.13699  1.000 27.08799 ? 59  GLY B N   1 
ATOM   1051 C CA  . GLY B 1 49 ? -2.91429  -11.39788 -6.80812  1.000 26.09504 ? 59  GLY B CA  1 
ATOM   1052 C C   . GLY B 1 49 ? -1.61534  -11.39793 -6.03276  1.000 28.95378 ? 59  GLY B C   1 
ATOM   1053 O O   . GLY B 1 49 ? -1.61960  -11.26879 -4.80105  1.000 26.91357 ? 59  GLY B O   1 
ATOM   1054 N N   . LYS B 1 50 ? -0.49249  -11.55777 -6.74045  1.000 27.62689 ? 60  LYS B N   1 
ATOM   1055 C CA  . LYS B 1 50 ? 0.81307   -11.52358 -6.10208  1.000 31.23250 ? 60  LYS B CA  1 
ATOM   1056 C C   . LYS B 1 50 ? 1.02496   -10.18683 -5.41076  1.000 30.49972 ? 60  LYS B C   1 
ATOM   1057 O O   . LYS B 1 50 ? 1.43432   -10.13966 -4.24332  1.000 30.01488 ? 60  LYS B O   1 
ATOM   1058 C CB  . LYS B 1 50 ? 1.89060   -11.78219 -7.15553  1.000 32.74084 ? 60  LYS B CB  1 
ATOM   1059 C CG  . LYS B 1 50 ? 3.22869   -12.23991 -6.63918  1.000 38.48047 ? 60  LYS B CG  1 
ATOM   1060 C CD  . LYS B 1 50 ? 4.16950   -12.46901 -7.81766  1.000 44.62167 ? 60  LYS B CD  1 
ATOM   1061 C CE  . LYS B 1 50 ? 5.34594   -13.36920 -7.45326  1.000 57.77936 ? 60  LYS B CE  1 
ATOM   1062 N NZ  . LYS B 1 50 ? 4.98448   -14.82007 -7.50859  1.000 58.60882 ? 60  LYS B NZ  1 
ATOM   1063 N N   . ASP B 1 51 ? 0.67259   -9.09373  -6.09695  1.000 31.54136 ? 61  ASP B N   1 
ATOM   1064 C CA  . ASP B 1 51 ? 0.78157   -7.75661  -5.51851  1.000 31.85601 ? 61  ASP B CA  1 
ATOM   1065 C C   . ASP B 1 51 ? -0.27659  -7.51563  -4.44883  1.000 31.75344 ? 61  ASP B C   1 
ATOM   1066 O O   . ASP B 1 51 ? -0.00351  -6.86172  -3.43366  1.000 30.16581 ? 61  ASP B O   1 
ATOM   1067 C CB  . ASP B 1 51 ? 0.66796   -6.70941  -6.62397  1.000 33.07831 ? 61  ASP B CB  1 
ATOM   1068 C CG  . ASP B 1 51 ? 1.82453   -6.77510  -7.59043  1.000 35.17744 ? 61  ASP B CG  1 
ATOM   1069 O OD1 . ASP B 1 51 ? 2.89855   -7.26046  -7.18010  1.000 43.64262 ? 61  ASP B OD1 1 
ATOM   1070 O OD2 . ASP B 1 51 ? 1.66343   -6.35363  -8.74423  1.000 45.23766 ? 61  ASP B OD2 1 
ATOM   1071 N N   . LEU B 1 52 ? -1.49828  -8.00687  -4.66882  1.000 29.75813 ? 62  LEU B N   1 
ATOM   1072 C CA  . LEU B 1 52 ? -2.53857  -7.87115  -3.65315  1.000 25.15044 ? 62  LEU B CA  1 
ATOM   1073 C C   . LEU B 1 52 ? -2.09065  -8.46231  -2.32540  1.000 26.96655 ? 62  LEU B C   1 
ATOM   1074 O O   . LEU B 1 52 ? -2.38867  -7.91178  -1.26122  1.000 23.62298 ? 62  LEU B O   1 
ATOM   1075 C CB  . LEU B 1 52 ? -3.82843  -8.55515  -4.11330  1.000 25.96267 ? 62  LEU B CB  1 
ATOM   1076 C CG  . LEU B 1 52 ? -5.05572  -8.44924  -3.20095  1.000 27.03912 ? 62  LEU B CG  1 
ATOM   1077 C CD1 . LEU B 1 52 ? -5.72561  -7.06921  -3.31387  1.000 28.17229 ? 62  LEU B CD1 1 
ATOM   1078 C CD2 . LEU B 1 52 ? -6.06526  -9.55826  -3.52005  1.000 26.10378 ? 62  LEU B CD2 1 
ATOM   1079 N N   . LEU B 1 53 ? -1.39366  -9.59816  -2.36910  1.000 24.30573 ? 63  LEU B N   1 
ATOM   1080 C CA  . LEU B 1 53 ? -0.95499  -10.27527 -1.15598  1.000 27.11956 ? 63  LEU B CA  1 
ATOM   1081 C C   . LEU B 1 53 ? 0.09754   -9.49216  -0.37895  1.000 28.42332 ? 63  LEU B C   1 
ATOM   1082 O O   . LEU B 1 53 ? 0.34452   -9.82063  0.78284   1.000 29.25806 ? 63  LEU B O   1 
ATOM   1083 C CB  . LEU B 1 53 ? -0.40909  -11.65885 -1.49898  1.000 28.19546 ? 63  LEU B CB  1 
ATOM   1084 C CG  . LEU B 1 53 ? -1.46784  -12.69276 -1.89190  1.000 27.24813 ? 63  LEU B CG  1 
ATOM   1085 C CD1 . LEU B 1 53 ? -0.81183  -13.86505 -2.60872  1.000 25.92466 ? 63  LEU B CD1 1 
ATOM   1086 C CD2 . LEU B 1 53 ? -2.21428  -13.17248 -0.66015  1.000 28.90771 ? 63  LEU B CD2 1 
ATOM   1087 N N   . LEU B 1 54 ? 0.71862   -8.48617  -0.97922  1.000 27.85616 ? 64  LEU B N   1 
ATOM   1088 C CA  . LEU B 1 54 ? 1.69632   -7.66515  -0.26806  1.000 29.47133 ? 64  LEU B CA  1 
ATOM   1089 C C   . LEU B 1 54 ? 1.05056   -6.51290  0.48921   1.000 32.97043 ? 64  LEU B C   1 
ATOM   1090 O O   . LEU B 1 54 ? 1.72036   -5.87479  1.31483   1.000 29.31237 ? 64  LEU B O   1 
ATOM   1091 C CB  . LEU B 1 54 ? 2.73819   -7.12051  -1.25150  1.000 25.86169 ? 64  LEU B CB  1 
ATOM   1092 C CG  . LEU B 1 54 ? 3.56735   -8.22495  -1.91948  1.000 34.09689 ? 64  LEU B CG  1 
ATOM   1093 C CD1 . LEU B 1 54 ? 4.62168   -7.64458  -2.84193  1.000 38.81591 ? 64  LEU B CD1 1 
ATOM   1094 C CD2 . LEU B 1 54 ? 4.21361   -9.06919  -0.85881  1.000 35.89661 ? 64  LEU B CD2 1 
ATOM   1095 N N   . LEU B 1 55 ? -0.22423  -6.23096  0.22958   1.000 27.44300 ? 65  LEU B N   1 
ATOM   1096 C CA  . LEU B 1 55 ? -0.90420  -5.14689  0.92389   1.000 27.95565 ? 65  LEU B CA  1 
ATOM   1097 C C   . LEU B 1 55 ? -1.07690  -5.47914  2.39591   1.000 31.15147 ? 65  LEU B C   1 
ATOM   1098 O O   . LEU B 1 55 ? -1.35028  -6.62580  2.76624   1.000 30.40170 ? 65  LEU B O   1 
ATOM   1099 C CB  . LEU B 1 55 ? -2.27924  -4.88299  0.30973   1.000 30.48695 ? 65  LEU B CB  1 
ATOM   1100 C CG  . LEU B 1 55 ? -2.33368  -4.36486  -1.11988  1.000 30.41065 ? 65  LEU B CG  1 
ATOM   1101 C CD1 . LEU B 1 55 ? -3.76005  -3.96657  -1.43358  1.000 30.58962 ? 65  LEU B CD1 1 
ATOM   1102 C CD2 . LEU B 1 55 ? -1.37313  -3.18558  -1.29388  1.000 32.87335 ? 65  LEU B CD2 1 
ATOM   1103 N N   . THR B 1 56 ? -0.93021  -4.46259  3.23919   1.000 30.20123 ? 66  THR B N   1 
ATOM   1104 C CA  . THR B 1 56 ? -1.31948  -4.59331  4.63234   1.000 29.26092 ? 66  THR B CA  1 
ATOM   1105 C C   . THR B 1 56 ? -2.77914  -4.17381  4.80830   1.000 30.16992 ? 66  THR B C   1 
ATOM   1106 O O   . THR B 1 56 ? -3.39143  -3.56859  3.92776   1.000 31.43998 ? 66  THR B O   1 
ATOM   1107 C CB  . THR B 1 56 ? -0.43654  -3.72820  5.52846   1.000 32.89499 ? 66  THR B CB  1 
ATOM   1108 O OG1 . THR B 1 56 ? -0.68777  -2.35562  5.21469   1.000 31.42322 ? 66  THR B OG1 1 
ATOM   1109 C CG2 . THR B 1 56 ? 1.04510   -4.05612  5.31341   1.000 30.17549 ? 66  THR B CG2 1 
ATOM   1110 N N   . LYS B 1 57 ? -3.33046  -4.47937  5.98597   1.000 33.02658 ? 67  LYS B N   1 
ATOM   1111 C CA  . LYS B 1 57 ? -4.67691  -4.01681  6.30295   1.000 32.10559 ? 67  LYS B CA  1 
ATOM   1112 C C   . LYS B 1 57 ? -4.79050  -2.50855  6.13151   1.000 36.29705 ? 67  LYS B C   1 
ATOM   1113 O O   . LYS B 1 57 ? -5.79504  -2.00778  5.61759   1.000 30.55511 ? 67  LYS B O   1 
ATOM   1114 C CB  . LYS B 1 57 ? -5.04785  -4.42157  7.72942   1.000 36.01978 ? 67  LYS B CB  1 
ATOM   1115 C CG  . LYS B 1 57 ? -6.52845  -4.24935  8.05068   1.000 41.02526 ? 67  LYS B CG  1 
ATOM   1116 C CD  . LYS B 1 57 ? -6.91298  -5.04662  9.29679   1.000 45.10594 ? 67  LYS B CD  1 
ATOM   1117 C CE  . LYS B 1 57 ? -8.41907  -5.08220  9.48580   1.000 50.15738 ? 67  LYS B CE  1 
ATOM   1118 N NZ  . LYS B 1 57 ? -8.79727  -5.88982  10.67671  1.000 57.34680 ? 67  LYS B NZ  1 
ATOM   1119 N N   . GLU B 1 58 ? -3.76184  -1.76144  6.54791   1.000 35.03164 ? 68  GLU B N   1 
ATOM   1120 C CA  . GLU B 1 58 ? -3.80800  -0.31157  6.36960   1.000 34.70517 ? 68  GLU B CA  1 
ATOM   1121 C C   . GLU B 1 58 ? -3.82032  0.06275   4.89817   1.000 33.95962 ? 68  GLU B C   1 
ATOM   1122 O O   . GLU B 1 58 ? -4.55440  0.96878   4.49238   1.000 34.41353 ? 68  GLU B O   1 
ATOM   1123 C CB  . GLU B 1 58 ? -2.62943  0.37079   7.07150   1.000 37.17751 ? 68  GLU B CB  1 
ATOM   1124 C CG  . GLU B 1 58 ? -2.70652  0.34510   8.56948   1.000 41.08289 ? 68  GLU B CG  1 
ATOM   1125 C CD  . GLU B 1 58 ? -2.23366  -0.96826  9.13418   1.000 49.24924 ? 68  GLU B CD  1 
ATOM   1126 O OE1 . GLU B 1 58 ? -1.67658  -1.77972  8.36201   1.000 50.49753 ? 68  GLU B OE1 1 
ATOM   1127 O OE2 . GLU B 1 58 ? -2.41935  -1.19692  10.34752  1.000 71.84591 ? 68  GLU B OE2 1 
ATOM   1128 N N   . ASP B 1 59 ? -2.99679  -0.60061  4.08031   1.000 30.47038 ? 69  ASP B N   1 
ATOM   1129 C CA  . ASP B 1 59 ? -3.06732  -0.35300  2.64443   1.000 33.93097 ? 69  ASP B CA  1 
ATOM   1130 C C   . ASP B 1 59 ? -4.49972  -0.53151  2.13283   1.000 33.37821 ? 69  ASP B C   1 
ATOM   1131 O O   . ASP B 1 59 ? -4.98386  0.26343   1.32148   1.000 32.62728 ? 69  ASP B O   1 
ATOM   1132 C CB  . ASP B 1 59 ? -2.10589  -1.28201  1.88821   1.000 31.88658 ? 69  ASP B CB  1 
ATOM   1133 C CG  . ASP B 1 59 ? -0.63439  -1.11761  2.30936   1.000 34.32607 ? 69  ASP B CG  1 
ATOM   1134 O OD1 . ASP B 1 59 ? -0.24824  -0.07689  2.87848   1.000 35.59996 ? 69  ASP B OD1 1 
ATOM   1135 O OD2 . ASP B 1 59 ? 0.15330   -2.04625  2.05642   1.000 34.17980 ? 69  ASP B OD2 1 
ATOM   1136 N N   . PHE B 1 60 ? -5.18946  -1.58369  2.58779   1.000 33.80249 ? 70  PHE B N   1 
ATOM   1137 C CA  . PHE B 1 60 ? -6.57594  -1.79899  2.16607   1.000 33.97681 ? 70  PHE B CA  1 
ATOM   1138 C C   . PHE B 1 60 ? -7.46516  -0.62048  2.56133   1.000 35.13665 ? 70  PHE B C   1 
ATOM   1139 O O   . PHE B 1 60 ? -8.29701  -0.16416  1.76698   1.000 34.87994 ? 70  PHE B O   1 
ATOM   1140 C CB  . PHE B 1 60 ? -7.11806  -3.09355  2.77947   1.000 31.65938 ? 70  PHE B CB  1 
ATOM   1141 C CG  . PHE B 1 60 ? -6.93522  -4.32241  1.91586   1.000 33.29709 ? 70  PHE B CG  1 
ATOM   1142 C CD1 . PHE B 1 60 ? -5.79738  -5.10856  2.03583   1.000 31.54588 ? 70  PHE B CD1 1 
ATOM   1143 C CD2 . PHE B 1 60 ? -7.92410  -4.71564  1.02009   1.000 32.61323 ? 70  PHE B CD2 1 
ATOM   1144 C CE1 . PHE B 1 60 ? -5.63101  -6.24584  1.26817   1.000 30.04906 ? 70  PHE B CE1 1 
ATOM   1145 C CE2 . PHE B 1 60 ? -7.76460  -5.85979  0.24900   1.000 31.63324 ? 70  PHE B CE2 1 
ATOM   1146 C CZ  . PHE B 1 60 ? -6.61643  -6.62550  0.37360   1.000 31.23953 ? 70  PHE B CZ  1 
ATOM   1147 N N   . ARG B 1 61 ? -7.29599  -0.11162  3.78687   1.000 33.59612 ? 71  ARG B N   1 
ATOM   1148 C CA  . ARG B 1 61 ? -8.13151  0.98961   4.26940   1.000 35.18179 ? 71  ARG B CA  1 
ATOM   1149 C C   . ARG B 1 61 ? -7.90675  2.27371   3.47837   1.000 36.13233 ? 71  ARG B C   1 
ATOM   1150 O O   . ARG B 1 61 ? -8.84847  3.04811   3.27265   1.000 38.04287 ? 71  ARG B O   1 
ATOM   1151 C CB  . ARG B 1 61 ? -7.86017  1.24952   5.74802   1.000 36.04940 ? 71  ARG B CB  1 
ATOM   1152 C CG  . ARG B 1 61 ? -8.41712  0.21260   6.67982   1.000 43.96056 ? 71  ARG B CG  1 
ATOM   1153 C CD  . ARG B 1 61 ? -7.97688  0.50594   8.09640   1.000 46.44493 ? 71  ARG B CD  1 
ATOM   1154 N NE  . ARG B 1 61 ? -8.50247  -0.48705  9.02068   1.000 51.81894 ? 71  ARG B NE  1 
ATOM   1155 C CZ  . ARG B 1 61 ? -8.20720  -0.53129  10.31113  1.000 57.85733 ? 71  ARG B CZ  1 
ATOM   1156 N NH1 . ARG B 1 61 ? -7.38338  0.36901   10.83327  1.000 67.48817 ? 71  ARG B NH1 1 
ATOM   1157 N NH2 . ARG B 1 61 ? -8.73709  -1.47547  11.07692  1.000 59.54544 ? 71  ARG B NH2 1 
ATOM   1158 N N   . TYR B 1 62 ? -6.66516  2.55327   3.06913   1.000 35.91959 ? 72  TYR B N   1 
ATOM   1159 C CA  . TYR B 1 62 ? -6.44651  3.76481   2.28224   1.000 33.90498 ? 72  TYR B CA  1 
ATOM   1160 C C   . TYR B 1 62 ? -7.03829  3.62554   0.89373   1.000 37.83924 ? 72  TYR B C   1 
ATOM   1161 O O   . TYR B 1 62 ? -7.53892  4.60508   0.33049   1.000 35.02223 ? 72  TYR B O   1 
ATOM   1162 C CB  . TYR B 1 62 ? -4.95573  4.11300   2.21651   1.000 34.94509 ? 72  TYR B CB  1 
ATOM   1163 C CG  . TYR B 1 62 ? -4.46002  4.66498   3.53854   1.000 35.12848 ? 72  TYR B CG  1 
ATOM   1164 C CD1 . TYR B 1 62 ? -4.83780  5.93842   3.96184   1.000 36.17377 ? 72  TYR B CD1 1 
ATOM   1165 C CD2 . TYR B 1 62 ? -3.65998  3.90651   4.38002   1.000 36.60158 ? 72  TYR B CD2 1 
ATOM   1166 C CE1 . TYR B 1 62 ? -4.41427  6.44127   5.16840   1.000 33.07574 ? 72  TYR B CE1 1 
ATOM   1167 C CE2 . TYR B 1 62 ? -3.22712  4.40331   5.60378   1.000 35.78412 ? 72  TYR B CE2 1 
ATOM   1168 C CZ  . TYR B 1 62 ? -3.61074  5.67135   5.99013   1.000 38.82989 ? 72  TYR B CZ  1 
ATOM   1169 O OH  . TYR B 1 62 ? -3.19039  6.17458   7.20204   1.000 39.07464 ? 72  TYR B OH  1 
ATOM   1170 N N   . ARG B 1 63 ? -7.02570  2.41322   0.34383   1.000 36.03845 ? 73  ARG B N   1 
ATOM   1171 C CA  . ARG B 1 63 ? -7.64371  2.20220   -0.95569  1.000 39.13645 ? 73  ARG B CA  1 
ATOM   1172 C C   . ARG B 1 63 ? -9.16401  2.18566   -0.85321  1.000 40.03860 ? 73  ARG B C   1 
ATOM   1173 O O   . ARG B 1 63 ? -9.84669  2.63221   -1.78054  1.000 43.57256 ? 73  ARG B O   1 
ATOM   1174 C CB  . ARG B 1 63 ? -7.10949  0.90386   -1.57394  1.000 38.24082 ? 73  ARG B CB  1 
ATOM   1175 C CG  . ARG B 1 63 ? -5.62551  0.97039   -1.92332  1.000 39.37077 ? 73  ARG B CG  1 
ATOM   1176 C CD  . ARG B 1 63 ? -5.01781  -0.40882  -2.18836  1.000 40.01094 ? 73  ARG B CD  1 
ATOM   1177 N NE  . ARG B 1 63 ? -3.58796  -0.35891  -2.52900  1.000 36.33819 ? 73  ARG B NE  1 
ATOM   1178 C CZ  . ARG B 1 63 ? -3.13226  -0.22504  -3.77100  1.000 39.21358 ? 73  ARG B CZ  1 
ATOM   1179 N NH1 . ARG B 1 63 ? -3.98540  -0.11685  -4.78361  1.000 42.49572 ? 73  ARG B NH1 1 
ATOM   1180 N NH2 . ARG B 1 63 ? -1.83273  -0.20256  -4.00653  1.000 40.13849 ? 73  ARG B NH2 1 
ATOM   1181 N N   . SER B 1 64 ? -9.70957  1.69761   0.26132   1.000 39.22326 ? 74  SER B N   1 
ATOM   1182 C CA  . SER B 1 64 ? -11.15692 1.58637   0.44309   1.000 39.69224 ? 74  SER B CA  1 
ATOM   1183 C C   . SER B 1 64 ? -11.51321 1.90215   1.88927   1.000 39.14376 ? 74  SER B C   1 
ATOM   1184 O O   . SER B 1 64 ? -11.61512 1.00254   2.73580   1.000 37.72378 ? 74  SER B O   1 
ATOM   1185 C CB  . SER B 1 64 ? -11.65912 0.19666   0.04693   1.000 38.29026 ? 74  SER B CB  1 
ATOM   1186 O OG  . SER B 1 64 ? -13.05311 0.06799   0.28066   1.000 40.50894 ? 74  SER B OG  1 
ATOM   1187 N N   . PRO B 1 65 ? -11.70727 3.18205   2.21412   1.000 42.16172 ? 75  PRO B N   1 
ATOM   1188 C CA  . PRO B 1 65 ? -12.08368 3.53389   3.59365   1.000 40.57906 ? 75  PRO B CA  1 
ATOM   1189 C C   . PRO B 1 65 ? -13.29305 2.76648   4.10842   1.000 42.37781 ? 75  PRO B C   1 
ATOM   1190 O O   . PRO B 1 65 ? -13.32120 2.37329   5.28122   1.000 43.87215 ? 75  PRO B O   1 
ATOM   1191 C CB  . PRO B 1 65 ? -12.37178 5.04013   3.49598   1.000 47.04452 ? 75  PRO B CB  1 
ATOM   1192 C CG  . PRO B 1 65 ? -11.61246 5.50221   2.30401   1.000 43.94405 ? 75  PRO B CG  1 
ATOM   1193 C CD  . PRO B 1 65 ? -11.62682 4.36121   1.33493   1.000 43.61972 ? 75  PRO B CD  1 
ATOM   1194 N N   . HIS B 1 66 ? -14.29225 2.53460   3.25344   1.000 43.56979 ? 76  HIS B N   1 
ATOM   1195 C CA  . HIS B 1 66 ? -15.54693 1.92856   3.68798   1.000 48.03422 ? 76  HIS B CA  1 
ATOM   1196 C C   . HIS B 1 66 ? -15.47300 0.41252   3.78909   1.000 46.46639 ? 76  HIS B C   1 
ATOM   1197 O O   . HIS B 1 66 ? -16.14968 -0.17507  4.64025   1.000 44.56739 ? 76  HIS B O   1 
ATOM   1198 C CB  . HIS B 1 66 ? -16.67556 2.29493   2.72166   1.000 51.03777 ? 76  HIS B CB  1 
ATOM   1199 C CG  . HIS B 1 66 ? -17.02781 3.74948   2.71767   1.000 58.24361 ? 76  HIS B CG  1 
ATOM   1200 N ND1 . HIS B 1 66 ? -16.59981 4.62441   3.69420   1.000 57.31745 ? 76  HIS B ND1 1 
ATOM   1201 C CD2 . HIS B 1 66 ? -17.76695 4.48379   1.85221   1.000 62.92501 ? 76  HIS B CD2 1 
ATOM   1202 C CE1 . HIS B 1 66 ? -17.05932 5.83485   3.42981   1.000 62.01717 ? 76  HIS B CE1 1 
ATOM   1203 N NE2 . HIS B 1 66 ? -17.77028 5.77682   2.31750   1.000 64.87882 ? 76  HIS B NE2 1 
ATOM   1204 N N   . SER B 1 67 ? -14.69118 -0.23941  2.92311   1.000 41.92960 ? 77  SER B N   1 
ATOM   1205 C CA  . SER B 1 67 ? -14.72371 -1.68960  2.82583   1.000 40.17778 ? 77  SER B CA  1 
ATOM   1206 C C   . SER B 1 67 ? -13.36054 -2.35882  2.92477   1.000 40.91374 ? 77  SER B C   1 
ATOM   1207 O O   . SER B 1 67 ? -13.29591 -3.58852  2.85933   1.000 39.33541 ? 77  SER B O   1 
ATOM   1208 C CB  . SER B 1 67 ? -15.39294 -2.11884  1.51225   1.000 41.40197 ? 77  SER B CB  1 
ATOM   1209 O OG  . SER B 1 67 ? -16.74586 -1.69636  1.47259   1.000 44.78710 ? 77  SER B OG  1 
ATOM   1210 N N   . GLY B 1 68 ? -12.27849 -1.60014  3.09490   1.000 39.17840 ? 78  GLY B N   1 
ATOM   1211 C CA  . GLY B 1 68 ? -10.95829 -2.21468  3.11135   1.000 36.85203 ? 78  GLY B CA  1 
ATOM   1212 C C   . GLY B 1 68 ? -10.78278 -3.21579  4.23395   1.000 37.66211 ? 78  GLY B C   1 
ATOM   1213 O O   . GLY B 1 68 ? -10.16448 -4.26944  4.05111   1.000 33.48917 ? 78  GLY B O   1 
ATOM   1214 N N   . ASP B 1 69 ? -11.29892 -2.89617  5.42190   1.000 37.99139 ? 79  ASP B N   1 
ATOM   1215 C CA  . ASP B 1 69 ? -11.19458 -3.83682  6.53171   1.000 41.31135 ? 79  ASP B CA  1 
ATOM   1216 C C   . ASP B 1 69 ? -11.84257 -5.16470  6.17786   1.000 39.46163 ? 79  ASP B C   1 
ATOM   1217 O O   . ASP B 1 69 ? -11.26736 -6.23682  6.40747   1.000 38.95457 ? 79  ASP B O   1 
ATOM   1218 C CB  . ASP B 1 69 ? -11.83874 -3.24324  7.77974   1.000 48.73535 ? 79  ASP B CB  1 
ATOM   1219 C CG  . ASP B 1 69 ? -10.98055 -2.18195  8.41445   1.000 52.30572 ? 79  ASP B CG  1 
ATOM   1220 O OD1 . ASP B 1 69 ? -9.93602  -2.54210  8.98954   1.000 56.73740 ? 79  ASP B OD1 1 
ATOM   1221 O OD2 . ASP B 1 69 ? -11.33330 -0.98821  8.31212   1.000 59.49240 ? 79  ASP B OD2 1 
ATOM   1222 N N   . GLU B 1 70 ? -13.05089 -5.11043  5.61715   1.000 34.00952 ? 80  GLU B N   1 
ATOM   1223 C CA  . GLU B 1 70 ? -13.74711 -6.33929  5.25911   1.000 38.36982 ? 80  GLU B CA  1 
ATOM   1224 C C   . GLU B 1 70 ? -12.99881 -7.10281  4.16980   1.000 31.36360 ? 80  GLU B C   1 
ATOM   1225 O O   . GLU B 1 70 ? -12.84453 -8.32649  4.25740   1.000 31.44368 ? 80  GLU B O   1 
ATOM   1226 C CB  . GLU B 1 70 ? -15.17639 -6.01273  4.82960   1.000 36.41770 ? 80  GLU B CB  1 
ATOM   1227 C CG  . GLU B 1 70 ? -16.05450 -5.50602  5.98175   1.000 41.95564 ? 80  GLU B CG  1 
ATOM   1228 C CD  . GLU B 1 70 ? -16.05157 -3.98621  6.12409   1.000 47.97255 ? 80  GLU B CD  1 
ATOM   1229 O OE1 . GLU B 1 70 ? -15.00364 -3.34541  5.88730   1.000 46.77584 ? 80  GLU B OE1 1 
ATOM   1230 O OE2 . GLU B 1 70 ? -17.11350 -3.42685  6.47100   1.000 55.10470 ? 80  GLU B OE2 1 
ATOM   1231 N N   . LEU B 1 71 ? -12.52290 -6.39706  3.14012   1.000 30.49719 ? 81  LEU B N   1 
ATOM   1232 C CA  . LEU B 1 71 ? -11.77592 -7.05634  2.07057   1.000 29.11150 ? 81  LEU B CA  1 
ATOM   1233 C C   . LEU B 1 71 ? -10.53223 -7.74937  2.61508   1.000 32.06447 ? 81  LEU B C   1 
ATOM   1234 O O   . LEU B 1 71 ? -10.24688 -8.90369  2.27212   1.000 27.96880 ? 81  LEU B O   1 
ATOM   1235 C CB  . LEU B 1 71 ? -11.40328 -6.04017  0.99074   1.000 29.46872 ? 81  LEU B CB  1 
ATOM   1236 C CG  . LEU B 1 71 ? -12.56788 -5.48819  0.15827   1.000 33.35941 ? 81  LEU B CG  1 
ATOM   1237 C CD1 . LEU B 1 71 ? -12.08950 -4.32446  -0.70503  1.000 34.69777 ? 81  LEU B CD1 1 
ATOM   1238 C CD2 . LEU B 1 71 ? -13.23496 -6.57447  -0.70492  1.000 28.75211 ? 81  LEU B CD2 1 
ATOM   1239 N N   . TYR B 1 72 ? -9.77382  -7.06416  3.47463   1.000 29.78285 ? 82  TYR B N   1 
ATOM   1240 C CA  . TYR B 1 72 ? -8.58214  -7.69742  4.03761   1.000 30.60464 ? 82  TYR B CA  1 
ATOM   1241 C C   . TYR B 1 72 ? -8.94071  -8.95770  4.81813   1.000 31.46749 ? 82  TYR B C   1 
ATOM   1242 O O   . TYR B 1 72 ? -8.26566  -9.98986  4.70123   1.000 28.78152 ? 82  TYR B O   1 
ATOM   1243 C CB  . TYR B 1 72 ? -7.82290  -6.70840  4.92657   1.000 30.82286 ? 82  TYR B CB  1 
ATOM   1244 C CG  . TYR B 1 72 ? -6.58344  -7.31033  5.54739   1.000 30.76545 ? 82  TYR B CG  1 
ATOM   1245 C CD1 . TYR B 1 72 ? -5.37990  -7.35774  4.84341   1.000 33.02178 ? 82  TYR B CD1 1 
ATOM   1246 C CD2 . TYR B 1 72 ? -6.61750  -7.84804  6.82523   1.000 36.09200 ? 82  TYR B CD2 1 
ATOM   1247 C CE1 . TYR B 1 72 ? -4.24536  -7.91966  5.40343   1.000 31.89676 ? 82  TYR B CE1 1 
ATOM   1248 C CE2 . TYR B 1 72 ? -5.48482  -8.41082  7.39476   1.000 35.27867 ? 82  TYR B CE2 1 
ATOM   1249 C CZ  . TYR B 1 72 ? -4.30562  -8.44099  6.67765   1.000 35.79298 ? 82  TYR B CZ  1 
ATOM   1250 O OH  . TYR B 1 72 ? -3.18644  -8.99594  7.25217   1.000 38.84704 ? 82  TYR B OH  1 
ATOM   1251 N N   . GLU B 1 73 ? -10.01055 -8.90611  5.61401   1.000 33.88225 ? 83  GLU B N   1 
ATOM   1252 C CA  . GLU B 1 73 ? -10.37335 -10.08558 6.39415   1.000 35.87308 ? 83  GLU B CA  1 
ATOM   1253 C C   . GLU B 1 73 ? -10.84744 -11.21721 5.49000   1.000 30.69566 ? 83  GLU B C   1 
ATOM   1254 O O   . GLU B 1 73 ? -10.55127 -12.38996 5.74348   1.000 31.66483 ? 83  GLU B O   1 
ATOM   1255 C CB  . GLU B 1 73 ? -11.44176 -9.72794  7.42904   1.000 39.88051 ? 83  GLU B CB  1 
ATOM   1256 C CG  . GLU B 1 73 ? -10.96365 -8.73947  8.47343   1.000 43.72611 ? 83  GLU B CG  1 
ATOM   1257 C CD  . GLU B 1 73 ? -9.75099  -9.24716  9.23639   1.000 60.75591 ? 83  GLU B CD  1 
ATOM   1258 O OE1 . GLU B 1 73 ? -9.63938  -10.47929 9.42625   1.000 59.19591 ? 83  GLU B OE1 1 
ATOM   1259 O OE2 . GLU B 1 73 ? -8.90317  -8.41748  9.63468   1.000 66.16591 ? 83  GLU B OE2 1 
ATOM   1260 N N   . LEU B 1 74 ? -11.58128 -10.88116 4.42869   1.000 31.31401 ? 84  LEU B N   1 
ATOM   1261 C CA  . LEU B 1 74 ? -12.03029 -11.89658 3.48163   1.000 30.37975 ? 84  LEU B CA  1 
ATOM   1262 C C   . LEU B 1 74 ? -10.84652 -12.60632 2.83421   1.000 28.43065 ? 84  LEU B C   1 
ATOM   1263 O O   . LEU B 1 74 ? -10.84526 -13.83545 2.70029   1.000 29.62612 ? 84  LEU B O   1 
ATOM   1264 C CB  . LEU B 1 74 ? -12.90886 -11.24747 2.41729   1.000 28.19625 ? 84  LEU B CB  1 
ATOM   1265 C CG  . LEU B 1 74 ? -13.36207 -12.14840 1.27286   1.000 33.63595 ? 84  LEU B CG  1 
ATOM   1266 C CD1 . LEU B 1 74 ? -14.23524 -13.27568 1.81339   1.000 38.50294 ? 84  LEU B CD1 1 
ATOM   1267 C CD2 . LEU B 1 74 ? -14.11218 -11.33158 0.22465   1.000 35.62303 ? 84  LEU B CD2 1 
ATOM   1268 N N   . LEU B 1 75 ? -9.82675  -11.84365 2.42605   1.000 28.08515 ? 85  LEU B N   1 
ATOM   1269 C CA  . LEU B 1 75 ? -8.61664  -12.45398 1.87760   1.000 27.43123 ? 85  LEU B CA  1 
ATOM   1270 C C   . LEU B 1 75 ? -7.96089  -13.36958 2.89805   1.000 28.85480 ? 85  LEU B C   1 
ATOM   1271 O O   . LEU B 1 75 ? -7.51331  -14.47273 2.55806   1.000 27.64323 ? 85  LEU B O   1 
ATOM   1272 C CB  . LEU B 1 75 ? -7.64165  -11.36740 1.41087   1.000 28.94122 ? 85  LEU B CB  1 
ATOM   1273 C CG  . LEU B 1 75 ? -6.32441  -11.82071 0.75346   1.000 30.22706 ? 85  LEU B CG  1 
ATOM   1274 C CD1 . LEU B 1 75 ? -6.60642  -12.79475 -0.38704  1.000 28.73992 ? 85  LEU B CD1 1 
ATOM   1275 C CD2 . LEU B 1 75 ? -5.52165  -10.62038 0.23644   1.000 27.60466 ? 85  LEU B CD2 1 
ATOM   1276 N N   . GLN B 1 76 ? -7.90201  -12.93919 4.16385   1.000 32.46554 ? 86  GLN B N   1 
ATOM   1277 C CA  . GLN B 1 76 ? -7.31230  -13.79742 5.18785   1.000 31.86739 ? 86  GLN B CA  1 
ATOM   1278 C C   . GLN B 1 76 ? -8.09483  -15.09479 5.32301   1.000 32.20734 ? 86  GLN B C   1 
ATOM   1279 O O   . GLN B 1 76 ? -7.50880  -16.16639 5.51999   1.000 35.54025 ? 86  GLN B O   1 
ATOM   1280 C CB  . GLN B 1 76 ? -7.25483  -13.07775 6.53913   1.000 35.54417 ? 86  GLN B CB  1 
ATOM   1281 C CG  . GLN B 1 76 ? -6.43655  -11.80611 6.55006   1.000 33.38788 ? 86  GLN B CG  1 
ATOM   1282 C CD  . GLN B 1 76 ? -5.18991  -11.90602 5.69979   1.000 35.33807 ? 86  GLN B CD  1 
ATOM   1283 O OE1 . GLN B 1 76 ? -4.28726  -12.68545 5.99275   1.000 33.21111 ? 86  GLN B OE1 1 
ATOM   1284 N NE2 . GLN B 1 76 ? -5.13843  -11.11528 4.62632   1.000 37.62806 ? 86  GLN B NE2 1 
ATOM   1285 N N   . HIS B 1 77 ? -9.42706  -15.01904 5.22211   1.000 33.48665 ? 87  HIS B N   1 
ATOM   1286 C CA  . HIS B 1 77 ? -10.23111 -16.23265 5.31256   1.000 34.68775 ? 87  HIS B CA  1 
ATOM   1287 C C   . HIS B 1 77 ? -9.91084  -17.17892 4.16608   1.000 34.89367 ? 87  HIS B C   1 
ATOM   1288 O O   . HIS B 1 77 ? -9.83547  -18.39978 4.35380   1.000 32.24325 ? 87  HIS B O   1 
ATOM   1289 C CB  . HIS B 1 77 ? -11.71847 -15.88696 5.31442   1.000 40.81940 ? 87  HIS B CB  1 
ATOM   1290 C CG  . HIS B 1 77 ? -12.59461 -17.03455 5.70529   1.000 58.92591 ? 87  HIS B CG  1 
ATOM   1291 N ND1 . HIS B 1 77 ? -13.11768 -17.92152 4.78681   1.000 59.04341 ? 87  HIS B ND1 1 
ATOM   1292 C CD2 . HIS B 1 77 ? -13.02442 -17.45241 6.91992   1.000 61.64769 ? 87  HIS B CD2 1 
ATOM   1293 C CE1 . HIS B 1 77 ? -13.83714 -18.83147 5.41993   1.000 62.46718 ? 87  HIS B CE1 1 
ATOM   1294 N NE2 . HIS B 1 77 ? -13.79830 -18.56899 6.71432   1.000 63.25507 ? 87  HIS B NE2 1 
ATOM   1295 N N   . ILE B 1 78 ? -9.71464  -16.62910 2.97002   1.000 30.62139 ? 88  ILE B N   1 
ATOM   1296 C CA  . ILE B 1 78 ? -9.35751  -17.44922 1.81533   1.000 30.91063 ? 88  ILE B CA  1 
ATOM   1297 C C   . ILE B 1 78 ? -8.00033  -18.09954 2.03298   1.000 31.20448 ? 88  ILE B C   1 
ATOM   1298 O O   . ILE B 1 78 ? -7.82244  -19.30220 1.80308   1.000 32.38397 ? 88  ILE B O   1 
ATOM   1299 C CB  . ILE B 1 78 ? -9.39068  -16.59943 0.53222   1.000 28.66857 ? 88  ILE B CB  1 
ATOM   1300 C CG1 . ILE B 1 78 ? -10.83513 -16.17738 0.23250   1.000 30.54842 ? 88  ILE B CG1 1 
ATOM   1301 C CG2 . ILE B 1 78 ? -8.75692  -17.36492 -0.65178  1.000 28.93740 ? 88  ILE B CG2 1 
ATOM   1302 C CD1 . ILE B 1 78 ? -10.98297 -15.22173 -0.95918  1.000 30.39824 ? 88  ILE B CD1 1 
ATOM   1303 N N   . LEU B 1 79 ? -7.02638  -17.31843 2.50460   1.000 28.73645 ? 89  LEU B N   1 
ATOM   1304 C CA  . LEU B 1 79 ? -5.69979  -17.86914 2.74349   1.000 32.73463 ? 89  LEU B CA  1 
ATOM   1305 C C   . LEU B 1 79 ? -5.71984  -18.95076 3.81942   1.000 32.61534 ? 89  LEU B C   1 
ATOM   1306 O O   . LEU B 1 79 ? -4.84981  -19.82465 3.82920   1.000 35.83014 ? 89  LEU B O   1 
ATOM   1307 C CB  . LEU B 1 79 ? -4.72653  -16.74766 3.12696   1.000 29.90039 ? 89  LEU B CB  1 
ATOM   1308 C CG  . LEU B 1 79 ? -4.43282  -15.71945 2.02380   1.000 30.90508 ? 89  LEU B CG  1 
ATOM   1309 C CD1 . LEU B 1 79 ? -3.67145  -14.50653 2.54827   1.000 32.51668 ? 89  LEU B CD1 1 
ATOM   1310 C CD2 . LEU B 1 79 ? -3.67352  -16.36932 0.88182   1.000 33.34571 ? 89  LEU B CD2 1 
ATOM   1311 N N   . LYS B 1 80 ? -6.70569  -18.92781 4.72264   1.000 33.13209 ? 90  LYS B N   1 
ATOM   1312 C CA  . LYS B 1 80 ? -6.66315  -19.85199 5.85338   1.000 39.72522 ? 90  LYS B CA  1 
ATOM   1313 C C   . LYS B 1 80 ? -6.93494  -21.29715 5.44897   1.000 39.50772 ? 90  LYS B C   1 
ATOM   1314 O O   . LYS B 1 80 ? -6.54754  -22.21445 6.18276   1.000 48.17341 ? 90  LYS B O   1 
ATOM   1315 C CB  . LYS B 1 80 ? -7.65072  -19.42130 6.94115   1.000 40.08320 ? 90  LYS B CB  1 
ATOM   1316 C CG  . LYS B 1 80 ? -7.46367  -20.17769 8.24825   1.000 45.89311 ? 90  LYS B CG  1 
ATOM   1317 C CD  . LYS B 1 80 ? -8.40639  -19.67601 9.33425   1.000 55.63174 ? 90  LYS B CD  1 
ATOM   1318 C CE  . LYS B 1 80 ? -8.21197  -20.44968 10.62983  1.000 52.83203 ? 90  LYS B CE  1 
ATOM   1319 N NZ  . LYS B 1 80 ? -6.79533  -20.37653 11.08758  1.000 56.06011 ? 90  LYS B NZ  1 
ATOM   1320 N N   . GLN B 1 81 ? -7.58626  -21.52994 4.31929   1.000 43.71461 ? 91  GLN B N   1 
ATOM   1321 C CA  . GLN B 1 81 ? -7.73357  -22.89937 3.82425   1.000 39.92142 ? 91  GLN B CA  1 
ATOM   1322 C C   . GLN B 1 81 ? -8.36559  -23.81737 4.87303   1.000 41.90001 ? 91  GLN B C   1 
ATOM   1323 O O   . GLN B 1 81 ? -8.13884  -25.02711 4.88158   1.000 37.16656 ? 91  GLN B O   1 
ATOM   1324 C CB  . GLN B 1 81 ? -6.36889  -23.44395 3.38521   1.000 34.64494 ? 91  GLN B CB  1 
ATOM   1325 C CG  . GLN B 1 81 ? -5.82422  -22.74699 2.13584   1.000 30.39133 ? 91  GLN B CG  1 
ATOM   1326 C CD  . GLN B 1 81 ? -6.76130  -22.89714 0.93710   1.000 30.29758 ? 91  GLN B CD  1 
ATOM   1327 O OE1 . GLN B 1 81 ? -6.87016  -23.97994 0.34656   1.000 23.80957 ? 91  GLN B OE1 1 
ATOM   1328 N NE2 . GLN B 1 81 ? -7.43732  -21.80538 0.56987   1.000 23.57586 ? 91  GLN B NE2 1 
HETATM 1329 C C   . FMT C 2 .  ? 10.72506  -0.09978  -4.15613  1.000 40.21084 ? 101 FMT A C   1 
HETATM 1330 O O1  . FMT C 2 .  ? 10.71476  -0.94911  -3.25588  1.000 44.80250 ? 101 FMT A O1  1 
HETATM 1331 O O2  . FMT C 2 .  ? 10.38157  1.06687   -3.93975  1.000 36.93288 ? 101 FMT A O2  1 
HETATM 1332 H H   . FMT C 2 .  ? 11.03862  -0.35977  -5.16716  1.000 48.25301 ? 101 FMT A H   1 
HETATM 1333 H HO2 . FMT C 2 .  ? 10.09398  1.33450   -3.04193  1.000 44.31946 ? 101 FMT A HO2 1 
HETATM 1334 C C   . FMT D 2 .  ? -13.10253 -26.43668 -9.15075  1.000 33.33241 ? 101 FMT B C   1 
HETATM 1335 O O1  . FMT D 2 .  ? -13.32841 -26.77142 -7.97571  1.000 38.46950 ? 101 FMT B O1  1 
HETATM 1336 O O2  . FMT D 2 .  ? -12.77192 -27.28532 -9.98477  1.000 43.59891 ? 101 FMT B O2  1 
HETATM 1337 H H   . FMT D 2 .  ? -13.18895 -25.39890 -9.47267  1.000 39.99889 ? 101 FMT B H   1 
HETATM 1338 H HO2 . FMT D 2 .  ? -12.68721 -28.22518 -9.72040  1.000 52.31869 ? 101 FMT B HO2 1 
HETATM 1339 O O   . HOH E 3 .  ? 0.12324   2.79244   7.41361   1.000 40.84207 ? 201 HOH A O   1 
HETATM 1340 O O   . HOH E 3 .  ? 2.74927   10.21145  13.21050  1.000 39.87323 ? 202 HOH A O   1 
HETATM 1341 O O   . HOH E 3 .  ? -0.24152  8.83974   15.20957  0.50  44.94160 ? 203 HOH A O   1 
HETATM 1342 O O   . HOH E 3 .  ? -3.70133  12.71115  10.94096  1.000 38.43051 ? 204 HOH A O   1 
HETATM 1343 O O   . HOH E 3 .  ? -6.45159  8.43416   -0.18025  1.000 38.42445 ? 205 HOH A O   1 
HETATM 1344 O O   . HOH E 3 .  ? 21.53142  -7.10597  7.95793   1.000 33.40535 ? 206 HOH A O   1 
HETATM 1345 O O   . HOH E 3 .  ? 20.64217  9.79935   17.44737  1.000 42.18191 ? 207 HOH A O   1 
HETATM 1346 O O   . HOH E 3 .  ? 5.97833   -3.85624  -3.57243  1.000 37.48143 ? 208 HOH A O   1 
HETATM 1347 O O   . HOH E 3 .  ? 6.48233   15.48395  6.02977   1.000 28.92115 ? 209 HOH A O   1 
HETATM 1348 O O   . HOH E 3 .  ? 16.81166  3.65262   13.67759  1.000 37.95235 ? 210 HOH A O   1 
HETATM 1349 O O   . HOH E 3 .  ? 8.92175   1.64289   -10.22712 1.000 52.38304 ? 211 HOH A O   1 
HETATM 1350 O O   . HOH E 3 .  ? 6.91148   12.90003  9.66590   1.000 32.20752 ? 212 HOH A O   1 
HETATM 1351 O O   . HOH E 3 .  ? 6.66166   6.24893   10.95125  1.000 35.40890 ? 213 HOH A O   1 
HETATM 1352 O O   . HOH E 3 .  ? -0.36278  14.40347  1.74786   1.000 37.33213 ? 214 HOH A O   1 
HETATM 1353 O O   . HOH E 3 .  ? 1.94122   14.50554  -6.61308  1.000 41.30848 ? 215 HOH A O   1 
HETATM 1354 O O   . HOH E 3 .  ? 16.01628  14.11973  10.80743  1.000 35.00798 ? 216 HOH A O   1 
HETATM 1355 O O   . HOH E 3 .  ? -1.10664  18.38606  1.61268   1.000 33.11708 ? 217 HOH A O   1 
HETATM 1356 O O   . HOH E 3 .  ? 10.22773  11.43606  14.78422  1.000 39.81964 ? 218 HOH A O   1 
HETATM 1357 O O   . HOH E 3 .  ? 10.98058  23.98087  1.79044   1.000 31.29208 ? 219 HOH A O   1 
HETATM 1358 O O   . HOH E 3 .  ? 13.27528  8.50838   -8.96481  1.000 37.47784 ? 220 HOH A O   1 
HETATM 1359 O O   . HOH E 3 .  ? 17.89661  6.33637   13.72920  1.000 34.20008 ? 221 HOH A O   1 
HETATM 1360 O O   . HOH E 3 .  ? 15.31801  5.20228   15.34739  1.000 38.44393 ? 222 HOH A O   1 
HETATM 1361 O O   . HOH E 3 .  ? 8.38583   1.34766   -1.80981  1.000 27.30914 ? 223 HOH A O   1 
HETATM 1362 O O   . HOH E 3 .  ? 13.09039  -1.66721  8.71107   1.000 28.48387 ? 224 HOH A O   1 
HETATM 1363 O O   . HOH E 3 .  ? 0.07946   14.12920  11.76314  1.000 44.42837 ? 225 HOH A O   1 
HETATM 1364 O O   . HOH E 3 .  ? -1.91012  14.80690  -0.04202  1.000 37.01143 ? 226 HOH A O   1 
HETATM 1365 O O   . HOH E 3 .  ? 2.11313   -2.96188  -1.62327  1.000 31.40989 ? 227 HOH A O   1 
HETATM 1366 O O   . HOH E 3 .  ? 9.32668   19.01411  7.17873   1.000 30.97454 ? 228 HOH A O   1 
HETATM 1367 O O   . HOH E 3 .  ? 4.63349   22.36409  -3.14051  1.000 28.41753 ? 229 HOH A O   1 
HETATM 1368 O O   . HOH E 3 .  ? 21.23812  7.72007   -5.14371  1.000 42.06776 ? 230 HOH A O   1 
HETATM 1369 O O   . HOH E 3 .  ? 3.86720   18.15145  -3.16222  1.000 31.12196 ? 231 HOH A O   1 
HETATM 1370 O O   . HOH E 3 .  ? 21.59214  -5.08767  2.45550   1.000 35.44556 ? 232 HOH A O   1 
HETATM 1371 O O   . HOH E 3 .  ? 23.52958  14.38729  -1.20149  1.000 42.06917 ? 233 HOH A O   1 
HETATM 1372 O O   . HOH E 3 .  ? 14.27410  15.00931  8.75086   1.000 31.03676 ? 234 HOH A O   1 
HETATM 1373 O O   . HOH E 3 .  ? 3.67216   -1.20617  9.95743   1.000 44.19320 ? 235 HOH A O   1 
HETATM 1374 O O   . HOH E 3 .  ? 18.71731  4.38728   10.73393  1.000 33.87425 ? 236 HOH A O   1 
HETATM 1375 O O   . HOH E 3 .  ? 5.10771   1.25332   -8.11666  1.000 37.04065 ? 237 HOH A O   1 
HETATM 1376 O O   . HOH E 3 .  ? 1.02623   12.10753  -5.71598  1.000 37.58568 ? 238 HOH A O   1 
HETATM 1377 O O   . HOH E 3 .  ? 5.19293   8.40497   10.31914  1.000 39.66045 ? 239 HOH A O   1 
HETATM 1378 O O   . HOH E 3 .  ? 4.03262   -2.26709  3.84980   1.000 26.37008 ? 240 HOH A O   1 
HETATM 1379 O O   . HOH E 3 .  ? 2.51166   15.06960  10.14185  1.000 39.94007 ? 241 HOH A O   1 
HETATM 1380 O O   . HOH E 3 .  ? 9.51338   -5.32998  10.25953  1.000 47.69211 ? 242 HOH A O   1 
HETATM 1381 O O   . HOH E 3 .  ? 4.48334   -4.18315  5.66288   1.000 40.38714 ? 243 HOH A O   1 
HETATM 1382 O O   . HOH E 3 .  ? 7.39014   22.18360  2.58226   1.000 31.87179 ? 244 HOH A O   1 
HETATM 1383 O O   . HOH E 3 .  ? 10.52885  -5.03657  2.33373   1.000 35.70311 ? 245 HOH A O   1 
HETATM 1384 O O   . HOH E 3 .  ? -0.04272  4.62086   8.81027   1.000 41.11332 ? 246 HOH A O   1 
HETATM 1385 O O   . HOH E 3 .  ? 11.17564  3.92251   15.82847  1.000 33.82776 ? 247 HOH A O   1 
HETATM 1386 O O   . HOH E 3 .  ? 10.63121  0.73351   14.36547  1.000 29.97999 ? 248 HOH A O   1 
HETATM 1387 O O   . HOH E 3 .  ? 5.07925   13.93680  7.70086   1.000 31.26538 ? 249 HOH A O   1 
HETATM 1388 O O   . HOH E 3 .  ? 22.01825  19.39977  -6.60915  1.000 54.05590 ? 250 HOH A O   1 
HETATM 1389 O O   . HOH E 3 .  ? 28.62418  10.78695  4.28844   1.000 35.49787 ? 251 HOH A O   1 
HETATM 1390 O O   . HOH E 3 .  ? 7.53021   21.26338  6.34267   1.000 37.71508 ? 252 HOH A O   1 
HETATM 1391 O O   . HOH E 3 .  ? -2.22787  2.36150   0.25976   1.000 39.04751 ? 253 HOH A O   1 
HETATM 1392 O O   . HOH E 3 .  ? -0.72261  -0.79661  -6.87365  1.000 39.24793 ? 254 HOH A O   1 
HETATM 1393 O O   . HOH E 3 .  ? -1.03973  15.31974  -7.25621  1.000 51.62007 ? 255 HOH A O   1 
HETATM 1394 O O   . HOH E 3 .  ? 13.13024  3.35505   17.25470  1.000 43.36230 ? 256 HOH A O   1 
HETATM 1395 O O   . HOH E 3 .  ? 22.69464  9.16466   -7.26313  1.000 46.08151 ? 257 HOH A O   1 
HETATM 1396 O O   . HOH E 3 .  ? 21.24291  9.04200   -2.90162  1.000 42.11627 ? 258 HOH A O   1 
HETATM 1397 O O   . HOH E 3 .  ? 3.92451   20.19196  -4.67733  1.000 42.22563 ? 259 HOH A O   1 
HETATM 1398 O O   . HOH E 3 .  ? 15.61222  -7.70570  5.21638   1.000 56.88478 ? 260 HOH A O   1 
HETATM 1399 O O   . HOH E 3 .  ? 4.11843   -6.82555  5.57526   1.000 39.57233 ? 261 HOH A O   1 
HETATM 1400 O O   . HOH E 3 .  ? -7.09885  9.21216   -2.96773  1.000 40.94433 ? 262 HOH A O   1 
HETATM 1401 O O   . HOH F 3 .  ? -18.63021 -1.88369  3.82820   1.000 52.76296 ? 201 HOH B O   1 
HETATM 1402 O O   . HOH F 3 .  ? -20.37179 -6.41312  -7.02098  1.000 44.23324 ? 202 HOH B O   1 
HETATM 1403 O O   . HOH F 3 .  ? -16.71101 -11.93645 -9.66164  1.000 34.91312 ? 203 HOH B O   1 
HETATM 1404 O O   . HOH F 3 .  ? -20.18429 -17.55749 -3.40742  1.000 38.66792 ? 204 HOH B O   1 
HETATM 1405 O O   . HOH F 3 .  ? 2.52587   -3.17454  1.73027   1.000 34.51797 ? 205 HOH B O   1 
HETATM 1406 O O   . HOH F 3 .  ? 3.06691   -7.21478  3.16381   1.000 38.26492 ? 206 HOH B O   1 
HETATM 1407 O O   . HOH F 3 .  ? -10.29512 -20.49014 2.78783   1.000 40.57115 ? 207 HOH B O   1 
HETATM 1408 O O   . HOH F 3 .  ? -3.33099  -20.20063 1.67510   1.000 35.29085 ? 208 HOH B O   1 
HETATM 1409 O O   . HOH F 3 .  ? -8.10253  7.12368   1.00596   1.000 42.57085 ? 209 HOH B O   1 
HETATM 1410 O O   . HOH F 3 .  ? -2.50043  -9.93880  -14.61641 1.000 34.96954 ? 210 HOH B O   1 
HETATM 1411 O O   . HOH F 3 .  ? -3.50334  0.03208   -7.40661  1.000 44.00146 ? 211 HOH B O   1 
HETATM 1412 O O   . HOH F 3 .  ? -11.96231 -14.16438 -12.66449 1.000 30.73957 ? 212 HOH B O   1 
HETATM 1413 O O   . HOH F 3 .  ? -9.21948  -4.58083  -9.62834  1.000 44.50007 ? 213 HOH B O   1 
HETATM 1414 O O   . HOH F 3 .  ? -8.82879  -18.02397 -9.79551  1.000 25.48434 ? 214 HOH B O   1 
HETATM 1415 O O   . HOH F 3 .  ? -14.54897 -5.11016  -9.69921  1.000 40.53170 ? 215 HOH B O   1 
HETATM 1416 O O   . HOH F 3 .  ? -0.53058  -11.67703 2.55242   1.000 38.76425 ? 216 HOH B O   1 
HETATM 1417 O O   . HOH F 3 .  ? -12.02972 -8.60729  -14.80287 1.000 46.44904 ? 217 HOH B O   1 
HETATM 1418 O O   . HOH F 3 .  ? -2.86324  -8.60314  1.65462   1.000 28.38434 ? 218 HOH B O   1 
HETATM 1419 O O   . HOH F 3 .  ? 1.64525   -0.74153  4.73034   1.000 36.00862 ? 219 HOH B O   1 
HETATM 1420 O O   . HOH F 3 .  ? -7.55960  -5.46932  -10.81888 1.000 37.45928 ? 220 HOH B O   1 
HETATM 1421 O O   . HOH F 3 .  ? -9.88027  -27.13055 5.15484   1.000 45.42437 ? 221 HOH B O   1 
HETATM 1422 O O   . HOH F 3 .  ? -12.69115 -0.51341  5.96257   1.000 46.18008 ? 222 HOH B O   1 
HETATM 1423 O O   . HOH F 3 .  ? -2.82694  -10.63342 3.19998   1.000 36.29308 ? 223 HOH B O   1 
HETATM 1424 O O   . HOH F 3 .  ? 1.39152   -4.50289  -3.77368  1.000 33.19238 ? 224 HOH B O   1 
HETATM 1425 O O   . HOH F 3 .  ? -0.48565  -13.05527 -9.38356  1.000 27.65176 ? 225 HOH B O   1 
HETATM 1426 O O   . HOH F 3 .  ? -18.82922 -20.90238 -9.82506  1.000 28.99860 ? 226 HOH B O   1 
HETATM 1427 O O   . HOH F 3 .  ? 2.06194   -21.96866 -4.97832  1.000 28.78413 ? 227 HOH B O   1 
HETATM 1428 O O   . HOH F 3 .  ? 2.20015   -16.02822 -9.82020  1.000 40.38533 ? 228 HOH B O   1 
HETATM 1429 O O   . HOH F 3 .  ? 4.64690   -22.12335 -9.45082  1.000 33.72214 ? 229 HOH B O   1 
HETATM 1430 O O   . HOH F 3 .  ? -1.79318  -5.94963  7.94831   1.000 35.35313 ? 230 HOH B O   1 
HETATM 1431 O O   . HOH F 3 .  ? -17.81246 -25.34372 -9.91495  1.000 34.67397 ? 231 HOH B O   1 
HETATM 1432 O O   . HOH F 3 .  ? -9.25470  -14.27723 -15.34750 1.000 32.81593 ? 232 HOH B O   1 
HETATM 1433 O O   . HOH F 3 .  ? -14.52168 3.22239   0.36371   1.000 50.17555 ? 233 HOH B O   1 
HETATM 1434 O O   . HOH F 3 .  ? -5.77264  -9.90108  -16.11553 1.000 37.39489 ? 234 HOH B O   1 
HETATM 1435 O O   . HOH F 3 .  ? 0.51351   -10.87635 -13.87535 0.50  51.76255 ? 235 HOH B O   1 
HETATM 1436 O O   . HOH F 3 .  ? -0.47889  -15.84923 -12.74145 1.000 40.96699 ? 236 HOH B O   1 
HETATM 1437 O O   . HOH F 3 .  ? 3.91247   -5.02882  -4.95530  1.000 38.43199 ? 237 HOH B O   1 
HETATM 1438 O O   . HOH F 3 .  ? 1.23465   -0.27504  7.44178   1.000 41.53880 ? 238 HOH B O   1 
HETATM 1439 O O   . HOH F 3 .  ? -14.41145 -4.60972  -12.68822 1.000 46.77658 ? 239 HOH B O   1 
HETATM 1440 O O   . HOH F 3 .  ? 1.94172   -13.42448 -10.93906 1.000 43.79542 ? 240 HOH B O   1 
HETATM 1441 O O   . HOH F 3 .  ? -0.63430  -13.51613 -13.70460 0.50  46.62684 ? 241 HOH B O   1 
HETATM 1442 O O   . HOH F 3 .  ? -8.68974  7.66346   3.65943   1.000 45.55170 ? 242 HOH B O   1 
HETATM 1443 O O   . HOH F 3 .  ? -12.35260 -27.20577 4.96231   1.000 54.66030 ? 243 HOH B O   1 
# 
loop_
_pdbx_poly_seq_scheme.asym_id 
_pdbx_poly_seq_scheme.entity_id 
_pdbx_poly_seq_scheme.seq_id 
_pdbx_poly_seq_scheme.mon_id 
_pdbx_poly_seq_scheme.ndb_seq_num 
_pdbx_poly_seq_scheme.pdb_seq_num 
_pdbx_poly_seq_scheme.auth_seq_num 
_pdbx_poly_seq_scheme.pdb_mon_id 
_pdbx_poly_seq_scheme.auth_mon_id 
_pdbx_poly_seq_scheme.pdb_strand_id 
_pdbx_poly_seq_scheme.pdb_ins_code 
_pdbx_poly_seq_scheme.hetero 
A 1 1  MET 1  11 ?  ?   ?   A . n 
A 1 2  GLU 2  12 ?  ?   ?   A . n 
A 1 3  GLU 3  13 ?  ?   ?   A . n 
A 1 4  ASP 4  14 ?  ?   ?   A . n 
A 1 5  SER 5  15 15 SER SER A . n 
A 1 6  ILE 6  16 16 ILE ILE A . n 
A 1 7  ARG 7  17 17 ARG ARG A . n 
A 1 8  LEU 8  18 18 LEU LEU A . n 
A 1 9  PRO 9  19 19 PRO PRO A . n 
A 1 10 ALA 10 20 20 ALA ALA A . n 
A 1 11 HIS 11 21 21 HIS HIS A . n 
A 1 12 LEU 12 22 22 LEU LEU A . n 
A 1 13 ARG 13 23 23 ARG ARG A . n 
A 1 14 LEU 14 24 24 LEU LEU A . n 
A 1 15 GLN 15 25 25 GLN GLN A . n 
A 1 16 PRO 16 26 26 PRO PRO A . n 
A 1 17 ILE 17 27 27 ILE ILE A . n 
A 1 18 TYR 18 28 28 TYR TYR A . n 
A 1 19 TRP 19 29 29 TRP TRP A . n 
A 1 20 SER 20 30 30 SER SER A . n 
A 1 21 ARG 21 31 31 ARG ARG A . n 
A 1 22 ASP 22 32 32 ASP ASP A . n 
A 1 23 ASP 23 33 33 ASP ASP A . n 
A 1 24 VAL 24 34 34 VAL VAL A . n 
A 1 25 ALA 25 35 35 ALA ALA A . n 
A 1 26 GLN 26 36 36 GLN GLN A . n 
A 1 27 TRP 27 37 37 TRP TRP A . n 
A 1 28 LEU 28 38 38 LEU LEU A . n 
A 1 29 LYS 29 39 39 LYS LYS A . n 
A 1 30 TRP 30 40 40 TRP TRP A . n 
A 1 31 ALA 31 41 41 ALA ALA A . n 
A 1 32 GLU 32 42 42 GLU GLU A . n 
A 1 33 ASN 33 43 43 ASN ASN A . n 
A 1 34 GLU 34 44 44 GLU GLU A . n 
A 1 35 PHE 35 45 45 PHE PHE A . n 
A 1 36 SER 36 46 46 SER SER A . n 
A 1 37 LEU 37 47 47 LEU LEU A . n 
A 1 38 ARG 38 48 48 ARG ARG A . n 
A 1 39 PRO 39 49 49 PRO PRO A . n 
A 1 40 ILE 40 50 50 ILE ILE A . n 
A 1 41 ASP 41 51 51 ASP ASP A . n 
A 1 42 SER 42 52 52 SER SER A . n 
A 1 43 ASN 43 53 53 ASN ASN A . n 
A 1 44 THR 44 54 54 THR THR A . n 
A 1 45 PHE 45 55 55 PHE PHE A . n 
A 1 46 GLU 46 56 56 GLU GLU A . n 
A 1 47 MET 47 57 57 MET MET A . n 
A 1 48 ASN 48 58 58 ASN ASN A . n 
A 1 49 GLY 49 59 59 GLY GLY A . n 
A 1 50 LYS 50 60 60 LYS LYS A . n 
A 1 51 ASP 51 61 61 ASP ASP A . n 
A 1 52 LEU 52 62 62 LEU LEU A . n 
A 1 53 LEU 53 63 63 LEU LEU A . n 
A 1 54 LEU 54 64 64 LEU LEU A . n 
A 1 55 LEU 55 65 65 LEU LEU A . n 
A 1 56 THR 56 66 66 THR THR A . n 
A 1 57 LYS 57 67 67 LYS LYS A . n 
A 1 58 GLU 58 68 68 GLU GLU A . n 
A 1 59 ASP 59 69 69 ASP ASP A . n 
A 1 60 PHE 60 70 70 PHE PHE A . n 
A 1 61 ARG 61 71 71 ARG ARG A . n 
A 1 62 TYR 62 72 72 TYR TYR A . n 
A 1 63 ARG 63 73 73 ARG ARG A . n 
A 1 64 SER 64 74 74 SER SER A . n 
A 1 65 PRO 65 75 75 PRO PRO A . n 
A 1 66 HIS 66 76 76 HIS HIS A . n 
A 1 67 SER 67 77 77 SER SER A . n 
A 1 68 GLY 68 78 78 GLY GLY A . n 
A 1 69 ASP 69 79 79 ASP ASP A . n 
A 1 70 GLU 70 80 80 GLU GLU A . n 
A 1 71 LEU 71 81 81 LEU LEU A . n 
A 1 72 TYR 72 82 82 TYR TYR A . n 
A 1 73 GLU 73 83 83 GLU GLU A . n 
A 1 74 LEU 74 84 84 LEU LEU A . n 
A 1 75 LEU 75 85 85 LEU LEU A . n 
A 1 76 GLN 76 86 86 GLN GLN A . n 
A 1 77 HIS 77 87 87 HIS HIS A . n 
A 1 78 ILE 78 88 88 ILE ILE A . n 
A 1 79 LEU 79 89 89 LEU LEU A . n 
A 1 80 LYS 80 90 90 LYS LYS A . n 
A 1 81 GLN 81 91 91 GLN GLN A . n 
A 1 82 ARG 82 92 ?  ?   ?   A . n 
A 1 83 LYS 83 93 ?  ?   ?   A . n 
B 1 1  MET 1  11 ?  ?   ?   B . n 
B 1 2  GLU 2  12 ?  ?   ?   B . n 
B 1 3  GLU 3  13 ?  ?   ?   B . n 
B 1 4  ASP 4  14 ?  ?   ?   B . n 
B 1 5  SER 5  15 15 SER ALA B . n 
B 1 6  ILE 6  16 16 ILE ILE B . n 
B 1 7  ARG 7  17 17 ARG ARG B . n 
B 1 8  LEU 8  18 18 LEU LEU B . n 
B 1 9  PRO 9  19 19 PRO PRO B . n 
B 1 10 ALA 10 20 20 ALA ALA B . n 
B 1 11 HIS 11 21 21 HIS HIS B . n 
B 1 12 LEU 12 22 22 LEU LEU B . n 
B 1 13 ARG 13 23 23 ARG ARG B . n 
B 1 14 LEU 14 24 24 LEU LEU B . n 
B 1 15 GLN 15 25 25 GLN GLN B . n 
B 1 16 PRO 16 26 26 PRO PRO B . n 
B 1 17 ILE 17 27 27 ILE ILE B . n 
B 1 18 TYR 18 28 28 TYR TYR B . n 
B 1 19 TRP 19 29 29 TRP TRP B . n 
B 1 20 SER 20 30 30 SER SER B . n 
B 1 21 ARG 21 31 31 ARG ARG B . n 
B 1 22 ASP 22 32 32 ASP ASP B . n 
B 1 23 ASP 23 33 33 ASP ASP B . n 
B 1 24 VAL 24 34 34 VAL VAL B . n 
B 1 25 ALA 25 35 35 ALA ALA B . n 
B 1 26 GLN 26 36 36 GLN GLN B . n 
B 1 27 TRP 27 37 37 TRP TRP B . n 
B 1 28 LEU 28 38 38 LEU LEU B . n 
B 1 29 LYS 29 39 39 LYS LYS B . n 
B 1 30 TRP 30 40 40 TRP TRP B . n 
B 1 31 ALA 31 41 41 ALA ALA B . n 
B 1 32 GLU 32 42 42 GLU GLU B . n 
B 1 33 ASN 33 43 43 ASN ASN B . n 
B 1 34 GLU 34 44 44 GLU GLU B . n 
B 1 35 PHE 35 45 45 PHE PHE B . n 
B 1 36 SER 36 46 46 SER SER B . n 
B 1 37 LEU 37 47 47 LEU LEU B . n 
B 1 38 ARG 38 48 48 ARG ARG B . n 
B 1 39 PRO 39 49 49 PRO PRO B . n 
B 1 40 ILE 40 50 50 ILE ILE B . n 
B 1 41 ASP 41 51 51 ASP ASP B . n 
B 1 42 SER 42 52 52 SER SER B . n 
B 1 43 ASN 43 53 53 ASN ASN B . n 
B 1 44 THR 44 54 54 THR THR B . n 
B 1 45 PHE 45 55 55 PHE PHE B . n 
B 1 46 GLU 46 56 56 GLU GLU B . n 
B 1 47 MET 47 57 57 MET MET B . n 
B 1 48 ASN 48 58 58 ASN ASN B . n 
B 1 49 GLY 49 59 59 GLY GLY B . n 
B 1 50 LYS 50 60 60 LYS LYS B . n 
B 1 51 ASP 51 61 61 ASP ASP B . n 
B 1 52 LEU 52 62 62 LEU LEU B . n 
B 1 53 LEU 53 63 63 LEU LEU B . n 
B 1 54 LEU 54 64 64 LEU LEU B . n 
B 1 55 LEU 55 65 65 LEU LEU B . n 
B 1 56 THR 56 66 66 THR THR B . n 
B 1 57 LYS 57 67 67 LYS LYS B . n 
B 1 58 GLU 58 68 68 GLU GLU B . n 
B 1 59 ASP 59 69 69 ASP ASP B . n 
B 1 60 PHE 60 70 70 PHE PHE B . n 
B 1 61 ARG 61 71 71 ARG ARG B . n 
B 1 62 TYR 62 72 72 TYR TYR B . n 
B 1 63 ARG 63 73 73 ARG ARG B . n 
B 1 64 SER 64 74 74 SER SER B . n 
B 1 65 PRO 65 75 75 PRO PRO B . n 
B 1 66 HIS 66 76 76 HIS HIS B . n 
B 1 67 SER 67 77 77 SER SER B . n 
B 1 68 GLY 68 78 78 GLY GLY B . n 
B 1 69 ASP 69 79 79 ASP ASP B . n 
B 1 70 GLU 70 80 80 GLU GLU B . n 
B 1 71 LEU 71 81 81 LEU LEU B . n 
B 1 72 TYR 72 82 82 TYR TYR B . n 
B 1 73 GLU 73 83 83 GLU GLU B . n 
B 1 74 LEU 74 84 84 LEU LEU B . n 
B 1 75 LEU 75 85 85 LEU LEU B . n 
B 1 76 GLN 76 86 86 GLN GLN B . n 
B 1 77 HIS 77 87 87 HIS HIS B . n 
B 1 78 ILE 78 88 88 ILE ILE B . n 
B 1 79 LEU 79 89 89 LEU LEU B . n 
B 1 80 LYS 80 90 90 LYS LYS B . n 
B 1 81 GLN 81 91 91 GLN GLN B . n 
B 1 82 ARG 82 92 ?  ?   ?   B . n 
B 1 83 LYS 83 93 ?  ?   ?   B . n 
# 
loop_
_pdbx_nonpoly_scheme.asym_id 
_pdbx_nonpoly_scheme.entity_id 
_pdbx_nonpoly_scheme.mon_id 
_pdbx_nonpoly_scheme.ndb_seq_num 
_pdbx_nonpoly_scheme.pdb_seq_num 
_pdbx_nonpoly_scheme.auth_seq_num 
_pdbx_nonpoly_scheme.pdb_mon_id 
_pdbx_nonpoly_scheme.auth_mon_id 
_pdbx_nonpoly_scheme.pdb_strand_id 
_pdbx_nonpoly_scheme.pdb_ins_code 
C 2 FMT 1  101 1   FMT FMT A . 
D 2 FMT 1  101 2   FMT FMT B . 
E 3 HOH 1  201 34  HOH HOH A . 
E 3 HOH 2  202 40  HOH HOH A . 
E 3 HOH 3  203 117 HOH HOH A . 
E 3 HOH 4  204 69  HOH HOH A . 
E 3 HOH 5  205 46  HOH HOH A . 
E 3 HOH 6  206 19  HOH HOH A . 
E 3 HOH 7  207 93  HOH HOH A . 
E 3 HOH 8  208 47  HOH HOH A . 
E 3 HOH 9  209 6   HOH HOH A . 
E 3 HOH 10 210 65  HOH HOH A . 
E 3 HOH 11 211 73  HOH HOH A . 
E 3 HOH 12 212 5   HOH HOH A . 
E 3 HOH 13 213 44  HOH HOH A . 
E 3 HOH 14 214 38  HOH HOH A . 
E 3 HOH 15 215 31  HOH HOH A . 
E 3 HOH 16 216 80  HOH HOH A . 
E 3 HOH 17 217 13  HOH HOH A . 
E 3 HOH 18 218 78  HOH HOH A . 
E 3 HOH 19 219 4   HOH HOH A . 
E 3 HOH 20 220 37  HOH HOH A . 
E 3 HOH 21 221 45  HOH HOH A . 
E 3 HOH 22 222 54  HOH HOH A . 
E 3 HOH 23 223 2   HOH HOH A . 
E 3 HOH 24 224 7   HOH HOH A . 
E 3 HOH 25 225 100 HOH HOH A . 
E 3 HOH 26 226 15  HOH HOH A . 
E 3 HOH 27 227 89  HOH HOH A . 
E 3 HOH 28 228 22  HOH HOH A . 
E 3 HOH 29 229 18  HOH HOH A . 
E 3 HOH 30 230 110 HOH HOH A . 
E 3 HOH 31 231 21  HOH HOH A . 
E 3 HOH 32 232 92  HOH HOH A . 
E 3 HOH 33 233 77  HOH HOH A . 
E 3 HOH 34 234 32  HOH HOH A . 
E 3 HOH 35 235 51  HOH HOH A . 
E 3 HOH 36 236 33  HOH HOH A . 
E 3 HOH 37 237 53  HOH HOH A . 
E 3 HOH 38 238 43  HOH HOH A . 
E 3 HOH 39 239 99  HOH HOH A . 
E 3 HOH 40 240 9   HOH HOH A . 
E 3 HOH 41 241 52  HOH HOH A . 
E 3 HOH 42 242 83  HOH HOH A . 
E 3 HOH 43 243 62  HOH HOH A . 
E 3 HOH 44 244 24  HOH HOH A . 
E 3 HOH 45 245 39  HOH HOH A . 
E 3 HOH 46 246 107 HOH HOH A . 
E 3 HOH 47 247 25  HOH HOH A . 
E 3 HOH 48 248 63  HOH HOH A . 
E 3 HOH 49 249 23  HOH HOH A . 
E 3 HOH 50 250 106 HOH HOH A . 
E 3 HOH 51 251 49  HOH HOH A . 
E 3 HOH 52 252 84  HOH HOH A . 
E 3 HOH 53 253 94  HOH HOH A . 
E 3 HOH 54 254 14  HOH HOH A . 
E 3 HOH 55 255 114 HOH HOH A . 
E 3 HOH 56 256 75  HOH HOH A . 
E 3 HOH 57 257 108 HOH HOH A . 
E 3 HOH 58 258 115 HOH HOH A . 
E 3 HOH 59 259 76  HOH HOH A . 
E 3 HOH 60 260 113 HOH HOH A . 
E 3 HOH 61 261 66  HOH HOH A . 
E 3 HOH 62 262 16  HOH HOH A . 
F 3 HOH 1  201 86  HOH HOH B . 
F 3 HOH 2  202 118 HOH HOH B . 
F 3 HOH 3  203 57  HOH HOH B . 
F 3 HOH 4  204 30  HOH HOH B . 
F 3 HOH 5  205 26  HOH HOH B . 
F 3 HOH 6  206 42  HOH HOH B . 
F 3 HOH 7  207 95  HOH HOH B . 
F 3 HOH 8  208 27  HOH HOH B . 
F 3 HOH 9  209 74  HOH HOH B . 
F 3 HOH 10 210 36  HOH HOH B . 
F 3 HOH 11 211 116 HOH HOH B . 
F 3 HOH 12 212 17  HOH HOH B . 
F 3 HOH 13 213 68  HOH HOH B . 
F 3 HOH 14 214 79  HOH HOH B . 
F 3 HOH 15 215 101 HOH HOH B . 
F 3 HOH 16 216 56  HOH HOH B . 
F 3 HOH 17 217 70  HOH HOH B . 
F 3 HOH 18 218 1   HOH HOH B . 
F 3 HOH 19 219 35  HOH HOH B . 
F 3 HOH 20 220 60  HOH HOH B . 
F 3 HOH 21 221 81  HOH HOH B . 
F 3 HOH 22 222 28  HOH HOH B . 
F 3 HOH 23 223 58  HOH HOH B . 
F 3 HOH 24 224 8   HOH HOH B . 
F 3 HOH 25 225 3   HOH HOH B . 
F 3 HOH 26 226 64  HOH HOH B . 
F 3 HOH 27 227 11  HOH HOH B . 
F 3 HOH 28 228 50  HOH HOH B . 
F 3 HOH 29 229 59  HOH HOH B . 
F 3 HOH 30 230 29  HOH HOH B . 
F 3 HOH 31 231 41  HOH HOH B . 
F 3 HOH 32 232 10  HOH HOH B . 
F 3 HOH 33 233 119 HOH HOH B . 
F 3 HOH 34 234 12  HOH HOH B . 
F 3 HOH 35 235 85  HOH HOH B . 
F 3 HOH 36 236 55  HOH HOH B . 
F 3 HOH 37 237 20  HOH HOH B . 
F 3 HOH 38 238 96  HOH HOH B . 
F 3 HOH 39 239 98  HOH HOH B . 
F 3 HOH 40 240 87  HOH HOH B . 
F 3 HOH 41 241 48  HOH HOH B . 
F 3 HOH 42 242 72  HOH HOH B . 
F 3 HOH 43 243 102 HOH HOH B . 
# 
loop_
_pdbx_struct_assembly.id 
_pdbx_struct_assembly.details 
_pdbx_struct_assembly.method_details 
_pdbx_struct_assembly.oligomeric_details 
_pdbx_struct_assembly.oligomeric_count 
1 author_and_software_defined_assembly PISA monomeric 1 
2 author_and_software_defined_assembly PISA monomeric 1 
# 
loop_
_pdbx_struct_assembly_gen.assembly_id 
_pdbx_struct_assembly_gen.oper_expression 
_pdbx_struct_assembly_gen.asym_id_list 
1 1 A,C,E 
2 1 B,D,F 
# 
_pdbx_struct_oper_list.id                   1 
_pdbx_struct_oper_list.type                 'identity operation' 
_pdbx_struct_oper_list.name                 1_555 
_pdbx_struct_oper_list.symmetry_operation   x,y,z 
_pdbx_struct_oper_list.matrix[1][1]         1.0000000000 
_pdbx_struct_oper_list.matrix[1][2]         0.0000000000 
_pdbx_struct_oper_list.matrix[1][3]         0.0000000000 
_pdbx_struct_oper_list.vector[1]            0.0000000000 
_pdbx_struct_oper_list.matrix[2][1]         0.0000000000 
_pdbx_struct_oper_list.matrix[2][2]         1.0000000000 
_pdbx_struct_oper_list.matrix[2][3]         0.0000000000 
_pdbx_struct_oper_list.vector[2]            0.0000000000 
_pdbx_struct_oper_list.matrix[3][1]         0.0000000000 
_pdbx_struct_oper_list.matrix[3][2]         0.0000000000 
_pdbx_struct_oper_list.matrix[3][3]         1.0000000000 
_pdbx_struct_oper_list.vector[3]            0.0000000000 
# 
loop_
_pdbx_struct_special_symmetry.id 
_pdbx_struct_special_symmetry.PDB_model_num 
_pdbx_struct_special_symmetry.auth_asym_id 
_pdbx_struct_special_symmetry.auth_comp_id 
_pdbx_struct_special_symmetry.auth_seq_id 
_pdbx_struct_special_symmetry.PDB_ins_code 
_pdbx_struct_special_symmetry.label_asym_id 
_pdbx_struct_special_symmetry.label_comp_id 
_pdbx_struct_special_symmetry.label_seq_id 
1 1 A HOH 203 ? E HOH . 
2 1 B HOH 235 ? F HOH . 
3 1 B HOH 241 ? F HOH . 
# 
loop_
_pdbx_audit_revision_history.ordinal 
_pdbx_audit_revision_history.data_content_type 
_pdbx_audit_revision_history.major_revision 
_pdbx_audit_revision_history.minor_revision 
_pdbx_audit_revision_history.revision_date 
1 'Structure model' 1 0 2021-01-20 
2 'Structure model' 1 1 2021-01-27 
3 'Structure model' 1 2 2021-07-21 
4 'Structure model' 1 3 2023-10-18 
# 
_pdbx_audit_revision_details.ordinal             1 
_pdbx_audit_revision_details.revision_ordinal    1 
_pdbx_audit_revision_details.data_content_type   'Structure model' 
_pdbx_audit_revision_details.provider            repository 
_pdbx_audit_revision_details.type                'Initial release' 
_pdbx_audit_revision_details.description         ? 
_pdbx_audit_revision_details.details             ? 
# 
loop_
_pdbx_audit_revision_group.ordinal 
_pdbx_audit_revision_group.revision_ordinal 
_pdbx_audit_revision_group.data_content_type 
_pdbx_audit_revision_group.group 
1 2 'Structure model' 'Database references'    
2 3 'Structure model' 'Database references'    
3 4 'Structure model' 'Data collection'        
4 4 'Structure model' 'Database references'    
5 4 'Structure model' 'Refinement description' 
# 
loop_
_pdbx_audit_revision_category.ordinal 
_pdbx_audit_revision_category.revision_ordinal 
_pdbx_audit_revision_category.data_content_type 
_pdbx_audit_revision_category.category 
1 2 'Structure model' citation                      
2 2 'Structure model' citation_author               
3 3 'Structure model' citation                      
4 4 'Structure model' chem_comp_atom                
5 4 'Structure model' chem_comp_bond                
6 4 'Structure model' database_2                    
7 4 'Structure model' pdbx_initial_refinement_model 
# 
loop_
_pdbx_audit_revision_item.ordinal 
_pdbx_audit_revision_item.revision_ordinal 
_pdbx_audit_revision_item.data_content_type 
_pdbx_audit_revision_item.item 
1  2 'Structure model' '_citation.country'                   
2  2 'Structure model' '_citation.journal_abbrev'            
3  2 'Structure model' '_citation.journal_id_ASTM'           
4  2 'Structure model' '_citation.journal_id_CSD'            
5  2 'Structure model' '_citation.journal_id_ISSN'           
6  2 'Structure model' '_citation.page_first'                
7  2 'Structure model' '_citation.page_last'                 
8  2 'Structure model' '_citation.pdbx_database_id_DOI'      
9  2 'Structure model' '_citation.pdbx_database_id_PubMed'   
10 2 'Structure model' '_citation.title'                     
11 2 'Structure model' '_citation.year'                      
12 2 'Structure model' '_citation_author.identifier_ORCID'   
13 2 'Structure model' '_citation_author.name'               
14 3 'Structure model' '_citation.journal_volume'            
15 4 'Structure model' '_database_2.pdbx_DOI'                
16 4 'Structure model' '_database_2.pdbx_database_accession' 
# 
loop_
_space_group_symop.id 
_space_group_symop.operation_xyz 
1  x,y,z          
2  x-y,x,z+5/6    
3  y,-x+y,z+1/6   
4  -y,x-y,z+2/3   
5  -x+y,-x,z+1/3  
6  x-y,-y,-z      
7  -x,-x+y,-z+1/3 
8  -x,-y,z+1/2    
9  y,x,-z+2/3     
10 -y,-x,-z+1/6   
11 -x+y,y,-z+1/2  
12 x,x-y,-z+5/6   
# 
loop_
_software.citation_id 
_software.classification 
_software.compiler_name 
_software.compiler_version 
_software.contact_author 
_software.contact_author_email 
_software.date 
_software.description 
_software.dependencies 
_software.hardware 
_software.language 
_software.location 
_software.mods 
_software.name 
_software.os 
_software.os_version 
_software.type 
_software.version 
_software.pdbx_ordinal 
? refinement       ? ? ? ? ? ? ? ? ? ? ? PHENIX ? ? ? 1.11.1-2575 1 
? phasing          ? ? ? ? ? ? ? ? ? ? ? PHASER ? ? ? .           2 
? 'model building' ? ? ? ? ? ? ? ? ? ? ? Coot   ? ? ? .           3 
? 'data scaling'   ? ? ? ? ? ? ? ? ? ? ? XSCALE ? ? ? .           4 
# 
_pdbx_entry_details.entry_id                 7JU2 
_pdbx_entry_details.has_ligand_of_interest   N 
_pdbx_entry_details.compound_details         ? 
_pdbx_entry_details.source_details           ? 
_pdbx_entry_details.nonpolymer_details       ? 
_pdbx_entry_details.sequence_details         ? 
# 
_pdbx_unobs_or_zero_occ_atoms.id               1 
_pdbx_unobs_or_zero_occ_atoms.PDB_model_num    1 
_pdbx_unobs_or_zero_occ_atoms.polymer_flag     Y 
_pdbx_unobs_or_zero_occ_atoms.occupancy_flag   1 
_pdbx_unobs_or_zero_occ_atoms.auth_asym_id     B 
_pdbx_unobs_or_zero_occ_atoms.auth_comp_id     SER 
_pdbx_unobs_or_zero_occ_atoms.auth_seq_id      15 
_pdbx_unobs_or_zero_occ_atoms.PDB_ins_code     ? 
_pdbx_unobs_or_zero_occ_atoms.auth_atom_id     OG 
_pdbx_unobs_or_zero_occ_atoms.label_alt_id     ? 
_pdbx_unobs_or_zero_occ_atoms.label_asym_id    B 
_pdbx_unobs_or_zero_occ_atoms.label_comp_id    SER 
_pdbx_unobs_or_zero_occ_atoms.label_seq_id     5 
_pdbx_unobs_or_zero_occ_atoms.label_atom_id    OG 
# 
loop_
_pdbx_unobs_or_zero_occ_residues.id 
_pdbx_unobs_or_zero_occ_residues.PDB_model_num 
_pdbx_unobs_or_zero_occ_residues.polymer_flag 
_pdbx_unobs_or_zero_occ_residues.occupancy_flag 
_pdbx_unobs_or_zero_occ_residues.auth_asym_id 
_pdbx_unobs_or_zero_occ_residues.auth_comp_id 
_pdbx_unobs_or_zero_occ_residues.auth_seq_id 
_pdbx_unobs_or_zero_occ_residues.PDB_ins_code 
_pdbx_unobs_or_zero_occ_residues.label_asym_id 
_pdbx_unobs_or_zero_occ_residues.label_comp_id 
_pdbx_unobs_or_zero_occ_residues.label_seq_id 
1  1 Y 1 A MET 11 ? A MET 1  
2  1 Y 1 A GLU 12 ? A GLU 2  
3  1 Y 1 A GLU 13 ? A GLU 3  
4  1 Y 1 A ASP 14 ? A ASP 4  
5  1 Y 1 A ARG 92 ? A ARG 82 
6  1 Y 1 A LYS 93 ? A LYS 83 
7  1 Y 1 B MET 11 ? B MET 1  
8  1 Y 1 B GLU 12 ? B GLU 2  
9  1 Y 1 B GLU 13 ? B GLU 3  
10 1 Y 1 B ASP 14 ? B ASP 4  
11 1 Y 1 B ARG 92 ? B ARG 82 
12 1 Y 1 B LYS 93 ? B LYS 83 
# 
loop_
_chem_comp_atom.comp_id 
_chem_comp_atom.atom_id 
_chem_comp_atom.type_symbol 
_chem_comp_atom.pdbx_aromatic_flag 
_chem_comp_atom.pdbx_stereo_config 
_chem_comp_atom.pdbx_ordinal 
ALA N    N N N 1   
ALA CA   C N S 2   
ALA C    C N N 3   
ALA O    O N N 4   
ALA CB   C N N 5   
ALA OXT  O N N 6   
ALA H    H N N 7   
ALA H2   H N N 8   
ALA HA   H N N 9   
ALA HB1  H N N 10  
ALA HB2  H N N 11  
ALA HB3  H N N 12  
ALA HXT  H N N 13  
ARG N    N N N 14  
ARG CA   C N S 15  
ARG C    C N N 16  
ARG O    O N N 17  
ARG CB   C N N 18  
ARG CG   C N N 19  
ARG CD   C N N 20  
ARG NE   N N N 21  
ARG CZ   C N N 22  
ARG NH1  N N N 23  
ARG NH2  N N N 24  
ARG OXT  O N N 25  
ARG H    H N N 26  
ARG H2   H N N 27  
ARG HA   H N N 28  
ARG HB2  H N N 29  
ARG HB3  H N N 30  
ARG HG2  H N N 31  
ARG HG3  H N N 32  
ARG HD2  H N N 33  
ARG HD3  H N N 34  
ARG HE   H N N 35  
ARG HH11 H N N 36  
ARG HH12 H N N 37  
ARG HH21 H N N 38  
ARG HH22 H N N 39  
ARG HXT  H N N 40  
ASN N    N N N 41  
ASN CA   C N S 42  
ASN C    C N N 43  
ASN O    O N N 44  
ASN CB   C N N 45  
ASN CG   C N N 46  
ASN OD1  O N N 47  
ASN ND2  N N N 48  
ASN OXT  O N N 49  
ASN H    H N N 50  
ASN H2   H N N 51  
ASN HA   H N N 52  
ASN HB2  H N N 53  
ASN HB3  H N N 54  
ASN HD21 H N N 55  
ASN HD22 H N N 56  
ASN HXT  H N N 57  
ASP N    N N N 58  
ASP CA   C N S 59  
ASP C    C N N 60  
ASP O    O N N 61  
ASP CB   C N N 62  
ASP CG   C N N 63  
ASP OD1  O N N 64  
ASP OD2  O N N 65  
ASP OXT  O N N 66  
ASP H    H N N 67  
ASP H2   H N N 68  
ASP HA   H N N 69  
ASP HB2  H N N 70  
ASP HB3  H N N 71  
ASP HD2  H N N 72  
ASP HXT  H N N 73  
FMT C    C N N 74  
FMT O1   O N N 75  
FMT O2   O N N 76  
FMT H    H N N 77  
FMT HO2  H N N 78  
GLN N    N N N 79  
GLN CA   C N S 80  
GLN C    C N N 81  
GLN O    O N N 82  
GLN CB   C N N 83  
GLN CG   C N N 84  
GLN CD   C N N 85  
GLN OE1  O N N 86  
GLN NE2  N N N 87  
GLN OXT  O N N 88  
GLN H    H N N 89  
GLN H2   H N N 90  
GLN HA   H N N 91  
GLN HB2  H N N 92  
GLN HB3  H N N 93  
GLN HG2  H N N 94  
GLN HG3  H N N 95  
GLN HE21 H N N 96  
GLN HE22 H N N 97  
GLN HXT  H N N 98  
GLU N    N N N 99  
GLU CA   C N S 100 
GLU C    C N N 101 
GLU O    O N N 102 
GLU CB   C N N 103 
GLU CG   C N N 104 
GLU CD   C N N 105 
GLU OE1  O N N 106 
GLU OE2  O N N 107 
GLU OXT  O N N 108 
GLU H    H N N 109 
GLU H2   H N N 110 
GLU HA   H N N 111 
GLU HB2  H N N 112 
GLU HB3  H N N 113 
GLU HG2  H N N 114 
GLU HG3  H N N 115 
GLU HE2  H N N 116 
GLU HXT  H N N 117 
GLY N    N N N 118 
GLY CA   C N N 119 
GLY C    C N N 120 
GLY O    O N N 121 
GLY OXT  O N N 122 
GLY H    H N N 123 
GLY H2   H N N 124 
GLY HA2  H N N 125 
GLY HA3  H N N 126 
GLY HXT  H N N 127 
HIS N    N N N 128 
HIS CA   C N S 129 
HIS C    C N N 130 
HIS O    O N N 131 
HIS CB   C N N 132 
HIS CG   C Y N 133 
HIS ND1  N Y N 134 
HIS CD2  C Y N 135 
HIS CE1  C Y N 136 
HIS NE2  N Y N 137 
HIS OXT  O N N 138 
HIS H    H N N 139 
HIS H2   H N N 140 
HIS HA   H N N 141 
HIS HB2  H N N 142 
HIS HB3  H N N 143 
HIS HD1  H N N 144 
HIS HD2  H N N 145 
HIS HE1  H N N 146 
HIS HE2  H N N 147 
HIS HXT  H N N 148 
HOH O    O N N 149 
HOH H1   H N N 150 
HOH H2   H N N 151 
ILE N    N N N 152 
ILE CA   C N S 153 
ILE C    C N N 154 
ILE O    O N N 155 
ILE CB   C N S 156 
ILE CG1  C N N 157 
ILE CG2  C N N 158 
ILE CD1  C N N 159 
ILE OXT  O N N 160 
ILE H    H N N 161 
ILE H2   H N N 162 
ILE HA   H N N 163 
ILE HB   H N N 164 
ILE HG12 H N N 165 
ILE HG13 H N N 166 
ILE HG21 H N N 167 
ILE HG22 H N N 168 
ILE HG23 H N N 169 
ILE HD11 H N N 170 
ILE HD12 H N N 171 
ILE HD13 H N N 172 
ILE HXT  H N N 173 
LEU N    N N N 174 
LEU CA   C N S 175 
LEU C    C N N 176 
LEU O    O N N 177 
LEU CB   C N N 178 
LEU CG   C N N 179 
LEU CD1  C N N 180 
LEU CD2  C N N 181 
LEU OXT  O N N 182 
LEU H    H N N 183 
LEU H2   H N N 184 
LEU HA   H N N 185 
LEU HB2  H N N 186 
LEU HB3  H N N 187 
LEU HG   H N N 188 
LEU HD11 H N N 189 
LEU HD12 H N N 190 
LEU HD13 H N N 191 
LEU HD21 H N N 192 
LEU HD22 H N N 193 
LEU HD23 H N N 194 
LEU HXT  H N N 195 
LYS N    N N N 196 
LYS CA   C N S 197 
LYS C    C N N 198 
LYS O    O N N 199 
LYS CB   C N N 200 
LYS CG   C N N 201 
LYS CD   C N N 202 
LYS CE   C N N 203 
LYS NZ   N N N 204 
LYS OXT  O N N 205 
LYS H    H N N 206 
LYS H2   H N N 207 
LYS HA   H N N 208 
LYS HB2  H N N 209 
LYS HB3  H N N 210 
LYS HG2  H N N 211 
LYS HG3  H N N 212 
LYS HD2  H N N 213 
LYS HD3  H N N 214 
LYS HE2  H N N 215 
LYS HE3  H N N 216 
LYS HZ1  H N N 217 
LYS HZ2  H N N 218 
LYS HZ3  H N N 219 
LYS HXT  H N N 220 
MET N    N N N 221 
MET CA   C N S 222 
MET C    C N N 223 
MET O    O N N 224 
MET CB   C N N 225 
MET CG   C N N 226 
MET SD   S N N 227 
MET CE   C N N 228 
MET OXT  O N N 229 
MET H    H N N 230 
MET H2   H N N 231 
MET HA   H N N 232 
MET HB2  H N N 233 
MET HB3  H N N 234 
MET HG2  H N N 235 
MET HG3  H N N 236 
MET HE1  H N N 237 
MET HE2  H N N 238 
MET HE3  H N N 239 
MET HXT  H N N 240 
PHE N    N N N 241 
PHE CA   C N S 242 
PHE C    C N N 243 
PHE O    O N N 244 
PHE CB   C N N 245 
PHE CG   C Y N 246 
PHE CD1  C Y N 247 
PHE CD2  C Y N 248 
PHE CE1  C Y N 249 
PHE CE2  C Y N 250 
PHE CZ   C Y N 251 
PHE OXT  O N N 252 
PHE H    H N N 253 
PHE H2   H N N 254 
PHE HA   H N N 255 
PHE HB2  H N N 256 
PHE HB3  H N N 257 
PHE HD1  H N N 258 
PHE HD2  H N N 259 
PHE HE1  H N N 260 
PHE HE2  H N N 261 
PHE HZ   H N N 262 
PHE HXT  H N N 263 
PRO N    N N N 264 
PRO CA   C N S 265 
PRO C    C N N 266 
PRO O    O N N 267 
PRO CB   C N N 268 
PRO CG   C N N 269 
PRO CD   C N N 270 
PRO OXT  O N N 271 
PRO H    H N N 272 
PRO HA   H N N 273 
PRO HB2  H N N 274 
PRO HB3  H N N 275 
PRO HG2  H N N 276 
PRO HG3  H N N 277 
PRO HD2  H N N 278 
PRO HD3  H N N 279 
PRO HXT  H N N 280 
SER N    N N N 281 
SER CA   C N S 282 
SER C    C N N 283 
SER O    O N N 284 
SER CB   C N N 285 
SER OG   O N N 286 
SER OXT  O N N 287 
SER H    H N N 288 
SER H2   H N N 289 
SER HA   H N N 290 
SER HB2  H N N 291 
SER HB3  H N N 292 
SER HG   H N N 293 
SER HXT  H N N 294 
THR N    N N N 295 
THR CA   C N S 296 
THR C    C N N 297 
THR O    O N N 298 
THR CB   C N R 299 
THR OG1  O N N 300 
THR CG2  C N N 301 
THR OXT  O N N 302 
THR H    H N N 303 
THR H2   H N N 304 
THR HA   H N N 305 
THR HB   H N N 306 
THR HG1  H N N 307 
THR HG21 H N N 308 
THR HG22 H N N 309 
THR HG23 H N N 310 
THR HXT  H N N 311 
TRP N    N N N 312 
TRP CA   C N S 313 
TRP C    C N N 314 
TRP O    O N N 315 
TRP CB   C N N 316 
TRP CG   C Y N 317 
TRP CD1  C Y N 318 
TRP CD2  C Y N 319 
TRP NE1  N Y N 320 
TRP CE2  C Y N 321 
TRP CE3  C Y N 322 
TRP CZ2  C Y N 323 
TRP CZ3  C Y N 324 
TRP CH2  C Y N 325 
TRP OXT  O N N 326 
TRP H    H N N 327 
TRP H2   H N N 328 
TRP HA   H N N 329 
TRP HB2  H N N 330 
TRP HB3  H N N 331 
TRP HD1  H N N 332 
TRP HE1  H N N 333 
TRP HE3  H N N 334 
TRP HZ2  H N N 335 
TRP HZ3  H N N 336 
TRP HH2  H N N 337 
TRP HXT  H N N 338 
TYR N    N N N 339 
TYR CA   C N S 340 
TYR C    C N N 341 
TYR O    O N N 342 
TYR CB   C N N 343 
TYR CG   C Y N 344 
TYR CD1  C Y N 345 
TYR CD2  C Y N 346 
TYR CE1  C Y N 347 
TYR CE2  C Y N 348 
TYR CZ   C Y N 349 
TYR OH   O N N 350 
TYR OXT  O N N 351 
TYR H    H N N 352 
TYR H2   H N N 353 
TYR HA   H N N 354 
TYR HB2  H N N 355 
TYR HB3  H N N 356 
TYR HD1  H N N 357 
TYR HD2  H N N 358 
TYR HE1  H N N 359 
TYR HE2  H N N 360 
TYR HH   H N N 361 
TYR HXT  H N N 362 
VAL N    N N N 363 
VAL CA   C N S 364 
VAL C    C N N 365 
VAL O    O N N 366 
VAL CB   C N N 367 
VAL CG1  C N N 368 
VAL CG2  C N N 369 
VAL OXT  O N N 370 
VAL H    H N N 371 
VAL H2   H N N 372 
VAL HA   H N N 373 
VAL HB   H N N 374 
VAL HG11 H N N 375 
VAL HG12 H N N 376 
VAL HG13 H N N 377 
VAL HG21 H N N 378 
VAL HG22 H N N 379 
VAL HG23 H N N 380 
VAL HXT  H N N 381 
# 
loop_
_chem_comp_bond.comp_id 
_chem_comp_bond.atom_id_1 
_chem_comp_bond.atom_id_2 
_chem_comp_bond.value_order 
_chem_comp_bond.pdbx_aromatic_flag 
_chem_comp_bond.pdbx_stereo_config 
_chem_comp_bond.pdbx_ordinal 
ALA N   CA   sing N N 1   
ALA N   H    sing N N 2   
ALA N   H2   sing N N 3   
ALA CA  C    sing N N 4   
ALA CA  CB   sing N N 5   
ALA CA  HA   sing N N 6   
ALA C   O    doub N N 7   
ALA C   OXT  sing N N 8   
ALA CB  HB1  sing N N 9   
ALA CB  HB2  sing N N 10  
ALA CB  HB3  sing N N 11  
ALA OXT HXT  sing N N 12  
ARG N   CA   sing N N 13  
ARG N   H    sing N N 14  
ARG N   H2   sing N N 15  
ARG CA  C    sing N N 16  
ARG CA  CB   sing N N 17  
ARG CA  HA   sing N N 18  
ARG C   O    doub N N 19  
ARG C   OXT  sing N N 20  
ARG CB  CG   sing N N 21  
ARG CB  HB2  sing N N 22  
ARG CB  HB3  sing N N 23  
ARG CG  CD   sing N N 24  
ARG CG  HG2  sing N N 25  
ARG CG  HG3  sing N N 26  
ARG CD  NE   sing N N 27  
ARG CD  HD2  sing N N 28  
ARG CD  HD3  sing N N 29  
ARG NE  CZ   sing N N 30  
ARG NE  HE   sing N N 31  
ARG CZ  NH1  sing N N 32  
ARG CZ  NH2  doub N N 33  
ARG NH1 HH11 sing N N 34  
ARG NH1 HH12 sing N N 35  
ARG NH2 HH21 sing N N 36  
ARG NH2 HH22 sing N N 37  
ARG OXT HXT  sing N N 38  
ASN N   CA   sing N N 39  
ASN N   H    sing N N 40  
ASN N   H2   sing N N 41  
ASN CA  C    sing N N 42  
ASN CA  CB   sing N N 43  
ASN CA  HA   sing N N 44  
ASN C   O    doub N N 45  
ASN C   OXT  sing N N 46  
ASN CB  CG   sing N N 47  
ASN CB  HB2  sing N N 48  
ASN CB  HB3  sing N N 49  
ASN CG  OD1  doub N N 50  
ASN CG  ND2  sing N N 51  
ASN ND2 HD21 sing N N 52  
ASN ND2 HD22 sing N N 53  
ASN OXT HXT  sing N N 54  
ASP N   CA   sing N N 55  
ASP N   H    sing N N 56  
ASP N   H2   sing N N 57  
ASP CA  C    sing N N 58  
ASP CA  CB   sing N N 59  
ASP CA  HA   sing N N 60  
ASP C   O    doub N N 61  
ASP C   OXT  sing N N 62  
ASP CB  CG   sing N N 63  
ASP CB  HB2  sing N N 64  
ASP CB  HB3  sing N N 65  
ASP CG  OD1  doub N N 66  
ASP CG  OD2  sing N N 67  
ASP OD2 HD2  sing N N 68  
ASP OXT HXT  sing N N 69  
FMT C   O1   doub N N 70  
FMT C   O2   sing N N 71  
FMT C   H    sing N N 72  
FMT O2  HO2  sing N N 73  
GLN N   CA   sing N N 74  
GLN N   H    sing N N 75  
GLN N   H2   sing N N 76  
GLN CA  C    sing N N 77  
GLN CA  CB   sing N N 78  
GLN CA  HA   sing N N 79  
GLN C   O    doub N N 80  
GLN C   OXT  sing N N 81  
GLN CB  CG   sing N N 82  
GLN CB  HB2  sing N N 83  
GLN CB  HB3  sing N N 84  
GLN CG  CD   sing N N 85  
GLN CG  HG2  sing N N 86  
GLN CG  HG3  sing N N 87  
GLN CD  OE1  doub N N 88  
GLN CD  NE2  sing N N 89  
GLN NE2 HE21 sing N N 90  
GLN NE2 HE22 sing N N 91  
GLN OXT HXT  sing N N 92  
GLU N   CA   sing N N 93  
GLU N   H    sing N N 94  
GLU N   H2   sing N N 95  
GLU CA  C    sing N N 96  
GLU CA  CB   sing N N 97  
GLU CA  HA   sing N N 98  
GLU C   O    doub N N 99  
GLU C   OXT  sing N N 100 
GLU CB  CG   sing N N 101 
GLU CB  HB2  sing N N 102 
GLU CB  HB3  sing N N 103 
GLU CG  CD   sing N N 104 
GLU CG  HG2  sing N N 105 
GLU CG  HG3  sing N N 106 
GLU CD  OE1  doub N N 107 
GLU CD  OE2  sing N N 108 
GLU OE2 HE2  sing N N 109 
GLU OXT HXT  sing N N 110 
GLY N   CA   sing N N 111 
GLY N   H    sing N N 112 
GLY N   H2   sing N N 113 
GLY CA  C    sing N N 114 
GLY CA  HA2  sing N N 115 
GLY CA  HA3  sing N N 116 
GLY C   O    doub N N 117 
GLY C   OXT  sing N N 118 
GLY OXT HXT  sing N N 119 
HIS N   CA   sing N N 120 
HIS N   H    sing N N 121 
HIS N   H2   sing N N 122 
HIS CA  C    sing N N 123 
HIS CA  CB   sing N N 124 
HIS CA  HA   sing N N 125 
HIS C   O    doub N N 126 
HIS C   OXT  sing N N 127 
HIS CB  CG   sing N N 128 
HIS CB  HB2  sing N N 129 
HIS CB  HB3  sing N N 130 
HIS CG  ND1  sing Y N 131 
HIS CG  CD2  doub Y N 132 
HIS ND1 CE1  doub Y N 133 
HIS ND1 HD1  sing N N 134 
HIS CD2 NE2  sing Y N 135 
HIS CD2 HD2  sing N N 136 
HIS CE1 NE2  sing Y N 137 
HIS CE1 HE1  sing N N 138 
HIS NE2 HE2  sing N N 139 
HIS OXT HXT  sing N N 140 
HOH O   H1   sing N N 141 
HOH O   H2   sing N N 142 
ILE N   CA   sing N N 143 
ILE N   H    sing N N 144 
ILE N   H2   sing N N 145 
ILE CA  C    sing N N 146 
ILE CA  CB   sing N N 147 
ILE CA  HA   sing N N 148 
ILE C   O    doub N N 149 
ILE C   OXT  sing N N 150 
ILE CB  CG1  sing N N 151 
ILE CB  CG2  sing N N 152 
ILE CB  HB   sing N N 153 
ILE CG1 CD1  sing N N 154 
ILE CG1 HG12 sing N N 155 
ILE CG1 HG13 sing N N 156 
ILE CG2 HG21 sing N N 157 
ILE CG2 HG22 sing N N 158 
ILE CG2 HG23 sing N N 159 
ILE CD1 HD11 sing N N 160 
ILE CD1 HD12 sing N N 161 
ILE CD1 HD13 sing N N 162 
ILE OXT HXT  sing N N 163 
LEU N   CA   sing N N 164 
LEU N   H    sing N N 165 
LEU N   H2   sing N N 166 
LEU CA  C    sing N N 167 
LEU CA  CB   sing N N 168 
LEU CA  HA   sing N N 169 
LEU C   O    doub N N 170 
LEU C   OXT  sing N N 171 
LEU CB  CG   sing N N 172 
LEU CB  HB2  sing N N 173 
LEU CB  HB3  sing N N 174 
LEU CG  CD1  sing N N 175 
LEU CG  CD2  sing N N 176 
LEU CG  HG   sing N N 177 
LEU CD1 HD11 sing N N 178 
LEU CD1 HD12 sing N N 179 
LEU CD1 HD13 sing N N 180 
LEU CD2 HD21 sing N N 181 
LEU CD2 HD22 sing N N 182 
LEU CD2 HD23 sing N N 183 
LEU OXT HXT  sing N N 184 
LYS N   CA   sing N N 185 
LYS N   H    sing N N 186 
LYS N   H2   sing N N 187 
LYS CA  C    sing N N 188 
LYS CA  CB   sing N N 189 
LYS CA  HA   sing N N 190 
LYS C   O    doub N N 191 
LYS C   OXT  sing N N 192 
LYS CB  CG   sing N N 193 
LYS CB  HB2  sing N N 194 
LYS CB  HB3  sing N N 195 
LYS CG  CD   sing N N 196 
LYS CG  HG2  sing N N 197 
LYS CG  HG3  sing N N 198 
LYS CD  CE   sing N N 199 
LYS CD  HD2  sing N N 200 
LYS CD  HD3  sing N N 201 
LYS CE  NZ   sing N N 202 
LYS CE  HE2  sing N N 203 
LYS CE  HE3  sing N N 204 
LYS NZ  HZ1  sing N N 205 
LYS NZ  HZ2  sing N N 206 
LYS NZ  HZ3  sing N N 207 
LYS OXT HXT  sing N N 208 
MET N   CA   sing N N 209 
MET N   H    sing N N 210 
MET N   H2   sing N N 211 
MET CA  C    sing N N 212 
MET CA  CB   sing N N 213 
MET CA  HA   sing N N 214 
MET C   O    doub N N 215 
MET C   OXT  sing N N 216 
MET CB  CG   sing N N 217 
MET CB  HB2  sing N N 218 
MET CB  HB3  sing N N 219 
MET CG  SD   sing N N 220 
MET CG  HG2  sing N N 221 
MET CG  HG3  sing N N 222 
MET SD  CE   sing N N 223 
MET CE  HE1  sing N N 224 
MET CE  HE2  sing N N 225 
MET CE  HE3  sing N N 226 
MET OXT HXT  sing N N 227 
PHE N   CA   sing N N 228 
PHE N   H    sing N N 229 
PHE N   H2   sing N N 230 
PHE CA  C    sing N N 231 
PHE CA  CB   sing N N 232 
PHE CA  HA   sing N N 233 
PHE C   O    doub N N 234 
PHE C   OXT  sing N N 235 
PHE CB  CG   sing N N 236 
PHE CB  HB2  sing N N 237 
PHE CB  HB3  sing N N 238 
PHE CG  CD1  doub Y N 239 
PHE CG  CD2  sing Y N 240 
PHE CD1 CE1  sing Y N 241 
PHE CD1 HD1  sing N N 242 
PHE CD2 CE2  doub Y N 243 
PHE CD2 HD2  sing N N 244 
PHE CE1 CZ   doub Y N 245 
PHE CE1 HE1  sing N N 246 
PHE CE2 CZ   sing Y N 247 
PHE CE2 HE2  sing N N 248 
PHE CZ  HZ   sing N N 249 
PHE OXT HXT  sing N N 250 
PRO N   CA   sing N N 251 
PRO N   CD   sing N N 252 
PRO N   H    sing N N 253 
PRO CA  C    sing N N 254 
PRO CA  CB   sing N N 255 
PRO CA  HA   sing N N 256 
PRO C   O    doub N N 257 
PRO C   OXT  sing N N 258 
PRO CB  CG   sing N N 259 
PRO CB  HB2  sing N N 260 
PRO CB  HB3  sing N N 261 
PRO CG  CD   sing N N 262 
PRO CG  HG2  sing N N 263 
PRO CG  HG3  sing N N 264 
PRO CD  HD2  sing N N 265 
PRO CD  HD3  sing N N 266 
PRO OXT HXT  sing N N 267 
SER N   CA   sing N N 268 
SER N   H    sing N N 269 
SER N   H2   sing N N 270 
SER CA  C    sing N N 271 
SER CA  CB   sing N N 272 
SER CA  HA   sing N N 273 
SER C   O    doub N N 274 
SER C   OXT  sing N N 275 
SER CB  OG   sing N N 276 
SER CB  HB2  sing N N 277 
SER CB  HB3  sing N N 278 
SER OG  HG   sing N N 279 
SER OXT HXT  sing N N 280 
THR N   CA   sing N N 281 
THR N   H    sing N N 282 
THR N   H2   sing N N 283 
THR CA  C    sing N N 284 
THR CA  CB   sing N N 285 
THR CA  HA   sing N N 286 
THR C   O    doub N N 287 
THR C   OXT  sing N N 288 
THR CB  OG1  sing N N 289 
THR CB  CG2  sing N N 290 
THR CB  HB   sing N N 291 
THR OG1 HG1  sing N N 292 
THR CG2 HG21 sing N N 293 
THR CG2 HG22 sing N N 294 
THR CG2 HG23 sing N N 295 
THR OXT HXT  sing N N 296 
TRP N   CA   sing N N 297 
TRP N   H    sing N N 298 
TRP N   H2   sing N N 299 
TRP CA  C    sing N N 300 
TRP CA  CB   sing N N 301 
TRP CA  HA   sing N N 302 
TRP C   O    doub N N 303 
TRP C   OXT  sing N N 304 
TRP CB  CG   sing N N 305 
TRP CB  HB2  sing N N 306 
TRP CB  HB3  sing N N 307 
TRP CG  CD1  doub Y N 308 
TRP CG  CD2  sing Y N 309 
TRP CD1 NE1  sing Y N 310 
TRP CD1 HD1  sing N N 311 
TRP CD2 CE2  doub Y N 312 
TRP CD2 CE3  sing Y N 313 
TRP NE1 CE2  sing Y N 314 
TRP NE1 HE1  sing N N 315 
TRP CE2 CZ2  sing Y N 316 
TRP CE3 CZ3  doub Y N 317 
TRP CE3 HE3  sing N N 318 
TRP CZ2 CH2  doub Y N 319 
TRP CZ2 HZ2  sing N N 320 
TRP CZ3 CH2  sing Y N 321 
TRP CZ3 HZ3  sing N N 322 
TRP CH2 HH2  sing N N 323 
TRP OXT HXT  sing N N 324 
TYR N   CA   sing N N 325 
TYR N   H    sing N N 326 
TYR N   H2   sing N N 327 
TYR CA  C    sing N N 328 
TYR CA  CB   sing N N 329 
TYR CA  HA   sing N N 330 
TYR C   O    doub N N 331 
TYR C   OXT  sing N N 332 
TYR CB  CG   sing N N 333 
TYR CB  HB2  sing N N 334 
TYR CB  HB3  sing N N 335 
TYR CG  CD1  doub Y N 336 
TYR CG  CD2  sing Y N 337 
TYR CD1 CE1  sing Y N 338 
TYR CD1 HD1  sing N N 339 
TYR CD2 CE2  doub Y N 340 
TYR CD2 HD2  sing N N 341 
TYR CE1 CZ   doub Y N 342 
TYR CE1 HE1  sing N N 343 
TYR CE2 CZ   sing Y N 344 
TYR CE2 HE2  sing N N 345 
TYR CZ  OH   sing N N 346 
TYR OH  HH   sing N N 347 
TYR OXT HXT  sing N N 348 
VAL N   CA   sing N N 349 
VAL N   H    sing N N 350 
VAL N   H2   sing N N 351 
VAL CA  C    sing N N 352 
VAL CA  CB   sing N N 353 
VAL CA  HA   sing N N 354 
VAL C   O    doub N N 355 
VAL C   OXT  sing N N 356 
VAL CB  CG1  sing N N 357 
VAL CB  CG2  sing N N 358 
VAL CB  HB   sing N N 359 
VAL CG1 HG11 sing N N 360 
VAL CG1 HG12 sing N N 361 
VAL CG1 HG13 sing N N 362 
VAL CG2 HG21 sing N N 363 
VAL CG2 HG22 sing N N 364 
VAL CG2 HG23 sing N N 365 
VAL OXT HXT  sing N N 366 
# 
loop_
_pdbx_entity_nonpoly.entity_id 
_pdbx_entity_nonpoly.name 
_pdbx_entity_nonpoly.comp_id 
2 'FORMIC ACID' FMT 
3 water         HOH 
# 
_pdbx_initial_refinement_model.id               1 
_pdbx_initial_refinement_model.entity_id_list   ? 
_pdbx_initial_refinement_model.type             'experimental model' 
_pdbx_initial_refinement_model.source_name      PDB 
_pdbx_initial_refinement_model.accession_code   1LKY 
_pdbx_initial_refinement_model.details          ? 
# 
_pdbx_struct_assembly_auth_evidence.id                     1 
_pdbx_struct_assembly_auth_evidence.assembly_id            1 
_pdbx_struct_assembly_auth_evidence.experimental_support   none 
_pdbx_struct_assembly_auth_evidence.details                ? 
# 
_space_group.name_H-M_alt     'P 65 2 2' 
_space_group.name_Hall        'P 65 2 (x,y,z+1/12)' 
_space_group.IT_number        179 
_space_group.crystal_system   hexagonal 
_space_group.id               1 
# 
